data_2JSX
#
_entry.id   2JSX
#
_entity_poly.entity_id   1
_entity_poly.type   'polypeptide(L)'
_entity_poly.pdbx_seq_one_letter_code
;MHTNWQVCSLVVQAKSERISDISTQLNAFPGCEVAVSDAPSGQLIVVVEAEDSETLIQTIESVRNVEGVLAVSLVYHQQE
EQGEETPRSHHHHHH
;
_entity_poly.pdbx_strand_id   A
#
# COMPACT_ATOMS: atom_id res chain seq x y z
N MET A 1 -12.39 20.06 -4.78
CA MET A 1 -11.19 20.48 -5.49
C MET A 1 -10.27 19.29 -5.68
N HIS A 2 -9.33 19.41 -6.57
CA HIS A 2 -8.32 18.41 -6.75
C HIS A 2 -7.19 18.77 -5.79
N THR A 3 -7.08 18.00 -4.76
CA THR A 3 -6.06 18.19 -3.77
C THR A 3 -4.77 17.52 -4.20
N ASN A 4 -3.67 17.89 -3.57
CA ASN A 4 -2.40 17.28 -3.87
C ASN A 4 -2.34 15.93 -3.19
N TRP A 5 -2.80 14.97 -3.92
CA TRP A 5 -2.91 13.61 -3.49
C TRP A 5 -1.62 12.85 -3.69
N GLN A 6 -1.52 11.74 -3.08
CA GLN A 6 -0.37 10.92 -3.21
C GLN A 6 -0.73 9.52 -3.60
N VAL A 7 0.08 8.95 -4.44
CA VAL A 7 -0.08 7.59 -4.86
C VAL A 7 0.91 6.77 -4.05
N CYS A 8 0.59 5.56 -3.74
CA CYS A 8 1.49 4.72 -3.01
C CYS A 8 1.42 3.30 -3.51
N SER A 9 2.58 2.73 -3.76
CA SER A 9 2.68 1.36 -4.15
C SER A 9 2.70 0.48 -2.90
N LEU A 10 2.09 -0.64 -3.01
CA LEU A 10 2.00 -1.60 -1.97
C LEU A 10 2.56 -2.89 -2.45
N VAL A 11 3.50 -3.41 -1.74
CA VAL A 11 4.01 -4.71 -2.02
C VAL A 11 3.27 -5.66 -1.12
N VAL A 12 2.32 -6.31 -1.68
CA VAL A 12 1.48 -7.20 -0.95
C VAL A 12 1.99 -8.61 -1.05
N GLN A 13 2.39 -9.15 0.06
CA GLN A 13 2.78 -10.53 0.14
C GLN A 13 1.54 -11.28 0.55
N ALA A 14 1.09 -12.14 -0.29
CA ALA A 14 -0.12 -12.85 -0.06
C ALA A 14 0.04 -14.31 -0.42
N LYS A 15 -0.97 -15.14 -0.09
CA LYS A 15 -0.97 -16.55 -0.49
C LYS A 15 -0.82 -16.66 -1.99
N SER A 16 0.30 -17.21 -2.42
CA SER A 16 0.65 -17.37 -3.82
C SER A 16 -0.42 -18.19 -4.58
N GLU A 17 -1.11 -19.05 -3.86
CA GLU A 17 -2.17 -19.88 -4.40
C GLU A 17 -3.48 -19.07 -4.60
N ARG A 18 -3.66 -18.06 -3.78
CA ARG A 18 -4.92 -17.35 -3.69
C ARG A 18 -4.82 -15.99 -4.38
N ILE A 19 -3.74 -15.82 -5.13
CA ILE A 19 -3.42 -14.57 -5.78
C ILE A 19 -4.54 -14.05 -6.69
N SER A 20 -5.20 -14.94 -7.41
CA SER A 20 -6.24 -14.54 -8.34
C SER A 20 -7.43 -13.91 -7.60
N ASP A 21 -7.82 -14.52 -6.50
CA ASP A 21 -8.95 -14.01 -5.69
C ASP A 21 -8.60 -12.66 -5.10
N ILE A 22 -7.44 -12.60 -4.50
CA ILE A 22 -6.95 -11.41 -3.81
C ILE A 22 -6.81 -10.22 -4.77
N SER A 23 -6.14 -10.44 -5.90
CA SER A 23 -5.91 -9.38 -6.88
C SER A 23 -7.23 -8.81 -7.41
N THR A 24 -8.15 -9.69 -7.76
CA THR A 24 -9.46 -9.31 -8.25
C THR A 24 -10.18 -8.42 -7.22
N GLN A 25 -10.19 -8.87 -5.97
CA GLN A 25 -10.82 -8.17 -4.90
C GLN A 25 -10.16 -6.81 -4.65
N LEU A 26 -8.83 -6.77 -4.60
CA LEU A 26 -8.09 -5.56 -4.31
C LEU A 26 -8.23 -4.52 -5.41
N ASN A 27 -8.35 -4.96 -6.63
CA ASN A 27 -8.49 -4.04 -7.76
C ASN A 27 -9.91 -3.46 -7.79
N ALA A 28 -10.77 -3.99 -6.95
CA ALA A 28 -12.13 -3.53 -6.83
C ALA A 28 -12.25 -2.53 -5.67
N PHE A 29 -11.11 -2.16 -5.09
CA PHE A 29 -11.06 -1.17 -4.05
C PHE A 29 -10.96 0.22 -4.67
N PRO A 30 -11.40 1.26 -3.95
CA PRO A 30 -11.42 2.61 -4.48
C PRO A 30 -10.02 3.23 -4.51
N GLY A 31 -9.50 3.44 -5.70
CA GLY A 31 -8.21 4.03 -5.83
C GLY A 31 -7.10 3.00 -5.87
N CYS A 32 -7.46 1.74 -5.79
CA CYS A 32 -6.49 0.68 -5.81
C CYS A 32 -6.45 0.00 -7.17
N GLU A 33 -5.28 -0.03 -7.76
CA GLU A 33 -5.05 -0.70 -9.03
C GLU A 33 -3.91 -1.70 -8.87
N VAL A 34 -4.11 -2.90 -9.37
CA VAL A 34 -3.08 -3.91 -9.31
C VAL A 34 -2.15 -3.70 -10.49
N ALA A 35 -0.97 -3.24 -10.22
CA ALA A 35 -0.02 -2.92 -11.25
C ALA A 35 0.73 -4.17 -11.66
N VAL A 36 1.32 -4.84 -10.70
CA VAL A 36 2.12 -6.01 -10.97
C VAL A 36 1.57 -7.19 -10.18
N SER A 37 1.53 -8.34 -10.77
CA SER A 37 1.04 -9.52 -10.12
C SER A 37 1.94 -10.73 -10.37
N ASP A 38 2.73 -11.08 -9.38
CA ASP A 38 3.62 -12.23 -9.47
C ASP A 38 3.08 -13.33 -8.60
N ALA A 39 2.31 -14.20 -9.21
CA ALA A 39 1.66 -15.32 -8.54
C ALA A 39 2.66 -16.29 -7.86
N PRO A 40 3.80 -16.68 -8.52
CA PRO A 40 4.80 -17.60 -7.94
C PRO A 40 5.31 -17.16 -6.56
N SER A 41 5.62 -15.88 -6.38
CA SER A 41 6.11 -15.40 -5.09
C SER A 41 4.95 -15.00 -4.20
N GLY A 42 3.84 -14.63 -4.82
CA GLY A 42 2.70 -14.19 -4.07
C GLY A 42 2.73 -12.70 -3.86
N GLN A 43 3.41 -12.03 -4.78
CA GLN A 43 3.59 -10.60 -4.68
C GLN A 43 2.62 -9.87 -5.58
N LEU A 44 1.90 -8.97 -4.99
CA LEU A 44 0.99 -8.13 -5.70
C LEU A 44 1.37 -6.69 -5.46
N ILE A 45 1.60 -5.97 -6.51
CA ILE A 45 1.88 -4.58 -6.41
C ILE A 45 0.60 -3.84 -6.66
N VAL A 46 0.15 -3.12 -5.68
CA VAL A 46 -1.08 -2.40 -5.77
C VAL A 46 -0.78 -0.94 -5.56
N VAL A 47 -1.21 -0.13 -6.47
CA VAL A 47 -1.00 1.29 -6.38
C VAL A 47 -2.28 1.92 -5.95
N VAL A 48 -2.22 2.63 -4.87
CA VAL A 48 -3.39 3.29 -4.34
C VAL A 48 -3.20 4.79 -4.43
N GLU A 49 -4.17 5.47 -4.99
CA GLU A 49 -4.14 6.91 -5.07
C GLU A 49 -5.35 7.50 -4.36
N ALA A 50 -5.09 8.35 -3.39
CA ALA A 50 -6.15 8.93 -2.61
C ALA A 50 -5.88 10.39 -2.31
N GLU A 51 -6.94 11.15 -2.23
CA GLU A 51 -6.95 12.60 -2.02
C GLU A 51 -6.09 13.05 -0.84
N ASP A 52 -6.44 12.59 0.32
CA ASP A 52 -5.74 13.00 1.54
C ASP A 52 -4.97 11.81 2.06
N SER A 53 -3.92 12.07 2.81
CA SER A 53 -3.09 11.04 3.39
C SER A 53 -3.90 10.09 4.27
N GLU A 54 -4.89 10.62 4.95
CA GLU A 54 -5.74 9.84 5.83
C GLU A 54 -6.69 8.97 5.01
N THR A 55 -7.19 9.51 3.88
CA THR A 55 -8.08 8.78 3.00
C THR A 55 -7.33 7.56 2.44
N LEU A 56 -6.04 7.78 2.21
CA LEU A 56 -5.14 6.75 1.75
C LEU A 56 -5.05 5.65 2.79
N ILE A 57 -4.86 6.05 4.06
CA ILE A 57 -4.73 5.12 5.18
C ILE A 57 -6.01 4.27 5.30
N GLN A 58 -7.17 4.94 5.22
CA GLN A 58 -8.49 4.27 5.28
C GLN A 58 -8.59 3.17 4.23
N THR A 59 -8.09 3.47 3.04
CA THR A 59 -8.15 2.56 1.94
C THR A 59 -7.12 1.40 2.14
N ILE A 60 -5.88 1.75 2.47
CA ILE A 60 -4.80 0.78 2.65
C ILE A 60 -5.08 -0.19 3.81
N GLU A 61 -5.68 0.32 4.88
CA GLU A 61 -6.02 -0.51 6.03
C GLU A 61 -7.03 -1.58 5.61
N SER A 62 -7.94 -1.21 4.72
CA SER A 62 -8.94 -2.13 4.24
C SER A 62 -8.26 -3.23 3.40
N VAL A 63 -7.25 -2.83 2.62
CA VAL A 63 -6.46 -3.76 1.82
C VAL A 63 -5.81 -4.82 2.74
N ARG A 64 -5.34 -4.38 3.89
CA ARG A 64 -4.67 -5.25 4.87
C ARG A 64 -5.67 -6.12 5.63
N ASN A 65 -6.95 -5.85 5.46
CA ASN A 65 -8.00 -6.60 6.14
C ASN A 65 -8.54 -7.76 5.32
N VAL A 66 -7.95 -7.99 4.17
CA VAL A 66 -8.36 -9.11 3.34
C VAL A 66 -7.69 -10.37 3.73
N GLU A 67 -8.46 -11.42 3.79
CA GLU A 67 -7.91 -12.69 3.96
C GLU A 67 -7.21 -13.12 2.70
N GLY A 68 -5.97 -13.31 2.84
CA GLY A 68 -5.14 -13.76 1.79
C GLY A 68 -3.85 -13.04 1.85
N VAL A 69 -3.93 -11.84 2.34
CA VAL A 69 -2.78 -11.00 2.48
C VAL A 69 -2.04 -11.38 3.75
N LEU A 70 -0.76 -11.56 3.63
CA LEU A 70 0.08 -11.96 4.73
C LEU A 70 0.73 -10.72 5.28
N ALA A 71 1.38 -9.97 4.42
CA ALA A 71 2.03 -8.75 4.81
C ALA A 71 1.89 -7.72 3.71
N VAL A 72 1.55 -6.52 4.09
CA VAL A 72 1.53 -5.42 3.15
C VAL A 72 2.69 -4.49 3.45
N SER A 73 3.61 -4.46 2.57
CA SER A 73 4.73 -3.61 2.67
C SER A 73 4.43 -2.31 1.93
N LEU A 74 4.22 -1.26 2.67
CA LEU A 74 3.90 0.01 2.10
C LEU A 74 5.19 0.67 1.62
N VAL A 75 5.23 0.99 0.34
CA VAL A 75 6.40 1.61 -0.29
C VAL A 75 6.62 3.04 0.23
N TYR A 76 5.59 3.61 0.76
CA TYR A 76 5.68 4.93 1.31
C TYR A 76 5.28 4.88 2.75
N HIS A 77 6.23 4.96 3.62
CA HIS A 77 5.97 4.86 5.03
C HIS A 77 6.64 5.99 5.77
N GLN A 78 6.01 6.41 6.83
CA GLN A 78 6.54 7.43 7.69
C GLN A 78 6.84 6.78 9.03
N GLN A 79 7.30 7.56 9.95
CA GLN A 79 7.52 7.10 11.31
C GLN A 79 6.18 7.07 12.04
N GLU A 80 6.17 6.62 13.26
CA GLU A 80 4.97 6.69 14.03
C GLU A 80 4.80 8.14 14.47
N GLU A 81 3.59 8.53 14.78
CA GLU A 81 3.31 9.89 15.21
C GLU A 81 4.11 10.19 16.47
N GLN A 82 4.11 9.21 17.38
CA GLN A 82 4.88 9.22 18.65
C GLN A 82 4.32 10.24 19.65
N GLY A 83 4.14 11.45 19.23
CA GLY A 83 3.66 12.48 20.08
C GLY A 83 4.74 13.50 20.27
N GLU A 84 4.39 14.74 20.14
CA GLU A 84 5.35 15.78 20.31
C GLU A 84 5.32 16.23 21.77
N GLU A 85 6.47 16.14 22.42
CA GLU A 85 6.58 16.41 23.85
C GLU A 85 6.46 17.89 24.15
N THR A 86 6.73 18.70 23.16
CA THR A 86 6.60 20.13 23.25
C THR A 86 6.03 20.62 21.92
N PRO A 87 4.77 21.09 21.92
CA PRO A 87 4.08 21.45 20.67
C PRO A 87 4.70 22.64 19.96
N ARG A 88 4.38 22.75 18.73
CA ARG A 88 4.88 23.80 17.90
C ARG A 88 3.85 24.93 17.83
N SER A 89 4.05 25.87 16.93
CA SER A 89 3.16 26.97 16.78
C SER A 89 1.87 26.57 16.07
N HIS A 90 0.77 26.85 16.68
CA HIS A 90 -0.55 26.62 16.13
C HIS A 90 -1.13 27.97 15.80
N HIS A 91 -1.87 28.05 14.72
CA HIS A 91 -2.42 29.32 14.28
C HIS A 91 -3.92 29.20 14.08
N HIS A 92 -4.57 28.56 15.02
CA HIS A 92 -6.00 28.41 14.96
C HIS A 92 -6.59 29.61 15.66
N HIS A 93 -6.89 30.64 14.93
CA HIS A 93 -7.39 31.85 15.53
C HIS A 93 -8.84 32.08 15.19
N HIS A 94 -9.61 32.36 16.22
CA HIS A 94 -11.02 32.66 16.06
C HIS A 94 -11.19 34.12 15.70
N HIS A 95 -10.22 34.88 16.06
CA HIS A 95 -10.17 36.27 15.76
C HIS A 95 -8.76 36.56 15.35
N MET A 1 -0.74 18.78 -1.18
CA MET A 1 -1.34 19.58 -2.24
C MET A 1 -2.81 19.25 -2.35
N HIS A 2 -3.50 20.00 -3.18
CA HIS A 2 -4.92 19.77 -3.39
C HIS A 2 -5.09 19.31 -4.81
N THR A 3 -6.09 18.47 -5.04
CA THR A 3 -6.44 17.93 -6.36
C THR A 3 -5.44 16.85 -6.84
N ASN A 4 -4.16 17.13 -6.71
CA ASN A 4 -3.14 16.17 -7.05
C ASN A 4 -3.04 15.15 -5.97
N TRP A 5 -3.60 14.02 -6.24
CA TRP A 5 -3.58 12.87 -5.37
C TRP A 5 -2.16 12.36 -5.16
N GLN A 6 -2.02 11.49 -4.23
CA GLN A 6 -0.77 10.87 -3.91
C GLN A 6 -0.90 9.37 -4.00
N VAL A 7 0.13 8.73 -4.47
CA VAL A 7 0.10 7.31 -4.68
C VAL A 7 0.87 6.57 -3.60
N CYS A 8 0.48 5.37 -3.38
CA CYS A 8 1.19 4.48 -2.52
C CYS A 8 1.20 3.12 -3.16
N SER A 9 2.34 2.52 -3.20
CA SER A 9 2.47 1.19 -3.69
C SER A 9 2.42 0.26 -2.49
N LEU A 10 1.59 -0.71 -2.59
CA LEU A 10 1.44 -1.67 -1.56
C LEU A 10 1.97 -2.98 -2.03
N VAL A 11 2.93 -3.46 -1.33
CA VAL A 11 3.52 -4.71 -1.61
C VAL A 11 2.78 -5.78 -0.83
N VAL A 12 1.94 -6.47 -1.53
CA VAL A 12 1.11 -7.49 -0.96
C VAL A 12 1.72 -8.86 -1.21
N GLN A 13 2.33 -9.41 -0.20
CA GLN A 13 2.88 -10.74 -0.27
C GLN A 13 1.82 -11.67 0.32
N ALA A 14 1.19 -12.44 -0.53
CA ALA A 14 0.04 -13.25 -0.13
C ALA A 14 0.16 -14.66 -0.69
N LYS A 15 -0.76 -15.55 -0.27
CA LYS A 15 -0.79 -16.94 -0.75
C LYS A 15 -0.83 -17.01 -2.27
N SER A 16 0.10 -17.73 -2.85
CA SER A 16 0.28 -17.84 -4.29
C SER A 16 -0.96 -18.46 -4.98
N GLU A 17 -1.57 -19.45 -4.34
CA GLU A 17 -2.73 -20.10 -4.95
C GLU A 17 -4.01 -19.26 -4.74
N ARG A 18 -3.91 -18.24 -3.90
CA ARG A 18 -5.07 -17.42 -3.58
C ARG A 18 -4.94 -16.06 -4.27
N ILE A 19 -3.89 -15.93 -5.07
CA ILE A 19 -3.57 -14.69 -5.77
C ILE A 19 -4.70 -14.21 -6.68
N SER A 20 -5.37 -15.10 -7.39
CA SER A 20 -6.43 -14.73 -8.33
C SER A 20 -7.61 -14.09 -7.57
N ASP A 21 -7.95 -14.67 -6.42
CA ASP A 21 -9.02 -14.16 -5.56
C ASP A 21 -8.64 -12.80 -5.02
N ILE A 22 -7.44 -12.72 -4.46
CA ILE A 22 -6.95 -11.52 -3.85
C ILE A 22 -6.79 -10.37 -4.87
N SER A 23 -6.31 -10.68 -6.08
CA SER A 23 -6.11 -9.64 -7.12
C SER A 23 -7.43 -8.96 -7.47
N THR A 24 -8.50 -9.70 -7.44
CA THR A 24 -9.79 -9.20 -7.84
C THR A 24 -10.34 -8.33 -6.71
N GLN A 25 -10.07 -8.78 -5.51
CA GLN A 25 -10.43 -8.13 -4.32
C GLN A 25 -9.71 -6.79 -4.17
N LEU A 26 -8.40 -6.79 -4.41
CA LEU A 26 -7.59 -5.61 -4.33
C LEU A 26 -7.99 -4.59 -5.40
N ASN A 27 -8.35 -5.10 -6.57
CA ASN A 27 -8.77 -4.30 -7.70
C ASN A 27 -10.12 -3.61 -7.43
N ALA A 28 -10.90 -4.22 -6.57
CA ALA A 28 -12.26 -3.75 -6.27
C ALA A 28 -12.25 -2.50 -5.39
N PHE A 29 -11.13 -2.17 -4.81
CA PHE A 29 -11.05 -1.05 -3.95
C PHE A 29 -10.95 0.26 -4.75
N PRO A 30 -11.46 1.36 -4.18
CA PRO A 30 -11.43 2.69 -4.82
C PRO A 30 -10.00 3.19 -4.99
N GLY A 31 -9.60 3.37 -6.23
CA GLY A 31 -8.30 3.92 -6.54
C GLY A 31 -7.18 2.92 -6.38
N CYS A 32 -7.50 1.70 -6.03
CA CYS A 32 -6.53 0.69 -5.80
C CYS A 32 -6.50 -0.25 -6.98
N GLU A 33 -5.44 -0.25 -7.72
CA GLU A 33 -5.33 -1.16 -8.83
C GLU A 33 -4.08 -1.99 -8.70
N VAL A 34 -4.17 -3.26 -9.02
CA VAL A 34 -3.05 -4.15 -8.98
C VAL A 34 -2.22 -3.92 -10.24
N ALA A 35 -1.06 -3.37 -10.08
CA ALA A 35 -0.23 -3.02 -11.21
C ALA A 35 0.65 -4.18 -11.64
N VAL A 36 1.46 -4.64 -10.72
CA VAL A 36 2.40 -5.71 -11.00
C VAL A 36 1.99 -6.95 -10.25
N SER A 37 1.67 -7.99 -10.96
CA SER A 37 1.27 -9.22 -10.35
C SER A 37 2.35 -10.29 -10.57
N ASP A 38 2.91 -10.77 -9.49
CA ASP A 38 3.92 -11.81 -9.54
C ASP A 38 3.42 -12.99 -8.74
N ALA A 39 2.71 -13.87 -9.41
CA ALA A 39 2.14 -15.08 -8.80
C ALA A 39 3.21 -16.04 -8.19
N PRO A 40 4.41 -16.26 -8.86
CA PRO A 40 5.50 -17.12 -8.34
C PRO A 40 5.92 -16.74 -6.91
N SER A 41 6.08 -15.46 -6.63
CA SER A 41 6.47 -15.03 -5.31
C SER A 41 5.22 -14.80 -4.44
N GLY A 42 4.12 -14.51 -5.10
CA GLY A 42 2.89 -14.25 -4.40
C GLY A 42 2.75 -12.78 -4.07
N GLN A 43 3.41 -11.96 -4.84
CA GLN A 43 3.40 -10.55 -4.61
C GLN A 43 2.57 -9.80 -5.61
N LEU A 44 1.68 -9.01 -5.10
CA LEU A 44 0.86 -8.15 -5.88
C LEU A 44 1.17 -6.72 -5.50
N ILE A 45 1.54 -5.95 -6.46
CA ILE A 45 1.81 -4.55 -6.24
C ILE A 45 0.54 -3.78 -6.50
N VAL A 46 0.05 -3.12 -5.51
CA VAL A 46 -1.17 -2.37 -5.64
C VAL A 46 -0.85 -0.89 -5.59
N VAL A 47 -1.24 -0.18 -6.60
CA VAL A 47 -1.03 1.23 -6.64
C VAL A 47 -2.34 1.91 -6.35
N VAL A 48 -2.35 2.66 -5.28
CA VAL A 48 -3.52 3.36 -4.82
C VAL A 48 -3.24 4.85 -4.91
N GLU A 49 -4.15 5.61 -5.46
CA GLU A 49 -4.00 7.04 -5.41
C GLU A 49 -5.16 7.67 -4.66
N ALA A 50 -4.85 8.38 -3.62
CA ALA A 50 -5.87 9.00 -2.82
C ALA A 50 -5.57 10.46 -2.65
N GLU A 51 -6.59 11.22 -2.33
CA GLU A 51 -6.49 12.66 -2.17
C GLU A 51 -5.62 13.02 -0.95
N ASP A 52 -6.17 12.84 0.22
CA ASP A 52 -5.49 13.20 1.45
C ASP A 52 -4.79 12.00 2.01
N SER A 53 -3.81 12.25 2.84
CA SER A 53 -2.98 11.19 3.40
C SER A 53 -3.77 10.27 4.32
N GLU A 54 -4.64 10.85 5.14
CA GLU A 54 -5.44 10.07 6.05
C GLU A 54 -6.52 9.28 5.30
N THR A 55 -7.00 9.86 4.21
CA THR A 55 -7.95 9.22 3.33
C THR A 55 -7.27 7.98 2.70
N LEU A 56 -5.99 8.16 2.37
CA LEU A 56 -5.15 7.11 1.84
C LEU A 56 -5.04 5.98 2.87
N ILE A 57 -4.76 6.35 4.11
CA ILE A 57 -4.64 5.39 5.22
C ILE A 57 -5.92 4.56 5.37
N GLN A 58 -7.06 5.24 5.38
CA GLN A 58 -8.38 4.57 5.49
C GLN A 58 -8.55 3.53 4.39
N THR A 59 -8.13 3.90 3.21
CA THR A 59 -8.20 3.04 2.06
C THR A 59 -7.25 1.84 2.25
N ILE A 60 -6.02 2.11 2.66
CA ILE A 60 -5.00 1.08 2.89
C ILE A 60 -5.47 0.06 3.93
N GLU A 61 -6.16 0.53 4.97
CA GLU A 61 -6.71 -0.35 5.99
C GLU A 61 -7.70 -1.32 5.39
N SER A 62 -8.62 -0.80 4.57
CA SER A 62 -9.63 -1.63 3.95
C SER A 62 -8.99 -2.64 2.99
N VAL A 63 -7.91 -2.22 2.31
CA VAL A 63 -7.15 -3.11 1.42
C VAL A 63 -6.55 -4.28 2.21
N ARG A 64 -6.08 -3.99 3.41
CA ARG A 64 -5.47 -4.98 4.28
C ARG A 64 -6.52 -5.90 4.90
N ASN A 65 -7.78 -5.56 4.73
CA ASN A 65 -8.89 -6.37 5.24
C ASN A 65 -9.07 -7.64 4.44
N VAL A 66 -8.33 -7.78 3.36
CA VAL A 66 -8.30 -9.02 2.62
C VAL A 66 -7.27 -9.91 3.29
N GLU A 67 -7.74 -10.82 4.09
CA GLU A 67 -6.89 -11.58 4.93
C GLU A 67 -6.39 -12.85 4.29
N GLY A 68 -5.58 -12.64 3.29
CA GLY A 68 -4.87 -13.70 2.65
C GLY A 68 -3.45 -13.28 2.44
N VAL A 69 -3.14 -12.12 3.00
CA VAL A 69 -1.84 -11.50 2.87
C VAL A 69 -0.98 -11.88 4.06
N LEU A 70 0.25 -12.22 3.79
CA LEU A 70 1.19 -12.61 4.82
C LEU A 70 1.92 -11.38 5.30
N ALA A 71 2.53 -10.70 4.37
CA ALA A 71 3.27 -9.53 4.66
C ALA A 71 2.79 -8.42 3.78
N VAL A 72 2.25 -7.39 4.38
CA VAL A 72 1.83 -6.25 3.62
C VAL A 72 2.77 -5.09 3.93
N SER A 73 3.54 -4.76 2.95
CA SER A 73 4.52 -3.75 3.07
C SER A 73 4.10 -2.49 2.34
N LEU A 74 3.92 -1.44 3.10
CA LEU A 74 3.57 -0.16 2.54
C LEU A 74 4.87 0.47 2.08
N VAL A 75 4.94 0.85 0.81
CA VAL A 75 6.17 1.38 0.20
C VAL A 75 6.63 2.70 0.85
N TYR A 76 5.72 3.33 1.54
CA TYR A 76 5.95 4.62 2.10
C TYR A 76 6.06 4.49 3.63
N HIS A 77 6.41 3.30 4.06
CA HIS A 77 6.65 3.04 5.45
C HIS A 77 7.88 2.16 5.55
N GLN A 78 8.93 2.71 6.06
CA GLN A 78 10.16 1.99 6.16
C GLN A 78 10.26 1.28 7.49
N GLN A 79 9.90 0.00 7.49
CA GLN A 79 10.00 -0.81 8.68
C GLN A 79 11.45 -1.15 8.88
N GLU A 80 12.07 -1.63 7.79
CA GLU A 80 13.49 -1.95 7.74
C GLU A 80 13.82 -3.06 8.76
N GLU A 81 15.10 -3.22 9.03
CA GLU A 81 15.54 -4.16 10.03
C GLU A 81 15.24 -3.63 11.43
N GLN A 82 15.14 -2.31 11.52
CA GLN A 82 15.00 -1.63 12.78
C GLN A 82 13.59 -1.79 13.36
N GLY A 83 13.51 -2.47 14.47
CA GLY A 83 12.28 -2.66 15.16
C GLY A 83 12.26 -1.82 16.40
N GLU A 84 11.10 -1.29 16.75
CA GLU A 84 10.96 -0.42 17.91
C GLU A 84 11.24 -1.22 19.19
N GLU A 85 10.30 -2.05 19.52
CA GLU A 85 10.34 -2.92 20.65
C GLU A 85 9.58 -4.15 20.27
N THR A 86 10.29 -5.17 19.96
CA THR A 86 9.73 -6.33 19.40
C THR A 86 9.81 -7.47 20.41
N PRO A 87 8.65 -7.88 20.95
CA PRO A 87 8.56 -8.89 22.01
C PRO A 87 8.69 -10.32 21.48
N ARG A 88 9.53 -10.49 20.50
CA ARG A 88 9.76 -11.79 19.88
C ARG A 88 11.14 -12.28 20.29
N SER A 89 11.62 -11.75 21.37
CA SER A 89 12.89 -12.10 21.94
C SER A 89 12.68 -12.51 23.40
N HIS A 90 13.70 -13.03 24.03
CA HIS A 90 13.62 -13.39 25.42
C HIS A 90 14.07 -12.20 26.24
N HIS A 91 13.12 -11.42 26.65
CA HIS A 91 13.40 -10.25 27.43
C HIS A 91 13.51 -10.67 28.87
N HIS A 92 12.44 -11.30 29.36
CA HIS A 92 12.36 -11.79 30.72
C HIS A 92 11.05 -12.53 30.94
N HIS A 93 11.05 -13.47 31.85
CA HIS A 93 9.83 -14.15 32.26
C HIS A 93 9.37 -13.57 33.59
N HIS A 94 10.14 -12.59 34.05
CA HIS A 94 9.95 -11.85 35.29
C HIS A 94 10.40 -12.70 36.48
N HIS A 95 11.65 -12.50 36.83
CA HIS A 95 12.31 -13.19 37.90
C HIS A 95 13.44 -12.29 38.36
N MET A 1 -5.48 23.71 -4.49
CA MET A 1 -5.98 23.32 -5.81
C MET A 1 -5.30 22.03 -6.26
N HIS A 2 -3.99 22.04 -6.32
CA HIS A 2 -3.24 20.85 -6.59
C HIS A 2 -2.58 20.42 -5.32
N THR A 3 -3.23 19.53 -4.64
CA THR A 3 -2.84 19.06 -3.34
C THR A 3 -1.63 18.13 -3.44
N ASN A 4 -1.49 17.54 -4.61
CA ASN A 4 -0.51 16.50 -4.89
C ASN A 4 -0.78 15.30 -4.03
N TRP A 5 -1.63 14.46 -4.57
CA TRP A 5 -2.09 13.26 -3.93
C TRP A 5 -0.99 12.26 -3.64
N GLN A 6 -1.23 11.43 -2.67
CA GLN A 6 -0.27 10.47 -2.26
C GLN A 6 -0.47 9.22 -3.10
N VAL A 7 0.55 8.85 -3.81
CA VAL A 7 0.55 7.66 -4.61
C VAL A 7 1.65 6.75 -4.12
N CYS A 8 1.27 5.63 -3.57
CA CYS A 8 2.23 4.74 -2.99
C CYS A 8 2.01 3.34 -3.53
N SER A 9 3.06 2.59 -3.59
CA SER A 9 3.00 1.25 -4.04
C SER A 9 2.93 0.35 -2.83
N LEU A 10 2.15 -0.66 -2.91
CA LEU A 10 2.05 -1.62 -1.88
C LEU A 10 2.53 -2.93 -2.39
N VAL A 11 3.49 -3.48 -1.73
CA VAL A 11 3.95 -4.79 -2.07
C VAL A 11 3.22 -5.74 -1.16
N VAL A 12 2.23 -6.36 -1.69
CA VAL A 12 1.44 -7.25 -0.95
C VAL A 12 1.96 -8.66 -1.14
N GLN A 13 2.59 -9.17 -0.13
CA GLN A 13 3.02 -10.54 -0.11
C GLN A 13 1.81 -11.31 0.36
N ALA A 14 1.31 -12.18 -0.45
CA ALA A 14 0.08 -12.86 -0.13
C ALA A 14 0.15 -14.31 -0.52
N LYS A 15 -0.86 -15.08 -0.06
CA LYS A 15 -1.00 -16.48 -0.44
C LYS A 15 -1.08 -16.56 -1.95
N SER A 16 -0.09 -17.19 -2.54
CA SER A 16 0.03 -17.28 -3.96
C SER A 16 -1.16 -18.04 -4.59
N GLU A 17 -1.76 -18.94 -3.83
CA GLU A 17 -2.90 -19.71 -4.30
C GLU A 17 -4.18 -18.85 -4.24
N ARG A 18 -4.16 -17.85 -3.39
CA ARG A 18 -5.32 -17.04 -3.16
C ARG A 18 -5.17 -15.70 -3.86
N ILE A 19 -4.11 -15.57 -4.65
CA ILE A 19 -3.86 -14.35 -5.40
C ILE A 19 -5.02 -14.01 -6.33
N SER A 20 -5.61 -15.03 -6.92
CA SER A 20 -6.76 -14.89 -7.82
C SER A 20 -7.91 -14.14 -7.09
N ASP A 21 -8.08 -14.44 -5.82
CA ASP A 21 -9.11 -13.85 -4.99
C ASP A 21 -8.67 -12.46 -4.57
N ILE A 22 -7.52 -12.41 -3.94
CA ILE A 22 -6.96 -11.19 -3.36
C ILE A 22 -6.74 -10.08 -4.39
N SER A 23 -6.18 -10.41 -5.54
CA SER A 23 -5.89 -9.41 -6.56
C SER A 23 -7.21 -8.80 -7.10
N THR A 24 -8.27 -9.59 -7.09
CA THR A 24 -9.55 -9.13 -7.61
C THR A 24 -10.18 -8.20 -6.58
N GLN A 25 -9.97 -8.57 -5.34
CA GLN A 25 -10.44 -7.84 -4.21
C GLN A 25 -9.69 -6.52 -4.00
N LEU A 26 -8.37 -6.54 -4.11
CA LEU A 26 -7.57 -5.36 -3.95
C LEU A 26 -7.84 -4.38 -5.06
N ASN A 27 -8.01 -4.90 -6.26
CA ASN A 27 -8.23 -4.08 -7.44
C ASN A 27 -9.67 -3.58 -7.49
N ALA A 28 -10.48 -3.99 -6.53
CA ALA A 28 -11.87 -3.60 -6.50
C ALA A 28 -12.09 -2.30 -5.73
N PHE A 29 -11.13 -1.90 -4.92
CA PHE A 29 -11.27 -0.71 -4.15
C PHE A 29 -10.98 0.52 -5.02
N PRO A 30 -11.71 1.61 -4.80
CA PRO A 30 -11.50 2.86 -5.54
C PRO A 30 -10.18 3.51 -5.14
N GLY A 31 -9.34 3.80 -6.12
CA GLY A 31 -8.06 4.41 -5.84
C GLY A 31 -6.99 3.37 -5.62
N CYS A 32 -7.36 2.13 -5.72
CA CYS A 32 -6.48 1.04 -5.50
C CYS A 32 -6.49 0.17 -6.74
N GLU A 33 -5.37 0.03 -7.36
CA GLU A 33 -5.29 -0.77 -8.56
C GLU A 33 -4.06 -1.64 -8.52
N VAL A 34 -4.20 -2.85 -8.99
CA VAL A 34 -3.10 -3.79 -9.02
C VAL A 34 -2.36 -3.63 -10.34
N ALA A 35 -1.10 -3.27 -10.26
CA ALA A 35 -0.31 -2.98 -11.45
C ALA A 35 0.46 -4.20 -11.92
N VAL A 36 1.02 -4.96 -10.98
CA VAL A 36 1.82 -6.13 -11.31
C VAL A 36 1.46 -7.27 -10.37
N SER A 37 1.02 -8.35 -10.92
CA SER A 37 0.69 -9.51 -10.13
C SER A 37 1.68 -10.63 -10.43
N ASP A 38 2.35 -11.11 -9.42
CA ASP A 38 3.26 -12.23 -9.59
C ASP A 38 2.81 -13.37 -8.76
N ALA A 39 2.08 -14.26 -9.38
CA ALA A 39 1.64 -15.48 -8.74
C ALA A 39 2.85 -16.30 -8.20
N PRO A 40 3.98 -16.50 -8.99
CA PRO A 40 5.16 -17.26 -8.53
C PRO A 40 5.79 -16.68 -7.25
N SER A 41 5.85 -15.36 -7.19
CA SER A 41 6.53 -14.67 -6.11
C SER A 41 5.59 -14.47 -4.91
N GLY A 42 4.29 -14.54 -5.15
CA GLY A 42 3.34 -14.25 -4.11
C GLY A 42 3.23 -12.76 -3.90
N GLN A 43 3.55 -12.03 -4.95
CA GLN A 43 3.63 -10.59 -4.93
C GLN A 43 2.50 -9.96 -5.69
N LEU A 44 1.93 -8.98 -5.10
CA LEU A 44 0.95 -8.15 -5.73
C LEU A 44 1.33 -6.71 -5.53
N ILE A 45 1.68 -6.05 -6.61
CA ILE A 45 2.03 -4.65 -6.55
C ILE A 45 0.77 -3.85 -6.76
N VAL A 46 0.41 -3.10 -5.78
CA VAL A 46 -0.80 -2.33 -5.81
C VAL A 46 -0.44 -0.87 -5.70
N VAL A 47 -0.93 -0.07 -6.60
CA VAL A 47 -0.66 1.33 -6.57
C VAL A 47 -1.88 2.03 -6.04
N VAL A 48 -1.74 2.61 -4.89
CA VAL A 48 -2.83 3.30 -4.26
C VAL A 48 -2.66 4.79 -4.42
N GLU A 49 -3.69 5.42 -4.91
CA GLU A 49 -3.71 6.82 -5.15
C GLU A 49 -4.83 7.46 -4.32
N ALA A 50 -4.49 8.40 -3.50
CA ALA A 50 -5.48 9.08 -2.71
C ALA A 50 -4.96 10.45 -2.36
N GLU A 51 -5.83 11.43 -2.36
CA GLU A 51 -5.42 12.77 -2.07
C GLU A 51 -5.32 12.98 -0.57
N ASP A 52 -6.39 12.67 0.13
CA ASP A 52 -6.40 12.84 1.57
C ASP A 52 -5.63 11.73 2.21
N SER A 53 -4.99 12.03 3.31
CA SER A 53 -4.16 11.09 4.01
C SER A 53 -5.02 9.95 4.57
N GLU A 54 -6.20 10.28 5.08
CA GLU A 54 -7.09 9.26 5.64
C GLU A 54 -7.70 8.43 4.55
N THR A 55 -7.88 9.01 3.39
CA THR A 55 -8.39 8.31 2.25
C THR A 55 -7.38 7.23 1.82
N LEU A 56 -6.11 7.54 1.99
CA LEU A 56 -5.06 6.59 1.72
C LEU A 56 -5.15 5.47 2.77
N ILE A 57 -5.25 5.87 4.04
CA ILE A 57 -5.37 4.96 5.18
C ILE A 57 -6.54 3.99 5.00
N GLN A 58 -7.74 4.53 4.71
CA GLN A 58 -8.97 3.73 4.52
C GLN A 58 -8.82 2.69 3.41
N THR A 59 -8.11 3.06 2.37
CA THR A 59 -7.88 2.17 1.26
C THR A 59 -6.92 1.04 1.68
N ILE A 60 -5.82 1.41 2.34
CA ILE A 60 -4.84 0.42 2.84
C ILE A 60 -5.51 -0.49 3.88
N GLU A 61 -6.34 0.10 4.71
CA GLU A 61 -7.13 -0.58 5.71
C GLU A 61 -7.95 -1.70 5.05
N SER A 62 -8.68 -1.33 4.02
CA SER A 62 -9.50 -2.25 3.26
C SER A 62 -8.68 -3.41 2.69
N VAL A 63 -7.53 -3.07 2.18
CA VAL A 63 -6.57 -4.01 1.62
C VAL A 63 -6.12 -5.01 2.70
N ARG A 64 -5.80 -4.50 3.88
CA ARG A 64 -5.33 -5.33 5.01
C ARG A 64 -6.47 -6.14 5.61
N ASN A 65 -7.68 -5.86 5.20
CA ASN A 65 -8.85 -6.58 5.64
C ASN A 65 -9.11 -7.81 4.79
N VAL A 66 -8.31 -7.98 3.75
CA VAL A 66 -8.40 -9.16 2.93
C VAL A 66 -7.53 -10.24 3.54
N GLU A 67 -8.15 -11.33 3.89
CA GLU A 67 -7.46 -12.38 4.49
C GLU A 67 -6.77 -13.23 3.48
N GLY A 68 -5.52 -13.05 3.46
CA GLY A 68 -4.67 -13.69 2.54
C GLY A 68 -3.39 -12.93 2.43
N VAL A 69 -3.37 -11.73 2.99
CA VAL A 69 -2.18 -10.91 2.98
C VAL A 69 -1.24 -11.37 4.07
N LEU A 70 -0.04 -11.74 3.69
CA LEU A 70 0.97 -12.17 4.62
C LEU A 70 1.62 -10.96 5.21
N ALA A 71 2.07 -10.10 4.34
CA ALA A 71 2.73 -8.87 4.72
C ALA A 71 2.53 -7.87 3.62
N VAL A 72 1.99 -6.75 3.95
CA VAL A 72 1.86 -5.69 3.00
C VAL A 72 2.82 -4.57 3.35
N SER A 73 3.81 -4.44 2.53
CA SER A 73 4.85 -3.47 2.70
C SER A 73 4.46 -2.19 1.99
N LEU A 74 4.39 -1.12 2.74
CA LEU A 74 4.01 0.15 2.21
C LEU A 74 5.24 0.81 1.60
N VAL A 75 5.18 1.00 0.32
CA VAL A 75 6.23 1.60 -0.41
C VAL A 75 5.82 3.02 -0.81
N TYR A 76 6.09 3.93 0.08
CA TYR A 76 5.79 5.33 -0.13
C TYR A 76 6.97 5.96 -0.91
N HIS A 77 8.13 5.36 -0.73
CA HIS A 77 9.32 5.79 -1.47
C HIS A 77 9.38 5.01 -2.76
N GLN A 78 8.95 5.62 -3.82
CA GLN A 78 8.88 4.94 -5.09
C GLN A 78 9.66 5.67 -6.17
N GLN A 79 10.59 4.93 -6.78
CA GLN A 79 11.44 5.37 -7.88
C GLN A 79 12.39 6.47 -7.45
N GLU A 80 13.55 6.05 -7.01
CA GLU A 80 14.58 6.95 -6.51
C GLU A 80 15.97 6.33 -6.56
N GLU A 81 16.02 5.00 -6.57
CA GLU A 81 17.28 4.26 -6.55
C GLU A 81 18.10 4.56 -7.79
N GLN A 82 17.44 4.69 -8.89
CA GLN A 82 18.08 5.03 -10.13
C GLN A 82 17.45 6.27 -10.69
N GLY A 83 17.96 6.72 -11.78
CA GLY A 83 17.45 7.88 -12.43
C GLY A 83 17.54 7.71 -13.89
N GLU A 84 16.76 6.74 -14.40
CA GLU A 84 16.74 6.38 -15.81
C GLU A 84 18.14 5.86 -16.20
N GLU A 85 18.52 6.03 -17.44
CA GLU A 85 19.85 5.70 -17.89
C GLU A 85 20.83 6.64 -17.22
N THR A 86 22.06 6.27 -17.16
CA THR A 86 23.05 7.04 -16.52
C THR A 86 24.32 6.96 -17.34
N PRO A 87 24.78 8.08 -17.89
CA PRO A 87 25.93 8.10 -18.79
C PRO A 87 27.23 7.73 -18.11
N ARG A 88 28.27 7.56 -18.88
CA ARG A 88 29.56 7.11 -18.38
C ARG A 88 30.39 8.25 -17.81
N SER A 89 29.81 9.42 -17.73
CA SER A 89 30.45 10.56 -17.17
C SER A 89 29.43 11.31 -16.31
N HIS A 90 29.74 11.48 -15.04
CA HIS A 90 28.84 12.15 -14.10
C HIS A 90 29.01 13.67 -14.20
N HIS A 91 30.19 14.07 -14.64
CA HIS A 91 30.57 15.47 -14.91
C HIS A 91 30.80 16.33 -13.68
N HIS A 92 32.04 16.76 -13.54
CA HIS A 92 32.40 17.79 -12.55
C HIS A 92 32.31 19.12 -13.27
N HIS A 93 32.52 19.06 -14.56
CA HIS A 93 32.47 20.21 -15.43
C HIS A 93 31.26 20.11 -16.34
N HIS A 94 30.26 20.91 -16.03
CA HIS A 94 29.02 20.94 -16.82
C HIS A 94 29.21 21.81 -18.05
N HIS A 95 30.22 22.61 -18.02
CA HIS A 95 30.57 23.44 -19.13
C HIS A 95 31.99 23.04 -19.53
N MET A 1 -10.20 22.55 -8.49
CA MET A 1 -10.43 21.12 -8.38
C MET A 1 -9.17 20.43 -8.01
N HIS A 2 -9.21 19.64 -6.98
CA HIS A 2 -8.06 18.93 -6.50
C HIS A 2 -7.79 17.75 -7.41
N THR A 3 -6.59 17.67 -7.88
CA THR A 3 -6.13 16.56 -8.67
C THR A 3 -4.64 16.40 -8.35
N ASN A 4 -4.38 16.34 -7.08
CA ASN A 4 -3.02 16.29 -6.55
C ASN A 4 -2.97 15.21 -5.53
N TRP A 5 -3.49 14.10 -5.93
CA TRP A 5 -3.56 12.91 -5.13
C TRP A 5 -2.22 12.31 -4.78
N GLN A 6 -2.20 11.61 -3.69
CA GLN A 6 -1.03 10.97 -3.22
C GLN A 6 -1.05 9.56 -3.70
N VAL A 7 0.09 9.07 -4.07
CA VAL A 7 0.21 7.72 -4.56
C VAL A 7 1.24 6.97 -3.75
N CYS A 8 0.98 5.73 -3.48
CA CYS A 8 1.90 4.90 -2.76
C CYS A 8 1.85 3.50 -3.32
N SER A 9 2.91 2.78 -3.16
CA SER A 9 2.96 1.43 -3.59
C SER A 9 2.94 0.52 -2.37
N LEU A 10 2.34 -0.61 -2.53
CA LEU A 10 2.23 -1.58 -1.50
C LEU A 10 2.70 -2.91 -2.01
N VAL A 11 3.56 -3.55 -1.27
CA VAL A 11 3.98 -4.88 -1.61
C VAL A 11 3.11 -5.82 -0.81
N VAL A 12 2.17 -6.39 -1.48
CA VAL A 12 1.24 -7.28 -0.86
C VAL A 12 1.72 -8.72 -1.02
N GLN A 13 2.21 -9.25 0.05
CA GLN A 13 2.66 -10.61 0.11
C GLN A 13 1.44 -11.44 0.48
N ALA A 14 0.96 -12.25 -0.42
CA ALA A 14 -0.23 -13.00 -0.18
C ALA A 14 -0.09 -14.42 -0.67
N LYS A 15 -1.08 -15.25 -0.35
CA LYS A 15 -1.12 -16.65 -0.80
C LYS A 15 -1.06 -16.72 -2.31
N SER A 16 -0.01 -17.33 -2.84
CA SER A 16 0.19 -17.53 -4.27
C SER A 16 -1.01 -18.26 -4.87
N GLU A 17 -1.55 -19.17 -4.11
CA GLU A 17 -2.70 -19.97 -4.49
C GLU A 17 -4.00 -19.15 -4.58
N ARG A 18 -4.02 -17.97 -3.99
CA ARG A 18 -5.25 -17.22 -3.88
C ARG A 18 -5.08 -15.83 -4.52
N ILE A 19 -3.94 -15.65 -5.19
CA ILE A 19 -3.57 -14.37 -5.82
C ILE A 19 -4.65 -13.80 -6.73
N SER A 20 -5.19 -14.62 -7.59
CA SER A 20 -6.18 -14.22 -8.56
C SER A 20 -7.42 -13.59 -7.87
N ASP A 21 -7.86 -14.22 -6.80
CA ASP A 21 -9.03 -13.76 -6.07
C ASP A 21 -8.71 -12.55 -5.22
N ILE A 22 -7.55 -12.55 -4.60
CA ILE A 22 -7.09 -11.42 -3.79
C ILE A 22 -6.91 -10.18 -4.66
N SER A 23 -6.42 -10.36 -5.86
CA SER A 23 -6.22 -9.25 -6.77
C SER A 23 -7.58 -8.65 -7.17
N THR A 24 -8.60 -9.49 -7.24
CA THR A 24 -9.93 -9.05 -7.65
C THR A 24 -10.53 -8.24 -6.51
N GLN A 25 -10.16 -8.64 -5.32
CA GLN A 25 -10.55 -8.03 -4.10
C GLN A 25 -9.86 -6.68 -3.89
N LEU A 26 -8.54 -6.63 -4.13
CA LEU A 26 -7.78 -5.41 -3.98
C LEU A 26 -8.23 -4.38 -4.98
N ASN A 27 -8.51 -4.82 -6.19
CA ASN A 27 -8.96 -3.93 -7.27
C ASN A 27 -10.40 -3.45 -7.07
N ALA A 28 -11.05 -3.93 -6.04
CA ALA A 28 -12.42 -3.54 -5.78
C ALA A 28 -12.49 -2.28 -4.93
N PHE A 29 -11.43 -1.99 -4.18
CA PHE A 29 -11.40 -0.86 -3.34
C PHE A 29 -11.15 0.40 -4.18
N PRO A 30 -11.81 1.52 -3.85
CA PRO A 30 -11.68 2.77 -4.61
C PRO A 30 -10.33 3.41 -4.40
N GLY A 31 -9.52 3.43 -5.42
CA GLY A 31 -8.21 4.00 -5.31
C GLY A 31 -7.14 2.97 -5.25
N CYS A 32 -7.54 1.73 -5.13
CA CYS A 32 -6.61 0.64 -5.00
C CYS A 32 -6.59 -0.18 -6.27
N GLU A 33 -5.43 -0.30 -6.86
CA GLU A 33 -5.31 -1.08 -8.05
C GLU A 33 -3.98 -1.82 -8.07
N VAL A 34 -4.06 -3.07 -8.44
CA VAL A 34 -2.90 -3.93 -8.56
C VAL A 34 -2.23 -3.64 -9.90
N ALA A 35 -1.05 -3.11 -9.85
CA ALA A 35 -0.33 -2.75 -11.06
C ALA A 35 0.46 -3.94 -11.58
N VAL A 36 1.27 -4.52 -10.72
CA VAL A 36 2.09 -5.65 -11.09
C VAL A 36 1.71 -6.84 -10.22
N SER A 37 1.51 -7.95 -10.85
CA SER A 37 1.14 -9.15 -10.17
C SER A 37 2.14 -10.26 -10.46
N ASP A 38 2.94 -10.61 -9.48
CA ASP A 38 3.90 -11.67 -9.67
C ASP A 38 3.42 -12.88 -8.87
N ALA A 39 2.61 -13.68 -9.54
CA ALA A 39 1.99 -14.88 -8.97
C ALA A 39 3.01 -15.91 -8.39
N PRO A 40 4.19 -16.18 -9.08
CA PRO A 40 5.23 -17.11 -8.58
C PRO A 40 5.63 -16.85 -7.13
N SER A 41 5.83 -15.60 -6.78
CA SER A 41 6.24 -15.26 -5.45
C SER A 41 5.01 -15.06 -4.56
N GLY A 42 3.94 -14.60 -5.15
CA GLY A 42 2.75 -14.32 -4.41
C GLY A 42 2.71 -12.88 -3.98
N GLN A 43 3.44 -12.05 -4.70
CA GLN A 43 3.50 -10.65 -4.41
C GLN A 43 2.72 -9.83 -5.40
N LEU A 44 1.90 -8.98 -4.87
CA LEU A 44 1.10 -8.07 -5.65
C LEU A 44 1.54 -6.66 -5.35
N ILE A 45 1.84 -5.92 -6.37
CA ILE A 45 2.18 -4.53 -6.22
C ILE A 45 0.92 -3.72 -6.44
N VAL A 46 0.53 -3.02 -5.43
CA VAL A 46 -0.66 -2.24 -5.48
C VAL A 46 -0.31 -0.78 -5.42
N VAL A 47 -0.87 -0.02 -6.31
CA VAL A 47 -0.66 1.39 -6.32
C VAL A 47 -1.94 2.02 -5.81
N VAL A 48 -1.82 2.71 -4.72
CA VAL A 48 -2.95 3.34 -4.14
C VAL A 48 -2.93 4.81 -4.51
N GLU A 49 -4.00 5.23 -5.08
CA GLU A 49 -4.20 6.58 -5.48
C GLU A 49 -5.36 7.16 -4.72
N ALA A 50 -5.14 8.21 -4.01
CA ALA A 50 -6.21 8.85 -3.27
C ALA A 50 -5.93 10.32 -3.10
N GLU A 51 -6.98 11.12 -3.23
CA GLU A 51 -6.87 12.57 -3.16
C GLU A 51 -6.40 13.02 -1.77
N ASP A 52 -7.01 12.44 -0.76
CA ASP A 52 -6.68 12.77 0.61
C ASP A 52 -5.69 11.77 1.15
N SER A 53 -4.80 12.26 1.99
CA SER A 53 -3.76 11.43 2.58
C SER A 53 -4.39 10.46 3.58
N GLU A 54 -5.50 10.87 4.15
CA GLU A 54 -6.22 10.04 5.08
C GLU A 54 -6.94 8.91 4.31
N THR A 55 -7.52 9.25 3.16
CA THR A 55 -8.16 8.30 2.29
C THR A 55 -7.12 7.28 1.80
N LEU A 56 -5.90 7.77 1.61
CA LEU A 56 -4.79 6.94 1.21
C LEU A 56 -4.60 5.85 2.28
N ILE A 57 -4.55 6.28 3.55
CA ILE A 57 -4.39 5.37 4.69
C ILE A 57 -5.56 4.38 4.76
N GLN A 58 -6.79 4.90 4.64
CA GLN A 58 -8.02 4.10 4.71
C GLN A 58 -8.02 2.96 3.69
N THR A 59 -7.55 3.27 2.49
CA THR A 59 -7.49 2.31 1.42
C THR A 59 -6.46 1.19 1.73
N ILE A 60 -5.37 1.57 2.38
CA ILE A 60 -4.35 0.61 2.77
C ILE A 60 -4.91 -0.32 3.88
N GLU A 61 -5.77 0.25 4.73
CA GLU A 61 -6.43 -0.51 5.81
C GLU A 61 -7.28 -1.61 5.19
N SER A 62 -7.99 -1.26 4.15
CA SER A 62 -8.83 -2.17 3.40
C SER A 62 -8.02 -3.35 2.87
N VAL A 63 -6.89 -3.03 2.28
CA VAL A 63 -5.97 -4.00 1.71
C VAL A 63 -5.48 -5.00 2.77
N ARG A 64 -5.20 -4.49 3.96
CA ARG A 64 -4.71 -5.32 5.06
C ARG A 64 -5.83 -6.19 5.67
N ASN A 65 -7.05 -5.90 5.27
CA ASN A 65 -8.22 -6.63 5.75
C ASN A 65 -8.51 -7.86 4.94
N VAL A 66 -7.79 -8.02 3.84
CA VAL A 66 -8.02 -9.14 2.97
C VAL A 66 -7.37 -10.39 3.53
N GLU A 67 -8.20 -11.35 3.82
CA GLU A 67 -7.79 -12.55 4.38
C GLU A 67 -7.30 -13.49 3.33
N GLY A 68 -6.03 -13.60 3.31
CA GLY A 68 -5.30 -14.33 2.32
C GLY A 68 -4.00 -13.62 2.10
N VAL A 69 -3.92 -12.40 2.64
CA VAL A 69 -2.71 -11.62 2.61
C VAL A 69 -1.89 -11.95 3.85
N LEU A 70 -0.61 -12.07 3.67
CA LEU A 70 0.28 -12.43 4.74
C LEU A 70 0.98 -11.20 5.27
N ALA A 71 1.37 -10.32 4.38
CA ALA A 71 2.06 -9.11 4.78
C ALA A 71 1.90 -8.03 3.73
N VAL A 72 1.46 -6.89 4.15
CA VAL A 72 1.40 -5.74 3.31
C VAL A 72 2.49 -4.79 3.76
N SER A 73 3.49 -4.65 2.95
CA SER A 73 4.56 -3.76 3.25
C SER A 73 4.32 -2.47 2.49
N LEU A 74 4.29 -1.38 3.20
CA LEU A 74 4.07 -0.10 2.58
C LEU A 74 5.42 0.37 2.07
N VAL A 75 5.47 0.83 0.83
CA VAL A 75 6.71 1.28 0.22
C VAL A 75 7.14 2.68 0.76
N TYR A 76 6.33 3.22 1.62
CA TYR A 76 6.62 4.46 2.26
C TYR A 76 6.33 4.32 3.75
N HIS A 77 7.36 4.15 4.53
CA HIS A 77 7.19 3.96 5.96
C HIS A 77 8.09 4.96 6.67
N GLN A 78 7.58 5.59 7.69
CA GLN A 78 8.34 6.57 8.41
C GLN A 78 8.52 6.17 9.85
N GLN A 79 9.65 6.52 10.38
CA GLN A 79 9.93 6.37 11.77
C GLN A 79 9.41 7.61 12.47
N GLU A 80 9.75 8.74 11.92
CA GLU A 80 9.40 10.01 12.45
C GLU A 80 8.24 10.61 11.64
N GLU A 81 7.04 10.57 12.18
CA GLU A 81 5.89 11.22 11.54
C GLU A 81 6.03 12.72 11.71
N GLN A 82 6.44 13.08 12.92
CA GLN A 82 6.74 14.45 13.33
C GLN A 82 5.52 15.36 13.28
N GLY A 83 5.75 16.58 13.62
CA GLY A 83 4.75 17.58 13.53
C GLY A 83 5.40 18.83 13.03
N GLU A 84 5.21 19.87 13.74
CA GLU A 84 5.84 21.13 13.42
C GLU A 84 7.00 21.32 14.37
N GLU A 85 6.95 20.56 15.46
CA GLU A 85 7.86 20.67 16.57
C GLU A 85 7.63 21.99 17.28
N THR A 86 6.82 21.96 18.30
CA THR A 86 6.40 23.13 18.95
C THR A 86 7.08 23.23 20.32
N PRO A 87 7.73 24.35 20.58
CA PRO A 87 8.38 24.58 21.85
C PRO A 87 7.47 25.31 22.82
N ARG A 88 8.01 25.72 23.94
CA ARG A 88 7.25 26.48 24.89
C ARG A 88 7.81 27.87 24.98
N SER A 89 7.05 28.78 25.48
CA SER A 89 7.47 30.14 25.64
C SER A 89 6.73 30.70 26.82
N HIS A 90 7.38 31.51 27.62
CA HIS A 90 6.72 32.10 28.75
C HIS A 90 5.91 33.28 28.28
N HIS A 91 4.68 33.32 28.68
CA HIS A 91 3.77 34.36 28.31
C HIS A 91 4.01 35.58 29.14
N HIS A 92 4.30 35.36 30.39
CA HIS A 92 4.62 36.43 31.30
C HIS A 92 5.92 36.09 31.98
N HIS A 93 6.85 36.98 31.93
CA HIS A 93 8.13 36.76 32.57
C HIS A 93 8.01 37.11 34.03
N HIS A 94 8.73 36.38 34.86
CA HIS A 94 8.65 36.55 36.31
C HIS A 94 9.60 37.62 36.82
N HIS A 95 9.47 37.90 38.12
CA HIS A 95 10.30 38.87 38.85
C HIS A 95 9.99 40.28 38.36
N MET A 1 -4.42 21.17 -10.33
CA MET A 1 -5.60 21.96 -10.05
C MET A 1 -6.72 21.07 -9.52
N HIS A 2 -7.22 20.18 -10.35
CA HIS A 2 -8.29 19.31 -9.92
C HIS A 2 -7.73 18.00 -9.39
N THR A 3 -8.02 17.75 -8.14
CA THR A 3 -7.62 16.55 -7.42
C THR A 3 -6.11 16.22 -7.52
N ASN A 4 -5.33 16.89 -6.72
CA ASN A 4 -3.94 16.56 -6.58
C ASN A 4 -3.86 15.49 -5.54
N TRP A 5 -3.43 14.36 -5.94
CA TRP A 5 -3.43 13.20 -5.12
C TRP A 5 -2.06 12.70 -4.85
N GLN A 6 -1.99 11.77 -3.97
CA GLN A 6 -0.79 11.18 -3.54
C GLN A 6 -0.87 9.69 -3.76
N VAL A 7 0.16 9.12 -4.29
CA VAL A 7 0.19 7.72 -4.63
C VAL A 7 1.08 6.97 -3.67
N CYS A 8 0.77 5.73 -3.48
CA CYS A 8 1.56 4.88 -2.65
C CYS A 8 1.62 3.49 -3.28
N SER A 9 2.68 2.79 -3.02
CA SER A 9 2.86 1.46 -3.54
C SER A 9 2.98 0.49 -2.40
N LEU A 10 2.33 -0.61 -2.54
CA LEU A 10 2.27 -1.62 -1.54
C LEU A 10 2.69 -2.94 -2.13
N VAL A 11 3.59 -3.62 -1.47
CA VAL A 11 3.95 -4.97 -1.85
C VAL A 11 3.11 -5.88 -1.02
N VAL A 12 2.10 -6.39 -1.62
CA VAL A 12 1.20 -7.28 -0.96
C VAL A 12 1.73 -8.69 -1.14
N GLN A 13 2.20 -9.23 -0.07
CA GLN A 13 2.68 -10.59 -0.04
C GLN A 13 1.52 -11.42 0.41
N ALA A 14 1.08 -12.32 -0.41
CA ALA A 14 -0.12 -13.06 -0.13
C ALA A 14 0.01 -14.49 -0.56
N LYS A 15 -0.99 -15.30 -0.21
CA LYS A 15 -1.07 -16.69 -0.62
C LYS A 15 -1.13 -16.75 -2.14
N SER A 16 -0.19 -17.44 -2.73
CA SER A 16 -0.06 -17.54 -4.16
C SER A 16 -1.30 -18.20 -4.78
N GLU A 17 -1.80 -19.25 -4.12
CA GLU A 17 -2.96 -19.98 -4.62
C GLU A 17 -4.24 -19.14 -4.51
N ARG A 18 -4.19 -18.10 -3.71
CA ARG A 18 -5.35 -17.29 -3.44
C ARG A 18 -5.22 -15.93 -4.14
N ILE A 19 -4.10 -15.75 -4.86
CA ILE A 19 -3.82 -14.49 -5.58
C ILE A 19 -4.93 -14.14 -6.56
N SER A 20 -5.51 -15.14 -7.17
CA SER A 20 -6.59 -14.97 -8.12
C SER A 20 -7.75 -14.17 -7.47
N ASP A 21 -8.11 -14.56 -6.26
CA ASP A 21 -9.19 -13.91 -5.51
C ASP A 21 -8.74 -12.57 -5.00
N ILE A 22 -7.56 -12.56 -4.40
CA ILE A 22 -6.99 -11.37 -3.76
C ILE A 22 -6.81 -10.22 -4.74
N SER A 23 -6.31 -10.50 -5.93
CA SER A 23 -6.09 -9.46 -6.92
C SER A 23 -7.40 -8.76 -7.32
N THR A 24 -8.48 -9.51 -7.39
CA THR A 24 -9.74 -8.97 -7.81
C THR A 24 -10.34 -8.16 -6.66
N GLN A 25 -10.08 -8.62 -5.48
CA GLN A 25 -10.47 -7.97 -4.28
C GLN A 25 -9.72 -6.65 -4.09
N LEU A 26 -8.42 -6.64 -4.37
CA LEU A 26 -7.63 -5.45 -4.26
C LEU A 26 -8.06 -4.41 -5.26
N ASN A 27 -8.40 -4.85 -6.47
CA ASN A 27 -8.86 -3.94 -7.52
C ASN A 27 -10.29 -3.47 -7.29
N ALA A 28 -10.92 -3.96 -6.25
CA ALA A 28 -12.30 -3.61 -5.97
C ALA A 28 -12.38 -2.33 -5.14
N PHE A 29 -11.34 -2.05 -4.36
CA PHE A 29 -11.34 -0.92 -3.51
C PHE A 29 -11.09 0.36 -4.34
N PRO A 30 -11.80 1.46 -4.02
CA PRO A 30 -11.70 2.71 -4.77
C PRO A 30 -10.33 3.36 -4.60
N GLY A 31 -9.57 3.38 -5.67
CA GLY A 31 -8.26 4.00 -5.66
C GLY A 31 -7.17 3.00 -5.47
N CYS A 32 -7.53 1.74 -5.44
CA CYS A 32 -6.62 0.67 -5.22
C CYS A 32 -6.59 -0.23 -6.44
N GLU A 33 -5.47 -0.25 -7.11
CA GLU A 33 -5.31 -1.08 -8.29
C GLU A 33 -4.01 -1.87 -8.19
N VAL A 34 -4.05 -3.10 -8.66
CA VAL A 34 -2.86 -3.94 -8.70
C VAL A 34 -2.18 -3.67 -10.03
N ALA A 35 -0.91 -3.38 -9.99
CA ALA A 35 -0.17 -3.10 -11.20
C ALA A 35 0.64 -4.31 -11.60
N VAL A 36 1.58 -4.67 -10.77
CA VAL A 36 2.43 -5.82 -11.02
C VAL A 36 1.91 -6.98 -10.21
N SER A 37 1.73 -8.09 -10.85
CA SER A 37 1.21 -9.25 -10.20
C SER A 37 2.12 -10.45 -10.43
N ASP A 38 2.87 -10.83 -9.41
CA ASP A 38 3.75 -11.97 -9.49
C ASP A 38 3.13 -13.11 -8.76
N ALA A 39 2.38 -13.93 -9.46
CA ALA A 39 1.78 -15.11 -8.88
C ALA A 39 2.86 -16.03 -8.21
N PRO A 40 4.02 -16.35 -8.91
CA PRO A 40 5.09 -17.22 -8.36
C PRO A 40 5.65 -16.73 -7.01
N SER A 41 5.88 -15.44 -6.91
CA SER A 41 6.51 -14.86 -5.76
C SER A 41 5.50 -14.63 -4.63
N GLY A 42 4.23 -14.54 -4.98
CA GLY A 42 3.23 -14.23 -3.99
C GLY A 42 3.17 -12.73 -3.78
N GLN A 43 3.58 -12.00 -4.81
CA GLN A 43 3.73 -10.56 -4.75
C GLN A 43 2.73 -9.85 -5.62
N LEU A 44 2.05 -8.93 -5.04
CA LEU A 44 1.13 -8.09 -5.75
C LEU A 44 1.45 -6.64 -5.44
N ILE A 45 1.78 -5.88 -6.46
CA ILE A 45 2.07 -4.48 -6.29
C ILE A 45 0.79 -3.72 -6.45
N VAL A 46 0.42 -3.04 -5.43
CA VAL A 46 -0.80 -2.30 -5.41
C VAL A 46 -0.48 -0.82 -5.34
N VAL A 47 -1.07 -0.08 -6.23
CA VAL A 47 -0.90 1.34 -6.25
C VAL A 47 -2.19 1.97 -5.74
N VAL A 48 -2.11 2.56 -4.60
CA VAL A 48 -3.23 3.21 -4.00
C VAL A 48 -3.02 4.69 -4.13
N GLU A 49 -3.97 5.36 -4.69
CA GLU A 49 -3.87 6.77 -4.91
C GLU A 49 -5.15 7.47 -4.54
N ALA A 50 -5.03 8.51 -3.75
CA ALA A 50 -6.15 9.27 -3.27
C ALA A 50 -5.67 10.66 -2.91
N GLU A 51 -6.58 11.60 -2.77
CA GLU A 51 -6.21 12.97 -2.44
C GLU A 51 -5.77 13.07 -0.99
N ASP A 52 -6.72 12.86 -0.08
CA ASP A 52 -6.45 12.98 1.34
C ASP A 52 -5.63 11.81 1.79
N SER A 53 -4.70 12.06 2.67
CA SER A 53 -3.84 11.04 3.21
C SER A 53 -4.64 10.06 4.03
N GLU A 54 -5.66 10.56 4.71
CA GLU A 54 -6.54 9.75 5.54
C GLU A 54 -7.29 8.77 4.66
N THR A 55 -7.80 9.30 3.56
CA THR A 55 -8.52 8.52 2.58
C THR A 55 -7.58 7.45 1.99
N LEU A 56 -6.33 7.84 1.81
CA LEU A 56 -5.28 6.94 1.34
C LEU A 56 -5.10 5.81 2.37
N ILE A 57 -4.94 6.20 3.65
CA ILE A 57 -4.74 5.27 4.78
C ILE A 57 -5.87 4.24 4.84
N GLN A 58 -7.09 4.71 4.77
CA GLN A 58 -8.28 3.85 4.86
C GLN A 58 -8.36 2.87 3.70
N THR A 59 -7.85 3.28 2.56
CA THR A 59 -7.83 2.41 1.42
C THR A 59 -6.72 1.33 1.62
N ILE A 60 -5.60 1.75 2.23
CA ILE A 60 -4.51 0.82 2.59
C ILE A 60 -5.00 -0.16 3.67
N GLU A 61 -5.76 0.37 4.62
CA GLU A 61 -6.39 -0.41 5.71
C GLU A 61 -7.24 -1.52 5.09
N SER A 62 -8.01 -1.17 4.08
CA SER A 62 -8.84 -2.09 3.35
C SER A 62 -8.03 -3.25 2.74
N VAL A 63 -6.91 -2.89 2.18
CA VAL A 63 -5.98 -3.85 1.59
C VAL A 63 -5.44 -4.82 2.66
N ARG A 64 -5.21 -4.29 3.85
CA ARG A 64 -4.72 -5.09 4.99
C ARG A 64 -5.84 -5.97 5.57
N ASN A 65 -7.07 -5.72 5.11
CA ASN A 65 -8.25 -6.47 5.55
C ASN A 65 -8.49 -7.67 4.66
N VAL A 66 -7.70 -7.81 3.60
CA VAL A 66 -7.90 -8.93 2.71
C VAL A 66 -7.30 -10.17 3.29
N GLU A 67 -8.14 -11.12 3.52
CA GLU A 67 -7.75 -12.34 4.08
C GLU A 67 -7.17 -13.22 3.05
N GLY A 68 -5.93 -13.44 3.23
CA GLY A 68 -5.14 -14.20 2.33
C GLY A 68 -3.81 -13.51 2.15
N VAL A 69 -3.71 -12.34 2.74
CA VAL A 69 -2.51 -11.57 2.69
C VAL A 69 -1.61 -11.97 3.88
N LEU A 70 -0.34 -11.97 3.66
CA LEU A 70 0.63 -12.33 4.66
C LEU A 70 1.16 -11.05 5.26
N ALA A 71 1.53 -10.14 4.37
CA ALA A 71 2.08 -8.88 4.76
C ALA A 71 1.86 -7.86 3.67
N VAL A 72 1.48 -6.69 4.05
CA VAL A 72 1.38 -5.58 3.14
C VAL A 72 2.52 -4.65 3.47
N SER A 73 3.48 -4.60 2.61
CA SER A 73 4.64 -3.81 2.83
C SER A 73 4.49 -2.46 2.15
N LEU A 74 4.58 -1.41 2.93
CA LEU A 74 4.43 -0.05 2.43
C LEU A 74 5.77 0.38 1.83
N VAL A 75 5.77 0.61 0.54
CA VAL A 75 6.98 0.99 -0.18
C VAL A 75 7.19 2.48 -0.17
N TYR A 76 6.24 3.15 -0.69
CA TYR A 76 6.27 4.58 -0.84
C TYR A 76 4.94 5.14 -0.52
N HIS A 77 4.91 6.31 0.06
CA HIS A 77 3.70 7.04 0.35
C HIS A 77 4.09 8.48 0.59
N GLN A 78 3.16 9.27 1.02
CA GLN A 78 3.45 10.63 1.34
C GLN A 78 3.17 10.84 2.82
N GLN A 79 3.98 11.66 3.44
CA GLN A 79 3.89 11.93 4.88
C GLN A 79 3.05 13.19 5.11
N GLU A 80 1.93 13.25 4.43
CA GLU A 80 1.10 14.43 4.46
C GLU A 80 0.16 14.43 5.68
N GLU A 81 0.24 13.39 6.51
CA GLU A 81 -0.57 13.35 7.72
C GLU A 81 -0.01 14.36 8.71
N GLN A 82 1.30 14.27 8.90
CA GLN A 82 2.09 15.17 9.75
C GLN A 82 1.78 14.94 11.24
N GLY A 83 2.66 15.40 12.09
CA GLY A 83 2.44 15.28 13.49
C GLY A 83 3.29 14.18 14.07
N GLU A 84 2.98 13.83 15.28
CA GLU A 84 3.72 12.83 15.99
C GLU A 84 2.80 11.69 16.36
N GLU A 85 3.37 10.52 16.56
CA GLU A 85 2.57 9.39 16.94
C GLU A 85 2.51 9.28 18.45
N THR A 86 1.57 9.95 19.01
CA THR A 86 1.37 10.04 20.42
C THR A 86 0.55 8.85 20.93
N PRO A 87 1.14 7.99 21.73
CA PRO A 87 0.48 6.84 22.28
C PRO A 87 -0.01 7.08 23.71
N ARG A 88 -0.34 6.02 24.38
CA ARG A 88 -0.75 6.07 25.75
C ARG A 88 0.30 5.46 26.64
N SER A 89 1.23 6.27 27.09
CA SER A 89 2.29 5.80 27.93
C SER A 89 1.93 5.90 29.43
N HIS A 90 0.82 6.55 29.72
CA HIS A 90 0.34 6.64 31.10
C HIS A 90 -1.16 6.82 31.10
N HIS A 91 -1.86 5.83 31.57
CA HIS A 91 -3.31 5.90 31.65
C HIS A 91 -3.75 6.54 32.93
N HIS A 92 -3.75 7.84 32.92
CA HIS A 92 -4.17 8.61 34.07
C HIS A 92 -5.69 8.70 34.10
N HIS A 93 -6.29 8.73 32.94
CA HIS A 93 -7.72 8.88 32.82
C HIS A 93 -8.33 7.56 32.44
N HIS A 94 -8.92 6.89 33.44
CA HIS A 94 -9.54 5.58 33.35
C HIS A 94 -8.49 4.48 33.27
N HIS A 95 -8.40 3.70 34.31
CA HIS A 95 -7.46 2.63 34.40
C HIS A 95 -8.18 1.42 34.97
N MET A 1 -5.69 18.41 -1.02
CA MET A 1 -6.32 18.82 -2.28
C MET A 1 -5.27 19.43 -3.19
N HIS A 2 -4.78 18.67 -4.13
CA HIS A 2 -3.70 19.14 -4.99
C HIS A 2 -4.00 18.82 -6.44
N THR A 3 -3.13 19.25 -7.32
CA THR A 3 -3.23 18.92 -8.71
C THR A 3 -2.51 17.60 -8.95
N ASN A 4 -1.69 17.24 -7.99
CA ASN A 4 -0.95 16.02 -8.02
C ASN A 4 -1.29 15.23 -6.78
N TRP A 5 -2.09 14.21 -6.98
CA TRP A 5 -2.50 13.32 -5.90
C TRP A 5 -1.36 12.46 -5.43
N GLN A 6 -1.39 12.13 -4.18
CA GLN A 6 -0.37 11.34 -3.57
C GLN A 6 -0.62 9.86 -3.81
N VAL A 7 0.40 9.19 -4.26
CA VAL A 7 0.29 7.80 -4.59
C VAL A 7 1.26 6.99 -3.75
N CYS A 8 0.97 5.74 -3.59
CA CYS A 8 1.81 4.85 -2.85
C CYS A 8 1.71 3.48 -3.46
N SER A 9 2.76 2.71 -3.39
CA SER A 9 2.70 1.37 -3.89
C SER A 9 2.65 0.43 -2.70
N LEU A 10 2.03 -0.67 -2.86
CA LEU A 10 1.93 -1.65 -1.82
C LEU A 10 2.41 -2.98 -2.33
N VAL A 11 3.31 -3.58 -1.60
CA VAL A 11 3.77 -4.90 -1.94
C VAL A 11 2.98 -5.87 -1.11
N VAL A 12 2.03 -6.49 -1.73
CA VAL A 12 1.15 -7.41 -1.10
C VAL A 12 1.75 -8.80 -1.17
N GLN A 13 2.24 -9.24 -0.05
CA GLN A 13 2.78 -10.57 0.08
C GLN A 13 1.64 -11.46 0.49
N ALA A 14 1.30 -12.38 -0.37
CA ALA A 14 0.14 -13.18 -0.15
C ALA A 14 0.36 -14.61 -0.62
N LYS A 15 -0.60 -15.47 -0.33
CA LYS A 15 -0.56 -16.85 -0.77
C LYS A 15 -0.69 -16.96 -2.28
N SER A 16 0.26 -17.63 -2.90
CA SER A 16 0.32 -17.82 -4.33
C SER A 16 -0.94 -18.52 -4.86
N GLU A 17 -1.47 -19.40 -4.05
CA GLU A 17 -2.59 -20.25 -4.41
C GLU A 17 -3.89 -19.46 -4.34
N ARG A 18 -3.81 -18.28 -3.74
CA ARG A 18 -4.98 -17.51 -3.45
C ARG A 18 -4.85 -16.11 -4.07
N ILE A 19 -3.93 -16.00 -5.03
CA ILE A 19 -3.65 -14.73 -5.70
C ILE A 19 -4.87 -14.19 -6.41
N SER A 20 -5.61 -15.06 -7.05
CA SER A 20 -6.79 -14.70 -7.80
C SER A 20 -7.83 -14.00 -6.90
N ASP A 21 -8.04 -14.57 -5.72
CA ASP A 21 -9.00 -14.06 -4.74
C ASP A 21 -8.59 -12.68 -4.29
N ILE A 22 -7.33 -12.58 -3.92
CA ILE A 22 -6.73 -11.37 -3.42
C ILE A 22 -6.65 -10.29 -4.49
N SER A 23 -6.24 -10.64 -5.68
CA SER A 23 -6.13 -9.69 -6.80
C SER A 23 -7.50 -9.11 -7.17
N THR A 24 -8.55 -9.90 -7.01
CA THR A 24 -9.88 -9.46 -7.36
C THR A 24 -10.35 -8.48 -6.30
N GLN A 25 -10.00 -8.80 -5.07
CA GLN A 25 -10.26 -7.99 -3.94
C GLN A 25 -9.52 -6.64 -4.02
N LEU A 26 -8.23 -6.67 -4.36
CA LEU A 26 -7.41 -5.49 -4.45
C LEU A 26 -7.89 -4.55 -5.54
N ASN A 27 -8.25 -5.09 -6.68
CA ASN A 27 -8.74 -4.29 -7.82
C ASN A 27 -10.16 -3.78 -7.59
N ALA A 28 -10.82 -4.29 -6.56
CA ALA A 28 -12.18 -3.92 -6.26
C ALA A 28 -12.22 -2.64 -5.42
N PHE A 29 -11.10 -2.25 -4.88
CA PHE A 29 -11.02 -1.09 -4.07
C PHE A 29 -10.96 0.16 -4.94
N PRO A 30 -11.60 1.24 -4.52
CA PRO A 30 -11.63 2.48 -5.27
C PRO A 30 -10.37 3.31 -5.05
N GLY A 31 -9.46 3.21 -6.00
CA GLY A 31 -8.22 3.95 -5.92
C GLY A 31 -7.04 3.03 -5.80
N CYS A 32 -7.31 1.74 -5.72
CA CYS A 32 -6.29 0.74 -5.63
C CYS A 32 -6.34 -0.11 -6.89
N GLU A 33 -5.20 -0.35 -7.50
CA GLU A 33 -5.14 -1.18 -8.67
C GLU A 33 -3.87 -2.01 -8.62
N VAL A 34 -3.98 -3.25 -9.03
CA VAL A 34 -2.83 -4.12 -9.12
C VAL A 34 -1.99 -3.70 -10.33
N ALA A 35 -0.79 -3.28 -10.07
CA ALA A 35 0.13 -2.82 -11.08
C ALA A 35 0.97 -3.99 -11.58
N VAL A 36 1.38 -4.84 -10.66
CA VAL A 36 2.17 -6.00 -10.99
C VAL A 36 1.58 -7.21 -10.29
N SER A 37 1.27 -8.21 -11.02
CA SER A 37 0.74 -9.43 -10.49
C SER A 37 1.72 -10.57 -10.73
N ASP A 38 2.41 -10.98 -9.69
CA ASP A 38 3.41 -12.02 -9.82
C ASP A 38 3.05 -13.20 -8.94
N ALA A 39 2.39 -14.16 -9.54
CA ALA A 39 2.01 -15.39 -8.85
C ALA A 39 3.24 -16.22 -8.37
N PRO A 40 4.33 -16.37 -9.22
CA PRO A 40 5.58 -17.07 -8.84
C PRO A 40 6.14 -16.67 -7.45
N SER A 41 6.17 -15.37 -7.13
CA SER A 41 6.65 -14.97 -5.82
C SER A 41 5.49 -14.82 -4.83
N GLY A 42 4.28 -14.70 -5.34
CA GLY A 42 3.13 -14.53 -4.48
C GLY A 42 3.02 -13.10 -4.01
N GLN A 43 3.56 -12.21 -4.80
CA GLN A 43 3.61 -10.82 -4.47
C GLN A 43 2.87 -10.02 -5.51
N LEU A 44 2.01 -9.17 -5.05
CA LEU A 44 1.24 -8.32 -5.91
C LEU A 44 1.57 -6.89 -5.58
N ILE A 45 1.88 -6.13 -6.58
CA ILE A 45 2.16 -4.73 -6.38
C ILE A 45 0.90 -3.96 -6.66
N VAL A 46 0.41 -3.28 -5.68
CA VAL A 46 -0.80 -2.50 -5.80
C VAL A 46 -0.41 -1.05 -5.72
N VAL A 47 -0.97 -0.26 -6.56
CA VAL A 47 -0.73 1.15 -6.51
C VAL A 47 -2.01 1.81 -6.00
N VAL A 48 -1.87 2.71 -5.07
CA VAL A 48 -3.01 3.36 -4.46
C VAL A 48 -2.89 4.86 -4.63
N GLU A 49 -3.91 5.43 -5.22
CA GLU A 49 -4.00 6.85 -5.41
C GLU A 49 -5.01 7.43 -4.44
N ALA A 50 -4.65 8.51 -3.81
CA ALA A 50 -5.57 9.21 -2.95
C ALA A 50 -5.18 10.66 -2.88
N GLU A 51 -6.02 11.44 -2.28
CA GLU A 51 -5.80 12.84 -2.11
C GLU A 51 -5.61 13.11 -0.64
N ASP A 52 -6.65 12.92 0.12
CA ASP A 52 -6.58 13.15 1.54
C ASP A 52 -5.80 12.04 2.23
N SER A 53 -4.87 12.43 3.05
CA SER A 53 -3.97 11.53 3.68
C SER A 53 -4.61 10.53 4.67
N GLU A 54 -5.65 10.94 5.42
CA GLU A 54 -6.25 9.99 6.37
C GLU A 54 -7.07 8.99 5.57
N THR A 55 -7.62 9.47 4.46
CA THR A 55 -8.35 8.69 3.51
C THR A 55 -7.41 7.62 2.93
N LEU A 56 -6.21 8.04 2.55
CA LEU A 56 -5.17 7.15 2.03
C LEU A 56 -4.91 6.01 3.02
N ILE A 57 -4.69 6.37 4.28
CA ILE A 57 -4.40 5.39 5.35
C ILE A 57 -5.54 4.38 5.45
N GLN A 58 -6.76 4.88 5.51
CA GLN A 58 -7.96 4.05 5.64
C GLN A 58 -8.16 3.16 4.43
N THR A 59 -7.75 3.63 3.26
CA THR A 59 -7.83 2.84 2.04
C THR A 59 -6.86 1.65 2.15
N ILE A 60 -5.70 1.90 2.73
CA ILE A 60 -4.71 0.87 2.94
C ILE A 60 -5.24 -0.15 3.96
N GLU A 61 -5.99 0.35 4.95
CA GLU A 61 -6.63 -0.51 5.94
C GLU A 61 -7.60 -1.47 5.27
N SER A 62 -8.36 -0.97 4.31
CA SER A 62 -9.28 -1.75 3.51
C SER A 62 -8.55 -2.89 2.80
N VAL A 63 -7.41 -2.54 2.26
CA VAL A 63 -6.54 -3.47 1.57
C VAL A 63 -6.08 -4.58 2.54
N ARG A 64 -5.84 -4.20 3.78
CA ARG A 64 -5.41 -5.16 4.81
C ARG A 64 -6.56 -6.08 5.22
N ASN A 65 -7.76 -5.76 4.76
CA ASN A 65 -8.94 -6.57 5.03
C ASN A 65 -9.03 -7.75 4.10
N VAL A 66 -8.12 -7.84 3.15
CA VAL A 66 -8.08 -8.99 2.27
C VAL A 66 -7.53 -10.19 3.05
N GLU A 67 -8.42 -11.11 3.31
CA GLU A 67 -8.22 -12.29 4.15
C GLU A 67 -6.92 -13.08 3.91
N GLY A 68 -6.48 -13.16 2.68
CA GLY A 68 -5.34 -13.99 2.40
C GLY A 68 -4.02 -13.26 2.36
N VAL A 69 -3.99 -12.04 2.85
CA VAL A 69 -2.76 -11.28 2.83
C VAL A 69 -1.86 -11.67 4.02
N LEU A 70 -0.56 -11.73 3.77
CA LEU A 70 0.39 -12.04 4.81
C LEU A 70 0.89 -10.74 5.38
N ALA A 71 1.48 -9.96 4.52
CA ALA A 71 2.02 -8.68 4.89
C ALA A 71 1.89 -7.75 3.73
N VAL A 72 1.40 -6.58 3.98
CA VAL A 72 1.34 -5.58 2.96
C VAL A 72 2.37 -4.51 3.28
N SER A 73 3.38 -4.45 2.49
CA SER A 73 4.44 -3.52 2.69
C SER A 73 4.13 -2.22 1.98
N LEU A 74 4.06 -1.16 2.75
CA LEU A 74 3.71 0.15 2.24
C LEU A 74 4.97 0.78 1.64
N VAL A 75 4.93 1.06 0.39
CA VAL A 75 6.04 1.64 -0.30
C VAL A 75 5.76 3.12 -0.59
N TYR A 76 5.83 3.92 0.47
CA TYR A 76 5.72 5.39 0.48
C TYR A 76 5.38 5.81 1.91
N HIS A 77 6.35 5.85 2.76
CA HIS A 77 6.07 6.23 4.12
C HIS A 77 7.01 7.33 4.56
N GLN A 78 6.87 8.46 3.94
CA GLN A 78 7.65 9.58 4.30
C GLN A 78 6.80 10.52 5.11
N GLN A 79 6.80 10.29 6.40
CA GLN A 79 5.98 11.07 7.26
C GLN A 79 6.79 12.20 7.85
N GLU A 80 6.66 13.34 7.24
CA GLU A 80 7.27 14.52 7.72
C GLU A 80 6.26 15.18 8.65
N GLU A 81 6.69 15.54 9.84
CA GLU A 81 5.79 16.01 10.87
C GLU A 81 5.15 17.35 10.52
N GLN A 82 5.97 18.29 10.07
CA GLN A 82 5.51 19.64 9.69
C GLN A 82 4.90 20.33 10.92
N GLY A 83 4.07 21.31 10.70
CA GLY A 83 3.41 21.99 11.77
C GLY A 83 1.94 21.89 11.62
N GLU A 84 1.42 20.66 11.66
CA GLU A 84 0.00 20.43 11.54
C GLU A 84 -0.76 21.11 12.65
N GLU A 85 -1.80 21.82 12.30
CA GLU A 85 -2.64 22.47 13.29
C GLU A 85 -3.87 21.62 13.54
N THR A 86 -3.98 20.54 12.79
CA THR A 86 -5.04 19.59 12.94
C THR A 86 -4.50 18.18 13.13
N PRO A 87 -4.36 17.74 14.38
CA PRO A 87 -3.88 16.39 14.69
C PRO A 87 -5.02 15.37 14.54
N ARG A 88 -4.80 14.13 14.91
CA ARG A 88 -5.85 13.14 14.80
C ARG A 88 -6.66 13.04 16.06
N SER A 89 -7.95 12.96 15.92
CA SER A 89 -8.82 12.82 17.04
C SER A 89 -8.95 11.36 17.36
N HIS A 90 -8.42 10.99 18.49
CA HIS A 90 -8.49 9.63 18.94
C HIS A 90 -9.10 9.71 20.33
N HIS A 91 -10.20 10.45 20.40
CA HIS A 91 -10.94 10.70 21.64
C HIS A 91 -11.55 9.42 22.17
N HIS A 92 -11.87 8.55 21.25
CA HIS A 92 -12.42 7.26 21.56
C HIS A 92 -11.52 6.23 20.92
N HIS A 93 -10.97 5.36 21.74
CA HIS A 93 -10.09 4.33 21.26
C HIS A 93 -10.88 3.27 20.51
N HIS A 94 -10.89 3.41 19.23
CA HIS A 94 -11.57 2.51 18.35
C HIS A 94 -10.60 1.46 17.86
N HIS A 95 -11.09 0.28 17.70
CA HIS A 95 -10.26 -0.84 17.34
C HIS A 95 -10.37 -1.10 15.86
N MET A 1 -8.43 24.31 -7.63
CA MET A 1 -9.36 23.19 -7.85
C MET A 1 -8.61 21.91 -8.11
N HIS A 2 -7.39 22.00 -8.62
CA HIS A 2 -6.60 20.83 -8.88
C HIS A 2 -5.91 20.39 -7.62
N THR A 3 -6.14 19.19 -7.22
CA THR A 3 -5.49 18.67 -6.06
C THR A 3 -4.66 17.47 -6.48
N ASN A 4 -3.36 17.60 -6.33
CA ASN A 4 -2.45 16.52 -6.62
C ASN A 4 -2.50 15.49 -5.53
N TRP A 5 -3.25 14.46 -5.79
CA TRP A 5 -3.43 13.37 -4.90
C TRP A 5 -2.18 12.54 -4.76
N GLN A 6 -2.14 11.76 -3.73
CA GLN A 6 -0.98 11.02 -3.39
C GLN A 6 -1.18 9.53 -3.61
N VAL A 7 -0.14 8.90 -4.08
CA VAL A 7 -0.17 7.50 -4.40
C VAL A 7 0.82 6.74 -3.53
N CYS A 8 0.54 5.50 -3.32
CA CYS A 8 1.42 4.65 -2.56
C CYS A 8 1.43 3.27 -3.20
N SER A 9 2.57 2.63 -3.14
CA SER A 9 2.70 1.30 -3.65
C SER A 9 2.70 0.33 -2.51
N LEU A 10 1.87 -0.63 -2.60
CA LEU A 10 1.80 -1.65 -1.62
C LEU A 10 2.33 -2.91 -2.19
N VAL A 11 3.39 -3.39 -1.62
CA VAL A 11 3.94 -4.66 -2.04
C VAL A 11 3.32 -5.70 -1.15
N VAL A 12 2.36 -6.39 -1.68
CA VAL A 12 1.60 -7.34 -0.95
C VAL A 12 2.13 -8.75 -1.21
N GLN A 13 2.40 -9.44 -0.14
CA GLN A 13 2.76 -10.84 -0.16
C GLN A 13 1.52 -11.59 0.28
N ALA A 14 1.12 -12.58 -0.47
CA ALA A 14 -0.11 -13.28 -0.20
C ALA A 14 -0.01 -14.75 -0.60
N LYS A 15 -1.04 -15.53 -0.27
CA LYS A 15 -1.11 -16.95 -0.67
C LYS A 15 -1.06 -17.07 -2.19
N SER A 16 -0.11 -17.82 -2.69
CA SER A 16 0.11 -18.00 -4.12
C SER A 16 -1.13 -18.63 -4.81
N GLU A 17 -1.85 -19.45 -4.09
CA GLU A 17 -3.05 -20.11 -4.64
C GLU A 17 -4.25 -19.17 -4.60
N ARG A 18 -4.13 -18.06 -3.92
CA ARG A 18 -5.24 -17.20 -3.68
C ARG A 18 -5.01 -15.85 -4.36
N ILE A 19 -4.00 -15.80 -5.20
CA ILE A 19 -3.62 -14.59 -5.90
C ILE A 19 -4.75 -14.10 -6.81
N SER A 20 -5.41 -15.04 -7.48
CA SER A 20 -6.51 -14.69 -8.37
C SER A 20 -7.67 -14.03 -7.57
N ASP A 21 -7.91 -14.52 -6.34
CA ASP A 21 -8.97 -13.97 -5.50
C ASP A 21 -8.58 -12.58 -5.06
N ILE A 22 -7.43 -12.50 -4.45
CA ILE A 22 -6.92 -11.28 -3.86
C ILE A 22 -6.69 -10.18 -4.90
N SER A 23 -6.13 -10.52 -6.05
CA SER A 23 -5.86 -9.51 -7.09
C SER A 23 -7.18 -8.88 -7.60
N THR A 24 -8.25 -9.65 -7.58
CA THR A 24 -9.51 -9.14 -8.08
C THR A 24 -10.11 -8.24 -7.02
N GLN A 25 -9.96 -8.66 -5.79
CA GLN A 25 -10.40 -7.96 -4.63
C GLN A 25 -9.65 -6.63 -4.43
N LEU A 26 -8.35 -6.63 -4.67
CA LEU A 26 -7.54 -5.45 -4.52
C LEU A 26 -7.94 -4.37 -5.51
N ASN A 27 -8.35 -4.79 -6.71
CA ASN A 27 -8.77 -3.84 -7.74
C ASN A 27 -10.19 -3.34 -7.50
N ALA A 28 -10.86 -3.94 -6.53
CA ALA A 28 -12.22 -3.58 -6.23
C ALA A 28 -12.27 -2.33 -5.34
N PHE A 29 -11.13 -1.95 -4.79
CA PHE A 29 -11.04 -0.81 -3.97
C PHE A 29 -10.86 0.44 -4.83
N PRO A 30 -11.39 1.60 -4.38
CA PRO A 30 -11.34 2.85 -5.15
C PRO A 30 -9.91 3.33 -5.37
N GLY A 31 -9.49 3.36 -6.61
CA GLY A 31 -8.19 3.84 -6.95
C GLY A 31 -7.09 2.91 -6.51
N CYS A 32 -7.42 1.66 -6.35
CA CYS A 32 -6.45 0.69 -6.00
C CYS A 32 -6.36 -0.30 -7.13
N GLU A 33 -5.26 -0.27 -7.83
CA GLU A 33 -5.06 -1.18 -8.94
C GLU A 33 -3.83 -2.00 -8.69
N VAL A 34 -3.90 -3.27 -9.03
CA VAL A 34 -2.76 -4.14 -8.90
C VAL A 34 -1.98 -4.05 -10.20
N ALA A 35 -0.84 -3.42 -10.13
CA ALA A 35 0.00 -3.25 -11.29
C ALA A 35 0.79 -4.51 -11.56
N VAL A 36 1.58 -4.90 -10.60
CA VAL A 36 2.44 -6.06 -10.73
C VAL A 36 1.83 -7.24 -9.99
N SER A 37 1.78 -8.37 -10.64
CA SER A 37 1.30 -9.59 -10.03
C SER A 37 2.20 -10.74 -10.41
N ASP A 38 2.77 -11.38 -9.42
CA ASP A 38 3.61 -12.54 -9.63
C ASP A 38 3.21 -13.65 -8.71
N ALA A 39 2.40 -14.54 -9.22
CA ALA A 39 1.95 -15.74 -8.51
C ALA A 39 3.13 -16.57 -7.93
N PRO A 40 4.27 -16.79 -8.69
CA PRO A 40 5.46 -17.55 -8.18
C PRO A 40 6.13 -16.87 -6.96
N SER A 41 5.77 -15.64 -6.72
CA SER A 41 6.34 -14.89 -5.64
C SER A 41 5.27 -14.61 -4.57
N GLY A 42 4.02 -14.74 -4.99
CA GLY A 42 2.90 -14.36 -4.13
C GLY A 42 2.84 -12.84 -4.03
N GLN A 43 3.38 -12.18 -5.04
CA GLN A 43 3.56 -10.77 -5.02
C GLN A 43 2.44 -10.06 -5.76
N LEU A 44 1.88 -9.09 -5.12
CA LEU A 44 0.86 -8.24 -5.68
C LEU A 44 1.18 -6.80 -5.33
N ILE A 45 1.53 -6.01 -6.31
CA ILE A 45 1.80 -4.61 -6.06
C ILE A 45 0.58 -3.79 -6.38
N VAL A 46 0.09 -3.12 -5.39
CA VAL A 46 -1.10 -2.34 -5.51
C VAL A 46 -0.74 -0.88 -5.46
N VAL A 47 -1.28 -0.12 -6.36
CA VAL A 47 -1.10 1.29 -6.35
C VAL A 47 -2.38 1.91 -5.84
N VAL A 48 -2.30 2.49 -4.67
CA VAL A 48 -3.45 3.12 -4.06
C VAL A 48 -3.31 4.61 -4.21
N GLU A 49 -4.26 5.21 -4.89
CA GLU A 49 -4.27 6.63 -5.13
C GLU A 49 -5.46 7.29 -4.42
N ALA A 50 -5.16 8.25 -3.56
CA ALA A 50 -6.18 8.94 -2.79
C ALA A 50 -5.79 10.38 -2.63
N GLU A 51 -6.75 11.22 -2.35
CA GLU A 51 -6.53 12.65 -2.22
C GLU A 51 -5.99 13.01 -0.85
N ASP A 52 -6.69 12.60 0.21
CA ASP A 52 -6.27 12.92 1.57
C ASP A 52 -5.32 11.86 2.06
N SER A 53 -4.37 12.26 2.85
CA SER A 53 -3.38 11.37 3.43
C SER A 53 -4.05 10.36 4.39
N GLU A 54 -5.00 10.84 5.17
CA GLU A 54 -5.68 10.01 6.13
C GLU A 54 -6.68 9.08 5.45
N THR A 55 -7.30 9.56 4.39
CA THR A 55 -8.20 8.75 3.61
C THR A 55 -7.39 7.65 2.89
N LEU A 56 -6.15 7.99 2.51
CA LEU A 56 -5.23 7.05 1.92
C LEU A 56 -5.02 5.89 2.90
N ILE A 57 -4.71 6.25 4.14
CA ILE A 57 -4.49 5.29 5.23
C ILE A 57 -5.68 4.33 5.37
N GLN A 58 -6.89 4.89 5.42
CA GLN A 58 -8.13 4.11 5.54
C GLN A 58 -8.26 3.11 4.38
N THR A 59 -7.93 3.57 3.19
CA THR A 59 -8.02 2.75 2.02
C THR A 59 -6.94 1.64 2.05
N ILE A 60 -5.75 1.97 2.53
CA ILE A 60 -4.67 1.00 2.72
C ILE A 60 -5.10 -0.05 3.76
N GLU A 61 -5.73 0.42 4.83
CA GLU A 61 -6.23 -0.44 5.89
C GLU A 61 -7.28 -1.40 5.33
N SER A 62 -8.10 -0.89 4.42
CA SER A 62 -9.12 -1.68 3.76
C SER A 62 -8.48 -2.86 3.03
N VAL A 63 -7.40 -2.56 2.33
CA VAL A 63 -6.61 -3.54 1.62
C VAL A 63 -6.03 -4.59 2.60
N ARG A 64 -5.63 -4.13 3.78
CA ARG A 64 -5.07 -5.02 4.79
C ARG A 64 -6.16 -5.85 5.46
N ASN A 65 -7.41 -5.51 5.20
CA ASN A 65 -8.55 -6.22 5.79
C ASN A 65 -8.98 -7.40 4.94
N VAL A 66 -8.18 -7.73 3.95
CA VAL A 66 -8.41 -8.92 3.17
C VAL A 66 -7.70 -10.06 3.78
N GLU A 67 -8.40 -11.16 3.88
CA GLU A 67 -7.79 -12.34 4.32
C GLU A 67 -7.09 -13.03 3.17
N GLY A 68 -5.83 -13.13 3.30
CA GLY A 68 -5.04 -13.81 2.33
C GLY A 68 -3.69 -13.19 2.23
N VAL A 69 -3.59 -12.03 2.80
CA VAL A 69 -2.37 -11.26 2.80
C VAL A 69 -1.47 -11.74 3.94
N LEU A 70 -0.19 -11.75 3.69
CA LEU A 70 0.77 -12.19 4.66
C LEU A 70 1.62 -11.01 5.08
N ALA A 71 1.99 -10.19 4.11
CA ALA A 71 2.79 -9.02 4.37
C ALA A 71 2.40 -7.88 3.45
N VAL A 72 2.27 -6.71 4.02
CA VAL A 72 1.99 -5.50 3.25
C VAL A 72 3.12 -4.50 3.49
N SER A 73 3.91 -4.25 2.50
CA SER A 73 4.94 -3.27 2.61
C SER A 73 4.41 -1.97 2.01
N LEU A 74 4.46 -0.92 2.78
CA LEU A 74 3.90 0.34 2.38
C LEU A 74 4.99 1.23 1.78
N VAL A 75 4.97 1.35 0.50
CA VAL A 75 5.88 2.17 -0.21
C VAL A 75 5.28 3.57 -0.36
N TYR A 76 5.50 4.36 0.65
CA TYR A 76 5.04 5.72 0.71
C TYR A 76 6.08 6.54 1.40
N HIS A 77 6.32 7.72 0.89
CA HIS A 77 7.29 8.64 1.43
C HIS A 77 7.01 10.02 0.91
N GLN A 78 7.69 10.98 1.43
CA GLN A 78 7.55 12.34 0.99
C GLN A 78 8.70 12.67 0.06
N GLN A 79 8.61 13.75 -0.66
CA GLN A 79 9.60 14.11 -1.63
C GLN A 79 9.93 15.59 -1.58
N GLU A 80 11.21 15.89 -1.52
CA GLU A 80 11.71 17.27 -1.42
C GLU A 80 12.85 17.48 -2.42
N GLU A 81 13.83 16.60 -2.39
CA GLU A 81 14.99 16.71 -3.25
C GLU A 81 14.77 15.99 -4.56
N GLN A 82 13.79 15.13 -4.60
CA GLN A 82 13.47 14.40 -5.78
C GLN A 82 12.00 14.55 -6.04
N GLY A 83 11.65 14.76 -7.27
CA GLY A 83 10.26 14.89 -7.63
C GLY A 83 9.72 16.28 -7.34
N GLU A 84 9.34 16.50 -6.10
CA GLU A 84 8.74 17.77 -5.76
C GLU A 84 9.78 18.68 -5.17
N GLU A 85 10.60 19.19 -6.03
CA GLU A 85 11.66 20.09 -5.66
C GLU A 85 11.11 21.48 -5.56
N THR A 86 11.28 22.09 -4.44
CA THR A 86 10.73 23.38 -4.20
C THR A 86 11.86 24.34 -3.81
N PRO A 87 12.48 24.99 -4.81
CA PRO A 87 13.58 25.91 -4.56
C PRO A 87 13.08 27.22 -3.96
N ARG A 88 11.93 27.68 -4.41
CA ARG A 88 11.26 28.79 -3.77
C ARG A 88 10.53 28.29 -2.54
N SER A 89 11.24 28.29 -1.44
CA SER A 89 10.71 27.80 -0.21
C SER A 89 9.76 28.83 0.44
N HIS A 90 9.25 28.48 1.60
CA HIS A 90 8.25 29.27 2.28
C HIS A 90 8.75 30.65 2.68
N HIS A 91 7.92 31.64 2.50
CA HIS A 91 8.24 32.99 2.92
C HIS A 91 7.91 33.08 4.38
N HIS A 92 6.66 32.81 4.68
CA HIS A 92 6.14 32.86 6.03
C HIS A 92 6.50 31.55 6.71
N HIS A 93 7.67 31.51 7.26
CA HIS A 93 8.17 30.33 7.90
C HIS A 93 7.80 30.37 9.37
N HIS A 94 6.76 29.67 9.73
CA HIS A 94 6.28 29.63 11.11
C HIS A 94 6.08 28.17 11.52
N HIS A 95 6.70 27.29 10.79
CA HIS A 95 6.67 25.88 11.03
C HIS A 95 8.10 25.39 10.99
N MET A 1 -10.51 20.82 -10.82
CA MET A 1 -9.15 21.27 -11.12
C MET A 1 -8.29 20.01 -11.21
N HIS A 2 -7.00 20.13 -11.37
CA HIS A 2 -6.10 18.99 -11.44
C HIS A 2 -5.98 18.34 -10.08
N THR A 3 -6.70 17.28 -9.88
CA THR A 3 -6.65 16.53 -8.67
C THR A 3 -5.35 15.72 -8.63
N ASN A 4 -4.37 16.24 -7.96
CA ASN A 4 -3.07 15.62 -7.94
C ASN A 4 -2.84 14.84 -6.70
N TRP A 5 -3.43 13.70 -6.71
CA TRP A 5 -3.36 12.67 -5.70
C TRP A 5 -1.96 12.21 -5.34
N GLN A 6 -1.89 11.67 -4.16
CA GLN A 6 -0.71 11.09 -3.63
C GLN A 6 -0.85 9.58 -3.71
N VAL A 7 0.12 8.94 -4.30
CA VAL A 7 0.07 7.52 -4.51
C VAL A 7 0.96 6.77 -3.55
N CYS A 8 0.64 5.53 -3.33
CA CYS A 8 1.43 4.69 -2.50
C CYS A 8 1.50 3.30 -3.07
N SER A 9 2.70 2.78 -3.22
CA SER A 9 2.88 1.43 -3.63
C SER A 9 2.85 0.53 -2.40
N LEU A 10 2.14 -0.54 -2.50
CA LEU A 10 2.03 -1.52 -1.48
C LEU A 10 2.55 -2.84 -2.01
N VAL A 11 3.31 -3.51 -1.23
CA VAL A 11 3.81 -4.82 -1.59
C VAL A 11 3.04 -5.83 -0.79
N VAL A 12 2.13 -6.49 -1.43
CA VAL A 12 1.31 -7.45 -0.80
C VAL A 12 1.89 -8.84 -1.00
N GLN A 13 2.42 -9.41 0.05
CA GLN A 13 2.86 -10.78 0.04
C GLN A 13 1.66 -11.61 0.42
N ALA A 14 1.17 -12.37 -0.48
CA ALA A 14 -0.05 -13.08 -0.30
C ALA A 14 0.03 -14.49 -0.83
N LYS A 15 -1.02 -15.25 -0.56
CA LYS A 15 -1.17 -16.60 -1.09
C LYS A 15 -1.12 -16.59 -2.61
N SER A 16 -0.13 -17.23 -3.17
CA SER A 16 0.07 -17.30 -4.60
C SER A 16 -1.08 -18.05 -5.30
N GLU A 17 -1.68 -18.96 -4.57
CA GLU A 17 -2.80 -19.76 -5.05
C GLU A 17 -4.11 -18.97 -5.02
N ARG A 18 -4.11 -17.85 -4.31
CA ARG A 18 -5.32 -17.12 -4.06
C ARG A 18 -5.22 -15.72 -4.67
N ILE A 19 -4.25 -15.56 -5.56
CA ILE A 19 -3.94 -14.27 -6.19
C ILE A 19 -5.14 -13.66 -6.93
N SER A 20 -5.83 -14.47 -7.72
CA SER A 20 -6.97 -13.99 -8.48
C SER A 20 -8.08 -13.47 -7.56
N ASP A 21 -8.19 -14.07 -6.39
CA ASP A 21 -9.17 -13.66 -5.39
C ASP A 21 -8.74 -12.33 -4.79
N ILE A 22 -7.53 -12.34 -4.28
CA ILE A 22 -6.94 -11.22 -3.57
C ILE A 22 -6.82 -9.98 -4.46
N SER A 23 -6.30 -10.16 -5.66
CA SER A 23 -6.08 -9.07 -6.60
C SER A 23 -7.39 -8.37 -6.97
N THR A 24 -8.46 -9.15 -7.12
CA THR A 24 -9.73 -8.59 -7.53
C THR A 24 -10.32 -7.83 -6.36
N GLN A 25 -10.05 -8.34 -5.18
CA GLN A 25 -10.44 -7.74 -3.94
C GLN A 25 -9.70 -6.41 -3.74
N LEU A 26 -8.40 -6.40 -4.00
CA LEU A 26 -7.60 -5.22 -3.86
C LEU A 26 -8.05 -4.16 -4.84
N ASN A 27 -8.29 -4.57 -6.06
CA ASN A 27 -8.74 -3.68 -7.14
C ASN A 27 -10.13 -3.11 -6.89
N ALA A 28 -10.84 -3.66 -5.93
CA ALA A 28 -12.18 -3.23 -5.62
C ALA A 28 -12.18 -1.97 -4.75
N PHE A 29 -11.11 -1.79 -3.98
CA PHE A 29 -11.01 -0.69 -3.08
C PHE A 29 -10.81 0.63 -3.84
N PRO A 30 -11.30 1.77 -3.29
CA PRO A 30 -11.26 3.08 -3.97
C PRO A 30 -9.86 3.56 -4.32
N GLY A 31 -9.53 3.50 -5.60
CA GLY A 31 -8.25 4.00 -6.07
C GLY A 31 -7.14 2.97 -5.95
N CYS A 32 -7.48 1.83 -5.46
CA CYS A 32 -6.53 0.77 -5.27
C CYS A 32 -6.52 -0.11 -6.49
N GLU A 33 -5.37 -0.20 -7.13
CA GLU A 33 -5.23 -1.03 -8.29
C GLU A 33 -3.89 -1.73 -8.30
N VAL A 34 -3.93 -3.01 -8.57
CA VAL A 34 -2.77 -3.86 -8.64
C VAL A 34 -2.08 -3.63 -9.97
N ALA A 35 -0.78 -3.44 -9.94
CA ALA A 35 -0.02 -3.22 -11.13
C ALA A 35 0.70 -4.51 -11.53
N VAL A 36 1.73 -4.85 -10.80
CA VAL A 36 2.51 -6.03 -11.10
C VAL A 36 2.02 -7.17 -10.24
N SER A 37 1.82 -8.31 -10.83
CA SER A 37 1.36 -9.46 -10.10
C SER A 37 2.32 -10.61 -10.33
N ASP A 38 2.98 -11.03 -9.28
CA ASP A 38 3.93 -12.12 -9.37
C ASP A 38 3.35 -13.33 -8.74
N ALA A 39 2.69 -14.14 -9.54
CA ALA A 39 2.11 -15.39 -9.05
C ALA A 39 3.17 -16.36 -8.44
N PRO A 40 4.43 -16.50 -9.01
CA PRO A 40 5.50 -17.35 -8.43
C PRO A 40 5.79 -17.01 -6.96
N SER A 41 5.78 -15.74 -6.65
CA SER A 41 6.11 -15.28 -5.32
C SER A 41 4.84 -15.12 -4.49
N GLY A 42 3.76 -14.78 -5.15
CA GLY A 42 2.54 -14.45 -4.46
C GLY A 42 2.55 -12.99 -4.10
N GLN A 43 3.31 -12.22 -4.87
CA GLN A 43 3.51 -10.84 -4.60
C GLN A 43 2.62 -10.00 -5.51
N LEU A 44 1.98 -9.05 -4.94
CA LEU A 44 1.17 -8.13 -5.68
C LEU A 44 1.59 -6.71 -5.39
N ILE A 45 2.00 -6.01 -6.42
CA ILE A 45 2.36 -4.63 -6.29
C ILE A 45 1.11 -3.82 -6.53
N VAL A 46 0.70 -3.10 -5.54
CA VAL A 46 -0.48 -2.31 -5.63
C VAL A 46 -0.10 -0.86 -5.53
N VAL A 47 -0.73 -0.04 -6.31
CA VAL A 47 -0.54 1.37 -6.21
C VAL A 47 -1.89 1.96 -5.88
N VAL A 48 -1.97 2.56 -4.73
CA VAL A 48 -3.20 3.13 -4.29
C VAL A 48 -3.16 4.61 -4.55
N GLU A 49 -4.15 5.04 -5.27
CA GLU A 49 -4.34 6.41 -5.64
C GLU A 49 -5.50 6.99 -4.87
N ALA A 50 -5.27 8.03 -4.14
CA ALA A 50 -6.33 8.71 -3.43
C ALA A 50 -5.97 10.16 -3.28
N GLU A 51 -6.96 11.00 -3.21
CA GLU A 51 -6.75 12.42 -3.18
C GLU A 51 -6.37 12.89 -1.78
N ASP A 52 -7.00 12.34 -0.76
CA ASP A 52 -6.69 12.73 0.61
C ASP A 52 -5.87 11.71 1.31
N SER A 53 -5.08 12.17 2.26
CA SER A 53 -4.20 11.35 3.05
C SER A 53 -5.00 10.31 3.84
N GLU A 54 -6.13 10.74 4.39
CA GLU A 54 -6.99 9.89 5.21
C GLU A 54 -7.65 8.81 4.34
N THR A 55 -8.04 9.20 3.14
CA THR A 55 -8.67 8.32 2.19
C THR A 55 -7.64 7.27 1.74
N LEU A 56 -6.40 7.69 1.66
CA LEU A 56 -5.32 6.82 1.30
C LEU A 56 -5.11 5.79 2.41
N ILE A 57 -5.02 6.27 3.67
CA ILE A 57 -4.81 5.40 4.86
C ILE A 57 -5.92 4.36 4.95
N GLN A 58 -7.16 4.81 4.79
CA GLN A 58 -8.32 3.98 4.83
C GLN A 58 -8.24 2.86 3.79
N THR A 59 -7.79 3.18 2.61
CA THR A 59 -7.67 2.22 1.56
C THR A 59 -6.47 1.26 1.81
N ILE A 60 -5.41 1.79 2.41
CA ILE A 60 -4.25 0.96 2.78
C ILE A 60 -4.67 -0.08 3.83
N GLU A 61 -5.41 0.37 4.85
CA GLU A 61 -5.91 -0.55 5.86
C GLU A 61 -6.89 -1.55 5.26
N SER A 62 -7.65 -1.11 4.27
CA SER A 62 -8.58 -1.97 3.56
C SER A 62 -7.85 -3.16 2.93
N VAL A 63 -6.71 -2.90 2.37
CA VAL A 63 -5.86 -3.90 1.78
C VAL A 63 -5.37 -4.91 2.84
N ARG A 64 -5.09 -4.40 4.04
CA ARG A 64 -4.62 -5.25 5.15
C ARG A 64 -5.78 -6.08 5.72
N ASN A 65 -6.99 -5.73 5.32
CA ASN A 65 -8.20 -6.42 5.75
C ASN A 65 -8.51 -7.63 4.89
N VAL A 66 -7.64 -7.92 3.95
CA VAL A 66 -7.82 -9.09 3.12
C VAL A 66 -7.17 -10.31 3.79
N GLU A 67 -7.89 -11.40 3.77
CA GLU A 67 -7.55 -12.64 4.44
C GLU A 67 -6.36 -13.33 3.83
N GLY A 68 -6.25 -13.24 2.54
CA GLY A 68 -5.17 -13.88 1.84
C GLY A 68 -3.86 -13.14 1.97
N VAL A 69 -3.89 -12.00 2.65
CA VAL A 69 -2.67 -11.23 2.81
C VAL A 69 -1.84 -11.75 3.96
N LEU A 70 -0.60 -12.06 3.68
CA LEU A 70 0.33 -12.56 4.67
C LEU A 70 1.07 -11.38 5.26
N ALA A 71 1.73 -10.62 4.41
CA ALA A 71 2.49 -9.46 4.81
C ALA A 71 2.32 -8.37 3.78
N VAL A 72 1.79 -7.26 4.18
CA VAL A 72 1.65 -6.14 3.28
C VAL A 72 2.52 -4.97 3.72
N SER A 73 3.53 -4.72 2.95
CA SER A 73 4.49 -3.70 3.21
C SER A 73 4.09 -2.40 2.51
N LEU A 74 4.27 -1.30 3.18
CA LEU A 74 3.89 -0.03 2.65
C LEU A 74 5.14 0.63 2.08
N VAL A 75 5.21 0.72 0.77
CA VAL A 75 6.34 1.32 0.11
C VAL A 75 6.13 2.81 -0.04
N TYR A 76 4.90 3.15 -0.35
CA TYR A 76 4.45 4.52 -0.58
C TYR A 76 5.14 5.07 -1.83
N HIS A 77 6.29 5.64 -1.63
CA HIS A 77 7.10 6.16 -2.69
C HIS A 77 8.49 6.32 -2.14
N GLN A 78 9.31 5.36 -2.43
CA GLN A 78 10.66 5.37 -1.97
C GLN A 78 11.55 6.10 -2.94
N GLN A 79 11.68 7.37 -2.67
CA GLN A 79 12.47 8.26 -3.47
C GLN A 79 13.93 8.04 -3.15
N GLU A 80 14.75 8.23 -4.16
CA GLU A 80 16.19 7.98 -4.10
C GLU A 80 16.47 6.49 -3.93
N GLU A 81 16.75 5.85 -5.03
CA GLU A 81 17.08 4.45 -5.02
C GLU A 81 18.49 4.32 -4.46
N GLN A 82 19.36 5.13 -4.99
CA GLN A 82 20.74 5.22 -4.57
C GLN A 82 21.32 6.53 -5.04
N GLY A 83 22.23 7.06 -4.28
CA GLY A 83 22.95 8.24 -4.70
C GLY A 83 24.08 7.82 -5.59
N GLU A 84 24.33 8.55 -6.64
CA GLU A 84 25.35 8.17 -7.58
C GLU A 84 26.17 9.39 -7.97
N GLU A 85 27.48 9.21 -8.00
CA GLU A 85 28.37 10.25 -8.46
C GLU A 85 29.42 9.60 -9.33
N THR A 86 29.88 10.34 -10.27
CA THR A 86 30.89 9.94 -11.16
C THR A 86 31.93 11.04 -11.16
N PRO A 87 33.18 10.73 -10.85
CA PRO A 87 34.20 11.72 -10.87
C PRO A 87 34.57 12.09 -12.29
N ARG A 88 34.92 13.32 -12.47
CA ARG A 88 35.10 13.87 -13.78
C ARG A 88 36.43 13.47 -14.38
N SER A 89 36.40 12.45 -15.19
CA SER A 89 37.57 12.01 -15.85
C SER A 89 37.57 12.51 -17.29
N HIS A 90 38.58 13.25 -17.65
CA HIS A 90 38.68 13.76 -19.00
C HIS A 90 39.52 12.85 -19.85
N HIS A 91 40.50 12.21 -19.21
CA HIS A 91 41.37 11.28 -19.94
C HIS A 91 40.64 9.95 -20.07
N HIS A 92 39.79 9.68 -19.10
CA HIS A 92 39.00 8.46 -19.09
C HIS A 92 37.55 8.83 -19.33
N HIS A 93 37.12 8.73 -20.53
CA HIS A 93 35.75 9.04 -20.85
C HIS A 93 34.90 7.81 -20.84
N HIS A 94 33.61 8.01 -20.80
CA HIS A 94 32.68 6.89 -20.86
C HIS A 94 32.62 6.39 -22.28
N HIS A 95 32.23 5.18 -22.43
CA HIS A 95 32.20 4.56 -23.72
C HIS A 95 30.76 4.39 -24.15
N MET A 1 -5.20 21.00 -15.59
CA MET A 1 -5.21 20.68 -14.16
C MET A 1 -4.31 19.49 -13.92
N HIS A 2 -3.66 19.44 -12.78
CA HIS A 2 -2.90 18.29 -12.40
C HIS A 2 -3.29 17.88 -10.99
N THR A 3 -3.81 16.69 -10.87
CA THR A 3 -4.20 16.18 -9.59
C THR A 3 -2.96 15.88 -8.73
N ASN A 4 -2.82 16.62 -7.64
CA ASN A 4 -1.69 16.47 -6.76
C ASN A 4 -2.00 15.60 -5.59
N TRP A 5 -2.02 14.36 -5.85
CA TRP A 5 -2.26 13.34 -4.88
C TRP A 5 -0.99 12.62 -4.56
N GLN A 6 -1.05 11.74 -3.63
CA GLN A 6 0.07 10.98 -3.24
C GLN A 6 -0.11 9.54 -3.65
N VAL A 7 0.80 9.07 -4.44
CA VAL A 7 0.72 7.75 -4.98
C VAL A 7 1.55 6.79 -4.11
N CYS A 8 0.92 5.74 -3.64
CA CYS A 8 1.61 4.78 -2.84
C CYS A 8 1.53 3.43 -3.47
N SER A 9 2.61 2.70 -3.40
CA SER A 9 2.66 1.37 -3.87
C SER A 9 2.63 0.49 -2.65
N LEU A 10 2.09 -0.67 -2.78
CA LEU A 10 2.03 -1.60 -1.71
C LEU A 10 2.55 -2.91 -2.22
N VAL A 11 3.47 -3.49 -1.49
CA VAL A 11 3.95 -4.81 -1.80
C VAL A 11 3.19 -5.74 -0.91
N VAL A 12 2.23 -6.38 -1.47
CA VAL A 12 1.38 -7.26 -0.73
C VAL A 12 1.83 -8.69 -0.92
N GLN A 13 2.28 -9.29 0.15
CA GLN A 13 2.62 -10.68 0.19
C GLN A 13 1.37 -11.41 0.54
N ALA A 14 0.96 -12.31 -0.29
CA ALA A 14 -0.24 -13.03 -0.06
C ALA A 14 -0.09 -14.44 -0.57
N LYS A 15 -1.05 -15.30 -0.22
CA LYS A 15 -1.03 -16.67 -0.71
C LYS A 15 -1.08 -16.68 -2.22
N SER A 16 -0.01 -17.18 -2.78
CA SER A 16 0.28 -17.13 -4.19
C SER A 16 -0.72 -17.92 -5.04
N GLU A 17 -1.32 -18.93 -4.45
CA GLU A 17 -2.31 -19.73 -5.15
C GLU A 17 -3.69 -19.09 -5.02
N ARG A 18 -3.79 -18.10 -4.17
CA ARG A 18 -5.04 -17.43 -3.92
C ARG A 18 -4.94 -15.99 -4.43
N ILE A 19 -3.93 -15.76 -5.24
CA ILE A 19 -3.64 -14.44 -5.76
C ILE A 19 -4.76 -13.87 -6.62
N SER A 20 -5.43 -14.69 -7.36
CA SER A 20 -6.49 -14.26 -8.22
C SER A 20 -7.69 -13.78 -7.37
N ASP A 21 -7.93 -14.50 -6.29
CA ASP A 21 -8.97 -14.19 -5.31
C ASP A 21 -8.69 -12.83 -4.68
N ILE A 22 -7.48 -12.70 -4.19
CA ILE A 22 -7.01 -11.50 -3.52
C ILE A 22 -6.89 -10.31 -4.49
N SER A 23 -6.44 -10.55 -5.70
CA SER A 23 -6.26 -9.50 -6.70
C SER A 23 -7.61 -8.86 -7.06
N THR A 24 -8.67 -9.67 -7.02
CA THR A 24 -9.99 -9.18 -7.35
C THR A 24 -10.47 -8.26 -6.22
N GLN A 25 -10.17 -8.67 -5.00
CA GLN A 25 -10.40 -7.90 -3.83
C GLN A 25 -9.68 -6.55 -3.88
N LEU A 26 -8.37 -6.58 -4.12
CA LEU A 26 -7.57 -5.39 -4.14
C LEU A 26 -7.98 -4.43 -5.26
N ASN A 27 -8.40 -5.00 -6.38
CA ASN A 27 -8.82 -4.24 -7.56
C ASN A 27 -10.16 -3.52 -7.30
N ALA A 28 -10.88 -3.96 -6.28
CA ALA A 28 -12.21 -3.45 -6.00
C ALA A 28 -12.22 -2.28 -5.00
N PHE A 29 -11.07 -1.90 -4.49
CA PHE A 29 -11.03 -0.86 -3.53
C PHE A 29 -10.89 0.52 -4.21
N PRO A 30 -11.49 1.57 -3.60
CA PRO A 30 -11.49 2.95 -4.16
C PRO A 30 -10.10 3.54 -4.31
N GLY A 31 -9.65 3.67 -5.54
CA GLY A 31 -8.34 4.24 -5.79
C GLY A 31 -7.22 3.23 -5.66
N CYS A 32 -7.59 2.00 -5.43
CA CYS A 32 -6.64 0.93 -5.26
C CYS A 32 -6.73 -0.03 -6.42
N GLU A 33 -5.60 -0.30 -7.05
CA GLU A 33 -5.58 -1.21 -8.18
C GLU A 33 -4.26 -1.97 -8.18
N VAL A 34 -4.31 -3.23 -8.59
CA VAL A 34 -3.13 -4.04 -8.69
C VAL A 34 -2.42 -3.72 -10.01
N ALA A 35 -1.17 -3.40 -9.94
CA ALA A 35 -0.40 -3.07 -11.11
C ALA A 35 0.26 -4.32 -11.65
N VAL A 36 1.07 -4.94 -10.83
CA VAL A 36 1.79 -6.14 -11.20
C VAL A 36 1.44 -7.22 -10.23
N SER A 37 0.99 -8.34 -10.72
CA SER A 37 0.68 -9.45 -9.88
C SER A 37 1.59 -10.63 -10.19
N ASP A 38 2.57 -10.85 -9.35
CA ASP A 38 3.54 -11.91 -9.55
C ASP A 38 3.16 -13.10 -8.72
N ALA A 39 2.45 -14.01 -9.35
CA ALA A 39 1.99 -15.24 -8.73
C ALA A 39 3.13 -16.11 -8.13
N PRO A 40 4.26 -16.35 -8.88
CA PRO A 40 5.42 -17.16 -8.39
C PRO A 40 6.01 -16.72 -7.03
N SER A 41 6.20 -15.42 -6.84
CA SER A 41 6.78 -14.95 -5.60
C SER A 41 5.70 -14.67 -4.57
N GLY A 42 4.51 -14.39 -5.06
CA GLY A 42 3.42 -14.08 -4.18
C GLY A 42 3.34 -12.60 -3.93
N GLN A 43 3.85 -11.82 -4.86
CA GLN A 43 3.89 -10.38 -4.70
C GLN A 43 2.83 -9.73 -5.51
N LEU A 44 2.05 -8.97 -4.85
CA LEU A 44 1.04 -8.19 -5.47
C LEU A 44 1.38 -6.75 -5.30
N ILE A 45 1.70 -6.11 -6.38
CA ILE A 45 2.00 -4.70 -6.36
C ILE A 45 0.72 -3.95 -6.56
N VAL A 46 0.36 -3.20 -5.58
CA VAL A 46 -0.85 -2.47 -5.60
C VAL A 46 -0.51 -1.01 -5.57
N VAL A 47 -1.17 -0.24 -6.37
CA VAL A 47 -0.98 1.18 -6.37
C VAL A 47 -2.25 1.81 -5.89
N VAL A 48 -2.13 2.64 -4.90
CA VAL A 48 -3.23 3.35 -4.35
C VAL A 48 -2.88 4.82 -4.38
N GLU A 49 -3.55 5.56 -5.20
CA GLU A 49 -3.35 6.96 -5.19
C GLU A 49 -4.57 7.66 -4.65
N ALA A 50 -4.35 8.43 -3.63
CA ALA A 50 -5.39 9.15 -3.00
C ALA A 50 -4.89 10.54 -2.73
N GLU A 51 -5.79 11.46 -2.68
CA GLU A 51 -5.45 12.83 -2.50
C GLU A 51 -5.18 13.12 -1.02
N ASP A 52 -6.12 12.74 -0.18
CA ASP A 52 -5.99 12.95 1.25
C ASP A 52 -5.32 11.79 1.93
N SER A 53 -4.62 12.11 3.01
CA SER A 53 -3.93 11.15 3.86
C SER A 53 -4.91 10.08 4.35
N GLU A 54 -6.04 10.52 4.84
CA GLU A 54 -7.03 9.64 5.44
C GLU A 54 -7.60 8.69 4.40
N THR A 55 -7.85 9.21 3.22
CA THR A 55 -8.37 8.44 2.12
C THR A 55 -7.38 7.33 1.75
N LEU A 56 -6.09 7.66 1.81
CA LEU A 56 -5.05 6.71 1.53
C LEU A 56 -5.04 5.62 2.61
N ILE A 57 -5.03 6.05 3.87
CA ILE A 57 -4.98 5.16 5.04
C ILE A 57 -6.11 4.12 5.02
N GLN A 58 -7.35 4.58 4.90
CA GLN A 58 -8.50 3.69 4.96
C GLN A 58 -8.47 2.66 3.84
N THR A 59 -8.04 3.09 2.67
CA THR A 59 -7.97 2.22 1.51
C THR A 59 -6.83 1.20 1.66
N ILE A 60 -5.69 1.64 2.21
CA ILE A 60 -4.57 0.74 2.47
C ILE A 60 -4.99 -0.31 3.49
N GLU A 61 -5.79 0.11 4.46
CA GLU A 61 -6.29 -0.80 5.46
C GLU A 61 -7.24 -1.83 4.86
N SER A 62 -8.02 -1.45 3.86
CA SER A 62 -8.90 -2.36 3.16
C SER A 62 -8.08 -3.52 2.58
N VAL A 63 -6.96 -3.18 2.02
CA VAL A 63 -6.00 -4.12 1.46
C VAL A 63 -5.46 -5.05 2.56
N ARG A 64 -5.20 -4.48 3.74
CA ARG A 64 -4.68 -5.25 4.88
C ARG A 64 -5.78 -6.16 5.44
N ASN A 65 -7.01 -5.82 5.13
CA ASN A 65 -8.16 -6.55 5.59
C ASN A 65 -8.57 -7.65 4.63
N VAL A 66 -7.71 -7.99 3.70
CA VAL A 66 -7.99 -9.11 2.84
C VAL A 66 -7.45 -10.38 3.51
N GLU A 67 -8.23 -11.43 3.42
CA GLU A 67 -8.06 -12.69 4.16
C GLU A 67 -6.74 -13.35 3.88
N GLY A 68 -6.48 -13.61 2.62
CA GLY A 68 -5.28 -14.32 2.23
C GLY A 68 -4.04 -13.46 2.22
N VAL A 69 -4.16 -12.24 2.68
CA VAL A 69 -2.99 -11.36 2.75
C VAL A 69 -2.12 -11.68 3.97
N LEU A 70 -0.83 -11.73 3.75
CA LEU A 70 0.13 -12.05 4.78
C LEU A 70 0.72 -10.78 5.32
N ALA A 71 1.32 -10.01 4.44
CA ALA A 71 1.97 -8.80 4.83
C ALA A 71 1.85 -7.76 3.75
N VAL A 72 1.45 -6.59 4.13
CA VAL A 72 1.36 -5.45 3.24
C VAL A 72 2.47 -4.46 3.58
N SER A 73 3.37 -4.26 2.67
CA SER A 73 4.42 -3.30 2.88
C SER A 73 4.08 -2.01 2.13
N LEU A 74 4.14 -0.90 2.82
CA LEU A 74 3.81 0.39 2.28
C LEU A 74 5.05 0.98 1.62
N VAL A 75 4.96 1.23 0.34
CA VAL A 75 6.03 1.78 -0.43
C VAL A 75 5.70 3.21 -0.89
N TYR A 76 6.05 4.11 -0.02
CA TYR A 76 6.00 5.54 -0.26
C TYR A 76 7.11 6.12 0.60
N HIS A 77 6.85 6.11 1.88
CA HIS A 77 7.78 6.44 2.94
C HIS A 77 7.19 5.74 4.12
N GLN A 78 7.99 5.36 5.07
CA GLN A 78 7.44 4.63 6.19
C GLN A 78 6.72 5.56 7.17
N GLN A 79 7.32 6.71 7.43
CA GLN A 79 6.72 7.68 8.34
C GLN A 79 6.58 9.06 7.70
N GLU A 80 7.28 9.27 6.61
CA GLU A 80 7.30 10.59 6.02
C GLU A 80 6.15 10.76 5.04
N GLU A 81 4.98 10.95 5.55
CA GLU A 81 3.84 11.16 4.71
C GLU A 81 3.81 12.61 4.24
N GLN A 82 4.15 13.50 5.15
CA GLN A 82 4.21 14.92 4.84
C GLN A 82 5.58 15.20 4.23
N GLY A 83 6.57 14.58 4.80
CA GLY A 83 7.92 14.73 4.36
C GLY A 83 8.84 14.75 5.54
N GLU A 84 10.03 15.23 5.36
CA GLU A 84 10.99 15.34 6.44
C GLU A 84 11.22 16.81 6.74
N GLU A 85 10.72 17.64 5.85
CA GLU A 85 10.82 19.07 5.96
C GLU A 85 10.10 19.55 7.23
N THR A 86 10.74 20.42 7.98
CA THR A 86 10.12 20.91 9.16
C THR A 86 10.34 22.42 9.32
N PRO A 87 9.29 23.19 9.07
CA PRO A 87 9.35 24.63 9.22
C PRO A 87 9.05 25.04 10.67
N ARG A 88 9.13 26.32 10.95
CA ARG A 88 8.91 26.82 12.29
C ARG A 88 7.42 26.95 12.60
N SER A 89 6.81 28.05 12.18
CA SER A 89 5.39 28.28 12.40
C SER A 89 4.72 28.65 11.07
N HIS A 90 5.35 28.21 10.00
CA HIS A 90 4.93 28.54 8.65
C HIS A 90 4.82 27.27 7.81
N HIS A 91 3.62 26.77 7.64
CA HIS A 91 3.45 25.55 6.85
C HIS A 91 3.53 25.87 5.37
N HIS A 92 4.32 25.10 4.66
CA HIS A 92 4.45 25.28 3.24
C HIS A 92 3.41 24.45 2.56
N HIS A 93 2.40 25.08 2.05
CA HIS A 93 1.32 24.36 1.44
C HIS A 93 1.38 24.48 -0.06
N HIS A 94 0.56 23.73 -0.71
CA HIS A 94 0.46 23.75 -2.14
C HIS A 94 -0.79 24.54 -2.53
N HIS A 95 -0.98 24.73 -3.79
CA HIS A 95 -2.14 25.44 -4.28
C HIS A 95 -2.82 24.59 -5.33
N MET A 1 -11.67 20.90 -9.24
CA MET A 1 -10.45 21.28 -9.96
C MET A 1 -9.41 20.20 -9.85
N HIS A 2 -8.25 20.40 -10.47
CA HIS A 2 -7.21 19.39 -10.48
C HIS A 2 -6.40 19.41 -9.21
N THR A 3 -6.80 18.59 -8.28
CA THR A 3 -6.15 18.45 -7.02
C THR A 3 -5.01 17.46 -7.11
N ASN A 4 -3.98 17.70 -6.37
CA ASN A 4 -2.84 16.83 -6.37
C ASN A 4 -3.02 15.81 -5.29
N TRP A 5 -3.00 14.59 -5.67
CA TRP A 5 -3.18 13.50 -4.77
C TRP A 5 -2.08 12.50 -4.98
N GLN A 6 -1.68 11.86 -3.92
CA GLN A 6 -0.51 11.02 -3.94
C GLN A 6 -0.83 9.58 -4.27
N VAL A 7 0.05 8.97 -5.01
CA VAL A 7 -0.08 7.60 -5.40
C VAL A 7 0.99 6.79 -4.66
N CYS A 8 0.69 5.58 -4.31
CA CYS A 8 1.63 4.75 -3.63
C CYS A 8 1.55 3.31 -4.12
N SER A 9 2.66 2.68 -4.28
CA SER A 9 2.73 1.32 -4.64
C SER A 9 2.75 0.48 -3.38
N LEU A 10 1.83 -0.40 -3.31
CA LEU A 10 1.77 -1.32 -2.23
C LEU A 10 2.25 -2.65 -2.70
N VAL A 11 3.13 -3.20 -1.95
CA VAL A 11 3.62 -4.50 -2.19
C VAL A 11 2.86 -5.42 -1.25
N VAL A 12 1.90 -6.09 -1.79
CA VAL A 12 1.06 -6.94 -1.01
C VAL A 12 1.52 -8.36 -1.12
N GLN A 13 2.03 -8.90 -0.04
CA GLN A 13 2.44 -10.26 0.00
C GLN A 13 1.24 -11.07 0.42
N ALA A 14 0.82 -11.93 -0.44
CA ALA A 14 -0.37 -12.69 -0.25
C ALA A 14 -0.14 -14.15 -0.62
N LYS A 15 -1.13 -14.98 -0.35
CA LYS A 15 -1.09 -16.39 -0.72
C LYS A 15 -0.94 -16.54 -2.23
N SER A 16 0.16 -17.14 -2.63
CA SER A 16 0.45 -17.40 -4.02
C SER A 16 -0.67 -18.23 -4.67
N GLU A 17 -1.24 -19.17 -3.93
CA GLU A 17 -2.31 -20.02 -4.44
C GLU A 17 -3.62 -19.25 -4.65
N ARG A 18 -3.74 -18.12 -3.98
CA ARG A 18 -4.99 -17.39 -3.92
C ARG A 18 -4.86 -16.03 -4.62
N ILE A 19 -3.75 -15.86 -5.32
CA ILE A 19 -3.41 -14.62 -6.04
C ILE A 19 -4.54 -14.07 -6.90
N SER A 20 -5.14 -14.90 -7.72
CA SER A 20 -6.18 -14.49 -8.65
C SER A 20 -7.42 -13.91 -7.93
N ASP A 21 -7.75 -14.47 -6.79
CA ASP A 21 -8.90 -14.00 -6.02
C ASP A 21 -8.57 -12.71 -5.35
N ILE A 22 -7.38 -12.62 -4.84
CA ILE A 22 -6.93 -11.46 -4.10
C ILE A 22 -6.73 -10.27 -5.03
N SER A 23 -6.14 -10.48 -6.20
CA SER A 23 -5.89 -9.42 -7.15
C SER A 23 -7.20 -8.80 -7.63
N THR A 24 -8.13 -9.64 -8.03
CA THR A 24 -9.43 -9.21 -8.49
C THR A 24 -10.18 -8.45 -7.37
N GLN A 25 -10.00 -8.90 -6.13
CA GLN A 25 -10.57 -8.28 -5.00
C GLN A 25 -9.97 -6.89 -4.81
N LEU A 26 -8.64 -6.80 -4.85
CA LEU A 26 -7.93 -5.56 -4.65
C LEU A 26 -8.26 -4.54 -5.72
N ASN A 27 -8.49 -5.01 -6.92
CA ASN A 27 -8.88 -4.15 -8.05
C ASN A 27 -10.27 -3.55 -7.85
N ALA A 28 -11.00 -4.12 -6.93
CA ALA A 28 -12.34 -3.68 -6.64
C ALA A 28 -12.34 -2.68 -5.49
N PHE A 29 -11.18 -2.40 -4.94
CA PHE A 29 -11.04 -1.45 -3.87
C PHE A 29 -11.01 -0.04 -4.43
N PRO A 30 -11.42 0.97 -3.64
CA PRO A 30 -11.45 2.36 -4.07
C PRO A 30 -10.06 2.93 -4.25
N GLY A 31 -9.61 2.94 -5.47
CA GLY A 31 -8.33 3.49 -5.77
C GLY A 31 -7.22 2.49 -5.61
N CYS A 32 -7.52 1.22 -5.83
CA CYS A 32 -6.50 0.21 -5.80
C CYS A 32 -6.45 -0.54 -7.13
N GLU A 33 -5.29 -0.57 -7.75
CA GLU A 33 -5.09 -1.25 -9.01
C GLU A 33 -3.90 -2.19 -8.92
N VAL A 34 -4.13 -3.45 -9.18
CA VAL A 34 -3.08 -4.42 -9.19
C VAL A 34 -2.34 -4.29 -10.51
N ALA A 35 -1.21 -3.68 -10.44
CA ALA A 35 -0.40 -3.40 -11.59
C ALA A 35 0.34 -4.65 -12.03
N VAL A 36 0.94 -5.33 -11.08
CA VAL A 36 1.76 -6.49 -11.38
C VAL A 36 1.46 -7.58 -10.38
N SER A 37 1.10 -8.74 -10.86
CA SER A 37 0.95 -9.87 -10.00
C SER A 37 2.18 -10.74 -10.20
N ASP A 38 2.78 -11.17 -9.12
CA ASP A 38 3.92 -12.05 -9.18
C ASP A 38 3.63 -13.26 -8.32
N ALA A 39 3.06 -14.27 -8.94
CA ALA A 39 2.70 -15.51 -8.26
C ALA A 39 3.90 -16.23 -7.60
N PRO A 40 5.11 -16.32 -8.27
CA PRO A 40 6.34 -16.92 -7.69
C PRO A 40 6.62 -16.46 -6.24
N SER A 41 6.50 -15.18 -5.97
CA SER A 41 6.71 -14.69 -4.62
C SER A 41 5.38 -14.58 -3.87
N GLY A 42 4.32 -14.35 -4.62
CA GLY A 42 3.03 -14.18 -4.04
C GLY A 42 2.78 -12.73 -3.75
N GLN A 43 3.49 -11.87 -4.44
CA GLN A 43 3.36 -10.47 -4.26
C GLN A 43 2.54 -9.83 -5.34
N LEU A 44 1.69 -8.94 -4.91
CA LEU A 44 0.88 -8.17 -5.80
C LEU A 44 1.29 -6.71 -5.66
N ILE A 45 1.64 -6.10 -6.75
CA ILE A 45 1.95 -4.70 -6.74
C ILE A 45 0.66 -3.96 -6.99
N VAL A 46 0.24 -3.19 -6.04
CA VAL A 46 -0.99 -2.47 -6.14
C VAL A 46 -0.73 -0.98 -6.05
N VAL A 47 -1.19 -0.25 -7.02
CA VAL A 47 -1.05 1.16 -7.00
C VAL A 47 -2.30 1.76 -6.39
N VAL A 48 -2.13 2.36 -5.25
CA VAL A 48 -3.21 2.97 -4.53
C VAL A 48 -2.99 4.46 -4.48
N GLU A 49 -3.96 5.20 -4.93
CA GLU A 49 -3.85 6.62 -4.84
C GLU A 49 -4.93 7.19 -3.96
N ALA A 50 -4.55 8.16 -3.17
CA ALA A 50 -5.44 8.79 -2.25
C ALA A 50 -5.12 10.26 -2.14
N GLU A 51 -6.11 11.02 -1.76
CA GLU A 51 -5.97 12.46 -1.65
C GLU A 51 -5.07 12.86 -0.49
N ASP A 52 -5.58 12.71 0.71
CA ASP A 52 -4.89 13.11 1.90
C ASP A 52 -4.29 11.89 2.57
N SER A 53 -3.56 12.10 3.64
CA SER A 53 -2.93 11.00 4.35
C SER A 53 -3.98 10.15 5.08
N GLU A 54 -4.98 10.81 5.67
CA GLU A 54 -6.03 10.09 6.39
C GLU A 54 -6.83 9.18 5.45
N THR A 55 -7.11 9.67 4.25
CA THR A 55 -7.81 8.90 3.27
C THR A 55 -6.95 7.72 2.79
N LEU A 56 -5.64 7.91 2.83
CA LEU A 56 -4.71 6.87 2.44
C LEU A 56 -4.75 5.74 3.45
N ILE A 57 -4.69 6.11 4.73
CA ILE A 57 -4.70 5.16 5.84
C ILE A 57 -5.90 4.23 5.75
N GLN A 58 -7.08 4.80 5.58
CA GLN A 58 -8.33 4.05 5.53
C GLN A 58 -8.35 3.03 4.40
N THR A 59 -7.86 3.41 3.23
CA THR A 59 -7.82 2.50 2.11
C THR A 59 -6.88 1.32 2.44
N ILE A 60 -5.73 1.64 3.03
CA ILE A 60 -4.75 0.63 3.42
C ILE A 60 -5.35 -0.32 4.47
N GLU A 61 -6.10 0.24 5.42
CA GLU A 61 -6.77 -0.54 6.45
C GLU A 61 -7.73 -1.53 5.82
N SER A 62 -8.48 -1.07 4.83
CA SER A 62 -9.43 -1.91 4.12
C SER A 62 -8.67 -3.03 3.36
N VAL A 63 -7.52 -2.69 2.76
CA VAL A 63 -6.68 -3.68 2.07
C VAL A 63 -6.16 -4.74 3.07
N ARG A 64 -5.81 -4.28 4.26
CA ARG A 64 -5.33 -5.14 5.34
C ARG A 64 -6.45 -6.00 5.91
N ASN A 65 -7.66 -5.73 5.50
CA ASN A 65 -8.83 -6.49 5.95
C ASN A 65 -9.14 -7.66 5.05
N VAL A 66 -8.24 -7.93 4.11
CA VAL A 66 -8.42 -9.09 3.27
C VAL A 66 -7.82 -10.31 3.92
N GLU A 67 -8.59 -11.35 3.87
CA GLU A 67 -8.27 -12.66 4.32
C GLU A 67 -6.90 -13.17 3.80
N GLY A 68 -6.74 -13.21 2.49
CA GLY A 68 -5.55 -13.80 1.91
C GLY A 68 -4.29 -12.94 1.95
N VAL A 69 -4.35 -11.79 2.59
CA VAL A 69 -3.19 -10.92 2.65
C VAL A 69 -2.35 -11.23 3.89
N LEU A 70 -1.05 -11.24 3.72
CA LEU A 70 -0.13 -11.55 4.80
C LEU A 70 0.57 -10.29 5.23
N ALA A 71 1.22 -9.64 4.29
CA ALA A 71 1.96 -8.46 4.59
C ALA A 71 1.69 -7.39 3.56
N VAL A 72 1.38 -6.22 4.03
CA VAL A 72 1.21 -5.10 3.16
C VAL A 72 2.40 -4.19 3.37
N SER A 73 3.23 -4.12 2.40
CA SER A 73 4.42 -3.33 2.45
C SER A 73 4.20 -2.04 1.66
N LEU A 74 4.33 -0.92 2.33
CA LEU A 74 4.12 0.37 1.71
C LEU A 74 5.42 0.82 1.05
N VAL A 75 5.30 1.46 -0.11
CA VAL A 75 6.45 1.97 -0.88
C VAL A 75 7.16 3.12 -0.12
N TYR A 76 6.44 3.72 0.79
CA TYR A 76 6.89 4.81 1.59
C TYR A 76 6.16 4.73 2.90
N HIS A 77 6.85 4.82 3.99
CA HIS A 77 6.20 4.75 5.27
C HIS A 77 5.63 6.12 5.59
N GLN A 78 4.35 6.17 5.83
CA GLN A 78 3.68 7.42 6.14
C GLN A 78 4.05 7.94 7.53
N GLN A 79 3.44 9.00 7.95
CA GLN A 79 3.83 9.65 9.18
C GLN A 79 2.63 9.86 10.09
N GLU A 80 2.93 10.29 11.30
CA GLU A 80 1.93 10.68 12.24
C GLU A 80 1.50 12.11 11.90
N GLU A 81 0.80 12.25 10.77
CA GLU A 81 0.33 13.56 10.35
C GLU A 81 -0.70 14.02 11.36
N GLN A 82 -1.51 13.08 11.76
CA GLN A 82 -2.42 13.25 12.84
C GLN A 82 -1.94 12.33 13.93
N GLY A 83 -1.06 12.85 14.75
CA GLY A 83 -0.48 12.06 15.78
C GLY A 83 -1.26 12.12 17.05
N GLU A 84 -1.04 11.13 17.90
CA GLU A 84 -1.68 11.00 19.20
C GLU A 84 -3.17 10.72 19.07
N GLU A 85 -3.55 10.19 17.90
CA GLU A 85 -4.92 9.72 17.68
C GLU A 85 -5.12 8.45 18.46
N THR A 86 -4.04 7.75 18.65
CA THR A 86 -3.98 6.63 19.49
C THR A 86 -2.94 6.95 20.61
N PRO A 87 -3.41 7.51 21.73
CA PRO A 87 -2.53 7.95 22.80
C PRO A 87 -2.06 6.80 23.68
N ARG A 88 -1.09 7.08 24.54
CA ARG A 88 -0.58 6.05 25.44
C ARG A 88 -1.56 5.84 26.59
N SER A 89 -2.28 6.88 26.95
CA SER A 89 -3.29 6.78 27.95
C SER A 89 -4.56 6.34 27.22
N HIS A 90 -4.99 5.13 27.48
CA HIS A 90 -6.13 4.55 26.79
C HIS A 90 -7.43 5.11 27.35
N HIS A 91 -7.38 5.63 28.56
CA HIS A 91 -8.51 6.30 29.15
C HIS A 91 -8.45 7.74 28.76
N HIS A 92 -9.59 8.33 28.54
CA HIS A 92 -9.64 9.70 28.11
C HIS A 92 -9.46 10.68 29.23
N HIS A 93 -9.03 11.86 28.85
CA HIS A 93 -8.72 12.95 29.73
C HIS A 93 -10.01 13.54 30.32
N HIS A 94 -11.06 13.48 29.53
CA HIS A 94 -12.34 14.01 29.92
C HIS A 94 -13.11 12.97 30.70
N HIS A 95 -13.68 13.40 31.78
CA HIS A 95 -14.44 12.55 32.66
C HIS A 95 -15.89 12.99 32.62
N MET A 1 -5.71 23.57 0.40
CA MET A 1 -6.18 22.50 -0.49
C MET A 1 -5.04 21.56 -0.76
N HIS A 2 -5.32 20.28 -0.79
CA HIS A 2 -4.29 19.33 -1.09
C HIS A 2 -4.29 19.10 -2.60
N THR A 3 -5.40 18.58 -3.11
CA THR A 3 -5.63 18.27 -4.54
C THR A 3 -4.62 17.28 -5.15
N ASN A 4 -5.08 16.54 -6.16
CA ASN A 4 -4.27 15.55 -6.90
C ASN A 4 -4.06 14.30 -6.07
N TRP A 5 -4.28 13.18 -6.69
CA TRP A 5 -4.06 11.93 -6.04
C TRP A 5 -2.58 11.68 -5.83
N GLN A 6 -2.28 11.09 -4.73
CA GLN A 6 -0.96 10.68 -4.40
C GLN A 6 -0.98 9.19 -4.27
N VAL A 7 0.10 8.55 -4.61
CA VAL A 7 0.12 7.11 -4.59
C VAL A 7 1.07 6.57 -3.56
N CYS A 8 0.85 5.34 -3.23
CA CYS A 8 1.72 4.58 -2.40
C CYS A 8 1.70 3.16 -2.90
N SER A 9 2.87 2.62 -3.15
CA SER A 9 3.00 1.26 -3.56
C SER A 9 3.02 0.38 -2.33
N LEU A 10 2.31 -0.70 -2.42
CA LEU A 10 2.22 -1.62 -1.37
C LEU A 10 2.66 -2.97 -1.88
N VAL A 11 3.65 -3.54 -1.28
CA VAL A 11 4.06 -4.86 -1.65
C VAL A 11 3.30 -5.81 -0.77
N VAL A 12 2.32 -6.39 -1.34
CA VAL A 12 1.44 -7.28 -0.66
C VAL A 12 1.90 -8.71 -0.82
N GLN A 13 2.29 -9.29 0.25
CA GLN A 13 2.65 -10.68 0.29
C GLN A 13 1.36 -11.44 0.53
N ALA A 14 0.97 -12.27 -0.39
CA ALA A 14 -0.27 -12.96 -0.28
C ALA A 14 -0.11 -14.41 -0.68
N LYS A 15 -1.14 -15.20 -0.47
CA LYS A 15 -1.16 -16.59 -0.89
C LYS A 15 -1.06 -16.68 -2.40
N SER A 16 -0.04 -17.35 -2.87
CA SER A 16 0.25 -17.51 -4.28
C SER A 16 -0.90 -18.22 -5.02
N GLU A 17 -1.55 -19.12 -4.31
CA GLU A 17 -2.64 -19.91 -4.88
C GLU A 17 -3.98 -19.18 -4.77
N ARG A 18 -3.97 -18.00 -4.20
CA ARG A 18 -5.18 -17.24 -4.03
C ARG A 18 -5.03 -15.86 -4.69
N ILE A 19 -4.02 -15.73 -5.53
CA ILE A 19 -3.69 -14.47 -6.18
C ILE A 19 -4.84 -13.92 -7.04
N SER A 20 -5.47 -14.77 -7.81
CA SER A 20 -6.58 -14.36 -8.68
C SER A 20 -7.76 -13.83 -7.85
N ASP A 21 -7.91 -14.38 -6.67
CA ASP A 21 -8.95 -14.01 -5.73
C ASP A 21 -8.63 -12.68 -5.07
N ILE A 22 -7.44 -12.60 -4.53
CA ILE A 22 -6.97 -11.43 -3.79
C ILE A 22 -6.81 -10.21 -4.70
N SER A 23 -6.26 -10.39 -5.88
CA SER A 23 -6.03 -9.27 -6.80
C SER A 23 -7.34 -8.59 -7.20
N THR A 24 -8.38 -9.37 -7.38
CA THR A 24 -9.66 -8.86 -7.82
C THR A 24 -10.31 -8.10 -6.68
N GLN A 25 -10.04 -8.58 -5.50
CA GLN A 25 -10.50 -8.02 -4.29
C GLN A 25 -9.78 -6.71 -3.95
N LEU A 26 -8.47 -6.66 -4.21
CA LEU A 26 -7.70 -5.46 -4.02
C LEU A 26 -8.13 -4.39 -5.00
N ASN A 27 -8.43 -4.83 -6.20
CA ASN A 27 -8.88 -3.94 -7.28
C ASN A 27 -10.32 -3.45 -7.08
N ALA A 28 -10.97 -3.93 -6.04
CA ALA A 28 -12.34 -3.53 -5.77
C ALA A 28 -12.37 -2.25 -4.93
N PHE A 29 -11.28 -1.98 -4.21
CA PHE A 29 -11.20 -0.85 -3.36
C PHE A 29 -11.01 0.44 -4.17
N PRO A 30 -11.59 1.57 -3.70
CA PRO A 30 -11.55 2.86 -4.42
C PRO A 30 -10.12 3.40 -4.61
N GLY A 31 -9.69 3.44 -5.86
CA GLY A 31 -8.38 3.97 -6.20
C GLY A 31 -7.27 2.96 -6.03
N CYS A 32 -7.62 1.78 -5.60
CA CYS A 32 -6.68 0.74 -5.36
C CYS A 32 -6.60 -0.19 -6.56
N GLU A 33 -5.42 -0.31 -7.11
CA GLU A 33 -5.19 -1.19 -8.23
C GLU A 33 -3.90 -1.99 -8.04
N VAL A 34 -3.97 -3.24 -8.40
CA VAL A 34 -2.83 -4.09 -8.42
C VAL A 34 -2.10 -3.80 -9.73
N ALA A 35 -0.99 -3.15 -9.63
CA ALA A 35 -0.23 -2.75 -10.78
C ALA A 35 0.59 -3.91 -11.29
N VAL A 36 1.19 -4.64 -10.38
CA VAL A 36 2.04 -5.75 -10.73
C VAL A 36 1.60 -6.97 -9.93
N SER A 37 1.10 -7.96 -10.58
CA SER A 37 0.70 -9.16 -9.93
C SER A 37 1.66 -10.28 -10.30
N ASP A 38 2.45 -10.74 -9.36
CA ASP A 38 3.38 -11.82 -9.63
C ASP A 38 3.00 -13.04 -8.83
N ALA A 39 2.14 -13.85 -9.42
CA ALA A 39 1.65 -15.09 -8.82
C ALA A 39 2.78 -16.08 -8.44
N PRO A 40 3.83 -16.30 -9.32
CA PRO A 40 4.99 -17.16 -9.01
C PRO A 40 5.60 -16.92 -7.62
N SER A 41 5.77 -15.66 -7.21
CA SER A 41 6.28 -15.38 -5.89
C SER A 41 5.15 -15.24 -4.87
N GLY A 42 4.00 -14.77 -5.33
CA GLY A 42 2.86 -14.55 -4.46
C GLY A 42 2.86 -13.14 -3.92
N GLN A 43 3.49 -12.26 -4.66
CA GLN A 43 3.62 -10.88 -4.27
C GLN A 43 2.91 -9.99 -5.25
N LEU A 44 2.13 -9.09 -4.71
CA LEU A 44 1.35 -8.17 -5.50
C LEU A 44 1.79 -6.76 -5.19
N ILE A 45 1.91 -5.95 -6.20
CA ILE A 45 2.20 -4.56 -6.02
C ILE A 45 0.91 -3.79 -6.18
N VAL A 46 0.50 -3.15 -5.15
CA VAL A 46 -0.73 -2.40 -5.17
C VAL A 46 -0.42 -0.93 -5.15
N VAL A 47 -1.04 -0.21 -6.03
CA VAL A 47 -0.89 1.20 -6.12
C VAL A 47 -2.21 1.82 -5.71
N VAL A 48 -2.19 2.51 -4.62
CA VAL A 48 -3.35 3.19 -4.14
C VAL A 48 -3.27 4.65 -4.53
N GLU A 49 -4.27 5.12 -5.22
CA GLU A 49 -4.37 6.52 -5.59
C GLU A 49 -5.41 7.15 -4.70
N ALA A 50 -5.02 8.15 -3.98
CA ALA A 50 -5.94 8.87 -3.13
C ALA A 50 -5.50 10.31 -3.03
N GLU A 51 -6.43 11.21 -3.09
CA GLU A 51 -6.12 12.63 -3.04
C GLU A 51 -5.88 13.07 -1.60
N ASP A 52 -6.61 12.48 -0.69
CA ASP A 52 -6.53 12.86 0.70
C ASP A 52 -5.70 11.84 1.47
N SER A 53 -5.00 12.31 2.48
CA SER A 53 -4.14 11.49 3.29
C SER A 53 -4.94 10.40 4.05
N GLU A 54 -6.09 10.76 4.60
CA GLU A 54 -6.89 9.85 5.36
C GLU A 54 -7.55 8.84 4.45
N THR A 55 -7.92 9.29 3.27
CA THR A 55 -8.51 8.45 2.26
C THR A 55 -7.48 7.38 1.81
N LEU A 56 -6.21 7.76 1.84
CA LEU A 56 -5.12 6.88 1.51
C LEU A 56 -5.00 5.82 2.60
N ILE A 57 -4.95 6.28 3.86
CA ILE A 57 -4.83 5.39 5.04
C ILE A 57 -5.94 4.34 5.06
N GLN A 58 -7.17 4.80 4.83
CA GLN A 58 -8.34 3.99 4.82
C GLN A 58 -8.20 2.86 3.79
N THR A 59 -7.76 3.20 2.61
CA THR A 59 -7.65 2.24 1.56
C THR A 59 -6.47 1.26 1.81
N ILE A 60 -5.38 1.77 2.39
CA ILE A 60 -4.21 0.94 2.71
C ILE A 60 -4.58 -0.13 3.77
N GLU A 61 -5.26 0.28 4.83
CA GLU A 61 -5.70 -0.66 5.87
C GLU A 61 -6.67 -1.69 5.32
N SER A 62 -7.48 -1.27 4.36
CA SER A 62 -8.42 -2.15 3.69
C SER A 62 -7.69 -3.29 2.99
N VAL A 63 -6.63 -2.95 2.31
CA VAL A 63 -5.78 -3.91 1.62
C VAL A 63 -5.20 -4.92 2.63
N ARG A 64 -4.88 -4.44 3.82
CA ARG A 64 -4.32 -5.27 4.88
C ARG A 64 -5.41 -6.14 5.52
N ASN A 65 -6.66 -5.81 5.26
CA ASN A 65 -7.82 -6.56 5.79
C ASN A 65 -8.21 -7.71 4.89
N VAL A 66 -7.54 -7.84 3.77
CA VAL A 66 -7.85 -8.91 2.85
C VAL A 66 -7.34 -10.25 3.38
N GLU A 67 -8.25 -11.19 3.37
CA GLU A 67 -8.13 -12.57 3.83
C GLU A 67 -6.76 -13.19 3.58
N GLY A 68 -6.42 -13.35 2.32
CA GLY A 68 -5.20 -14.02 1.97
C GLY A 68 -3.99 -13.14 2.01
N VAL A 69 -4.16 -11.94 2.50
CA VAL A 69 -3.04 -11.03 2.63
C VAL A 69 -2.31 -11.29 3.93
N LEU A 70 -1.01 -11.44 3.83
CA LEU A 70 -0.18 -11.79 4.94
C LEU A 70 0.55 -10.55 5.45
N ALA A 71 1.34 -9.97 4.58
CA ALA A 71 2.16 -8.85 4.93
C ALA A 71 2.10 -7.80 3.85
N VAL A 72 1.74 -6.60 4.23
CA VAL A 72 1.72 -5.49 3.31
C VAL A 72 2.86 -4.53 3.65
N SER A 73 3.80 -4.44 2.75
CA SER A 73 4.92 -3.56 2.92
C SER A 73 4.55 -2.21 2.27
N LEU A 74 4.46 -1.18 3.09
CA LEU A 74 4.09 0.13 2.62
C LEU A 74 5.38 0.83 2.18
N VAL A 75 5.44 1.22 0.90
CA VAL A 75 6.66 1.79 0.29
C VAL A 75 7.20 3.04 1.03
N TYR A 76 6.33 3.79 1.65
CA TYR A 76 6.71 5.04 2.26
C TYR A 76 6.13 5.13 3.66
N HIS A 77 6.93 4.75 4.62
CA HIS A 77 6.58 4.84 6.03
C HIS A 77 7.85 4.85 6.81
N GLN A 78 7.93 5.66 7.80
CA GLN A 78 9.09 5.73 8.62
C GLN A 78 8.67 5.70 10.08
N GLN A 79 9.54 5.18 10.92
CA GLN A 79 9.23 4.99 12.33
C GLN A 79 9.25 6.30 13.10
N GLU A 80 8.19 7.05 12.98
CA GLU A 80 8.04 8.32 13.67
C GLU A 80 7.12 8.15 14.85
N GLU A 81 5.93 7.65 14.59
CA GLU A 81 4.91 7.48 15.62
C GLU A 81 5.14 6.25 16.46
N GLN A 82 6.03 5.39 16.01
CA GLN A 82 6.41 4.21 16.74
C GLN A 82 7.85 3.83 16.40
N GLY A 83 8.75 4.29 17.23
CA GLY A 83 10.16 3.98 17.04
C GLY A 83 10.92 4.19 18.30
N GLU A 84 10.91 5.40 18.80
CA GLU A 84 11.64 5.76 20.01
C GLU A 84 10.74 5.59 21.25
N GLU A 85 9.68 4.81 21.06
CA GLU A 85 8.69 4.52 22.08
C GLU A 85 9.32 4.02 23.34
N THR A 86 9.15 4.74 24.40
CA THR A 86 9.67 4.35 25.66
C THR A 86 8.51 3.85 26.55
N PRO A 87 8.30 2.52 26.64
CA PRO A 87 7.23 1.98 27.45
C PRO A 87 7.67 1.76 28.91
N ARG A 88 8.94 1.57 29.11
CA ARG A 88 9.47 1.25 30.41
C ARG A 88 9.99 2.51 31.08
N SER A 89 9.22 3.03 32.00
CA SER A 89 9.58 4.23 32.69
C SER A 89 10.12 3.91 34.07
N HIS A 90 11.42 3.94 34.18
CA HIS A 90 12.11 3.64 35.42
C HIS A 90 12.19 4.89 36.26
N HIS A 91 12.34 4.72 37.55
CA HIS A 91 12.45 5.85 38.43
C HIS A 91 13.93 6.07 38.70
N HIS A 92 14.56 6.79 37.79
CA HIS A 92 15.98 7.06 37.87
C HIS A 92 16.21 8.53 37.50
N HIS A 93 15.24 9.35 37.82
CA HIS A 93 15.28 10.76 37.52
C HIS A 93 14.34 11.54 38.42
N HIS A 94 14.72 12.75 38.71
CA HIS A 94 13.91 13.66 39.50
C HIS A 94 13.10 14.51 38.56
N HIS A 95 13.73 14.88 37.48
CA HIS A 95 13.11 15.63 36.44
C HIS A 95 13.13 14.77 35.21
N MET A 1 -5.99 19.86 1.71
CA MET A 1 -6.42 19.15 0.51
C MET A 1 -5.23 18.93 -0.39
N HIS A 2 -5.04 17.70 -0.82
CA HIS A 2 -3.94 17.37 -1.70
C HIS A 2 -4.29 17.59 -3.16
N THR A 3 -3.83 18.68 -3.71
CA THR A 3 -3.94 18.89 -5.12
C THR A 3 -2.90 18.00 -5.81
N ASN A 4 -1.82 17.78 -5.07
CA ASN A 4 -0.82 16.80 -5.43
C ASN A 4 -1.11 15.56 -4.60
N TRP A 5 -2.03 14.76 -5.09
CA TRP A 5 -2.44 13.54 -4.43
C TRP A 5 -1.29 12.55 -4.28
N GLN A 6 -1.27 11.92 -3.14
CA GLN A 6 -0.22 11.03 -2.76
C GLN A 6 -0.50 9.60 -3.19
N VAL A 7 0.51 9.00 -3.76
CA VAL A 7 0.46 7.66 -4.25
C VAL A 7 1.32 6.77 -3.37
N CYS A 8 0.94 5.55 -3.23
CA CYS A 8 1.69 4.59 -2.49
C CYS A 8 1.64 3.27 -3.21
N SER A 9 2.73 2.60 -3.24
CA SER A 9 2.81 1.30 -3.82
C SER A 9 2.77 0.30 -2.70
N LEU A 10 2.02 -0.70 -2.87
CA LEU A 10 1.91 -1.70 -1.88
C LEU A 10 2.38 -3.00 -2.43
N VAL A 11 3.34 -3.57 -1.78
CA VAL A 11 3.79 -4.89 -2.16
C VAL A 11 3.01 -5.85 -1.30
N VAL A 12 2.03 -6.43 -1.87
CA VAL A 12 1.17 -7.32 -1.19
C VAL A 12 1.71 -8.73 -1.28
N GLN A 13 2.14 -9.23 -0.17
CA GLN A 13 2.62 -10.57 -0.05
C GLN A 13 1.48 -11.40 0.45
N ALA A 14 0.98 -12.25 -0.39
CA ALA A 14 -0.20 -13.01 -0.10
C ALA A 14 -0.06 -14.45 -0.55
N LYS A 15 -1.05 -15.26 -0.18
CA LYS A 15 -1.13 -16.67 -0.60
C LYS A 15 -1.13 -16.78 -2.11
N SER A 16 -0.14 -17.47 -2.64
CA SER A 16 0.04 -17.65 -4.07
C SER A 16 -1.19 -18.34 -4.69
N GLU A 17 -1.76 -19.26 -3.95
CA GLU A 17 -2.92 -20.01 -4.40
C GLU A 17 -4.20 -19.15 -4.42
N ARG A 18 -4.20 -18.07 -3.67
CA ARG A 18 -5.40 -17.27 -3.50
C ARG A 18 -5.25 -15.91 -4.19
N ILE A 19 -4.15 -15.76 -4.93
CA ILE A 19 -3.78 -14.52 -5.62
C ILE A 19 -4.91 -13.91 -6.45
N SER A 20 -5.56 -14.70 -7.29
CA SER A 20 -6.59 -14.20 -8.19
C SER A 20 -7.79 -13.59 -7.45
N ASP A 21 -8.09 -14.12 -6.28
CA ASP A 21 -9.22 -13.61 -5.51
C ASP A 21 -8.82 -12.34 -4.77
N ILE A 22 -7.59 -12.36 -4.30
CA ILE A 22 -7.02 -11.26 -3.56
C ILE A 22 -6.83 -10.03 -4.45
N SER A 23 -6.24 -10.22 -5.63
CA SER A 23 -5.96 -9.14 -6.56
C SER A 23 -7.23 -8.40 -6.96
N THR A 24 -8.27 -9.17 -7.22
CA THR A 24 -9.56 -8.63 -7.59
C THR A 24 -10.16 -7.80 -6.45
N GLN A 25 -10.04 -8.29 -5.23
CA GLN A 25 -10.51 -7.60 -4.07
C GLN A 25 -9.75 -6.28 -3.90
N LEU A 26 -8.43 -6.31 -4.08
CA LEU A 26 -7.60 -5.15 -3.98
C LEU A 26 -7.99 -4.13 -5.05
N ASN A 27 -8.22 -4.62 -6.24
CA ASN A 27 -8.63 -3.84 -7.41
C ASN A 27 -9.98 -3.14 -7.17
N ALA A 28 -10.76 -3.67 -6.26
CA ALA A 28 -12.09 -3.17 -6.00
C ALA A 28 -12.11 -1.96 -5.05
N PHE A 29 -11.00 -1.67 -4.39
CA PHE A 29 -10.97 -0.57 -3.48
C PHE A 29 -10.76 0.77 -4.22
N PRO A 30 -11.35 1.87 -3.72
CA PRO A 30 -11.31 3.19 -4.39
C PRO A 30 -9.90 3.82 -4.47
N GLY A 31 -9.29 3.70 -5.64
CA GLY A 31 -7.99 4.28 -5.84
C GLY A 31 -6.90 3.24 -5.71
N CYS A 32 -7.31 2.03 -5.51
CA CYS A 32 -6.41 0.93 -5.35
C CYS A 32 -6.53 0.02 -6.56
N GLU A 33 -5.48 -0.05 -7.32
CA GLU A 33 -5.46 -0.86 -8.51
C GLU A 33 -4.14 -1.63 -8.59
N VAL A 34 -4.16 -2.80 -9.19
CA VAL A 34 -3.00 -3.65 -9.26
C VAL A 34 -2.17 -3.30 -10.50
N ALA A 35 -0.87 -3.34 -10.37
CA ALA A 35 0.00 -3.04 -11.47
C ALA A 35 0.76 -4.28 -11.91
N VAL A 36 1.63 -4.76 -11.06
CA VAL A 36 2.47 -5.91 -11.38
C VAL A 36 2.08 -7.09 -10.52
N SER A 37 1.73 -8.17 -11.14
CA SER A 37 1.32 -9.34 -10.42
C SER A 37 2.36 -10.47 -10.59
N ASP A 38 2.78 -11.05 -9.49
CA ASP A 38 3.71 -12.15 -9.53
C ASP A 38 3.21 -13.26 -8.62
N ALA A 39 2.44 -14.15 -9.20
CA ALA A 39 1.85 -15.29 -8.51
C ALA A 39 2.91 -16.22 -7.85
N PRO A 40 4.06 -16.57 -8.53
CA PRO A 40 5.11 -17.45 -7.95
C PRO A 40 5.58 -17.02 -6.55
N SER A 41 5.81 -15.75 -6.36
CA SER A 41 6.23 -15.25 -5.06
C SER A 41 5.02 -14.88 -4.21
N GLY A 42 3.91 -14.61 -4.88
CA GLY A 42 2.71 -14.22 -4.18
C GLY A 42 2.72 -12.75 -3.91
N GLN A 43 3.45 -12.02 -4.72
CA GLN A 43 3.60 -10.61 -4.55
C GLN A 43 2.84 -9.85 -5.60
N LEU A 44 2.03 -8.94 -5.17
CA LEU A 44 1.27 -8.11 -6.04
C LEU A 44 1.61 -6.65 -5.76
N ILE A 45 1.97 -5.93 -6.78
CA ILE A 45 2.24 -4.52 -6.66
C ILE A 45 0.95 -3.79 -6.89
N VAL A 46 0.52 -3.10 -5.90
CA VAL A 46 -0.72 -2.39 -5.96
C VAL A 46 -0.45 -0.92 -5.81
N VAL A 47 -1.02 -0.12 -6.67
CA VAL A 47 -0.84 1.30 -6.59
C VAL A 47 -2.09 1.89 -6.01
N VAL A 48 -1.94 2.51 -4.88
CA VAL A 48 -3.03 3.16 -4.24
C VAL A 48 -2.78 4.64 -4.28
N GLU A 49 -3.62 5.34 -4.95
CA GLU A 49 -3.51 6.75 -5.10
C GLU A 49 -4.83 7.41 -4.72
N ALA A 50 -4.78 8.30 -3.76
CA ALA A 50 -5.95 8.94 -3.25
C ALA A 50 -5.68 10.39 -3.00
N GLU A 51 -6.71 11.19 -3.12
CA GLU A 51 -6.63 12.62 -2.96
C GLU A 51 -6.51 12.99 -1.48
N ASP A 52 -7.19 12.25 -0.65
CA ASP A 52 -7.19 12.55 0.77
C ASP A 52 -6.27 11.63 1.54
N SER A 53 -5.54 12.21 2.48
CA SER A 53 -4.58 11.52 3.31
C SER A 53 -5.19 10.29 4.02
N GLU A 54 -6.29 10.49 4.73
CA GLU A 54 -6.91 9.47 5.50
C GLU A 54 -7.59 8.46 4.60
N THR A 55 -8.13 8.95 3.50
CA THR A 55 -8.75 8.12 2.48
C THR A 55 -7.72 7.10 1.92
N LEU A 56 -6.46 7.54 1.84
CA LEU A 56 -5.38 6.67 1.42
C LEU A 56 -5.19 5.60 2.49
N ILE A 57 -5.08 6.05 3.74
CA ILE A 57 -4.85 5.19 4.91
C ILE A 57 -5.93 4.10 5.01
N GLN A 58 -7.19 4.51 4.90
CA GLN A 58 -8.34 3.60 4.97
C GLN A 58 -8.21 2.48 3.95
N THR A 59 -7.80 2.86 2.76
CA THR A 59 -7.66 1.92 1.68
C THR A 59 -6.47 0.97 1.92
N ILE A 60 -5.41 1.48 2.51
CA ILE A 60 -4.27 0.65 2.85
C ILE A 60 -4.68 -0.37 3.92
N GLU A 61 -5.50 0.08 4.89
CA GLU A 61 -6.01 -0.79 5.92
C GLU A 61 -6.92 -1.86 5.31
N SER A 62 -7.70 -1.47 4.30
CA SER A 62 -8.58 -2.38 3.59
C SER A 62 -7.80 -3.53 2.97
N VAL A 63 -6.69 -3.18 2.36
CA VAL A 63 -5.79 -4.12 1.73
C VAL A 63 -5.25 -5.13 2.77
N ARG A 64 -4.99 -4.66 3.98
CA ARG A 64 -4.48 -5.52 5.04
C ARG A 64 -5.60 -6.39 5.60
N ASN A 65 -6.83 -6.01 5.34
CA ASN A 65 -8.00 -6.73 5.81
C ASN A 65 -8.37 -7.84 4.87
N VAL A 66 -7.68 -7.92 3.75
CA VAL A 66 -7.92 -8.97 2.79
C VAL A 66 -7.35 -10.26 3.29
N GLU A 67 -8.23 -11.17 3.53
CA GLU A 67 -7.90 -12.43 4.04
C GLU A 67 -7.24 -13.27 2.99
N GLY A 68 -5.99 -13.45 3.22
CA GLY A 68 -5.13 -14.13 2.33
C GLY A 68 -3.83 -13.40 2.23
N VAL A 69 -3.82 -12.19 2.79
CA VAL A 69 -2.61 -11.38 2.78
C VAL A 69 -1.76 -11.67 4.01
N LEU A 70 -0.47 -11.76 3.79
CA LEU A 70 0.48 -12.07 4.83
C LEU A 70 1.06 -10.78 5.31
N ALA A 71 1.67 -10.05 4.40
CA ALA A 71 2.28 -8.81 4.71
C ALA A 71 2.03 -7.82 3.61
N VAL A 72 1.68 -6.64 3.99
CA VAL A 72 1.53 -5.56 3.06
C VAL A 72 2.68 -4.63 3.29
N SER A 73 3.59 -4.60 2.39
CA SER A 73 4.72 -3.75 2.51
C SER A 73 4.38 -2.41 1.87
N LEU A 74 4.30 -1.40 2.68
CA LEU A 74 3.83 -0.10 2.28
C LEU A 74 4.99 0.72 1.72
N VAL A 75 5.00 0.90 0.44
CA VAL A 75 6.02 1.67 -0.21
C VAL A 75 5.56 3.12 -0.33
N TYR A 76 5.84 3.85 0.71
CA TYR A 76 5.60 5.27 0.78
C TYR A 76 6.70 5.87 1.59
N HIS A 77 7.38 6.82 1.05
CA HIS A 77 8.46 7.45 1.75
C HIS A 77 8.01 8.75 2.34
N GLN A 78 8.49 9.03 3.51
CA GLN A 78 8.16 10.22 4.23
C GLN A 78 9.41 10.70 4.94
N GLN A 79 9.46 11.98 5.25
CA GLN A 79 10.59 12.60 5.90
C GLN A 79 10.71 12.12 7.35
N GLU A 80 11.48 11.09 7.57
CA GLU A 80 11.70 10.57 8.89
C GLU A 80 13.00 11.12 9.46
N GLU A 81 12.94 11.66 10.65
CA GLU A 81 14.09 12.22 11.29
C GLU A 81 14.81 11.16 12.12
N GLN A 82 14.01 10.27 12.72
CA GLN A 82 14.49 9.14 13.53
C GLN A 82 15.17 9.60 14.83
N GLY A 83 16.42 10.05 14.73
CA GLY A 83 17.15 10.49 15.90
C GLY A 83 17.64 9.32 16.74
N GLU A 84 18.14 9.65 17.91
CA GLU A 84 18.65 8.73 18.91
C GLU A 84 19.91 7.99 18.42
N GLU A 85 21.04 8.35 18.97
CA GLU A 85 22.28 7.75 18.58
C GLU A 85 23.01 7.12 19.78
N THR A 86 23.50 5.94 19.57
CA THR A 86 24.26 5.23 20.54
C THR A 86 25.55 4.80 19.85
N PRO A 87 26.60 5.63 19.91
CA PRO A 87 27.85 5.36 19.21
C PRO A 87 28.64 4.21 19.83
N ARG A 88 29.29 4.46 20.94
CA ARG A 88 30.06 3.42 21.60
C ARG A 88 29.54 3.28 23.01
N SER A 89 28.30 3.79 23.17
CA SER A 89 27.59 3.89 24.42
C SER A 89 28.16 5.05 25.24
N HIS A 90 27.31 5.72 25.96
CA HIS A 90 27.73 6.82 26.78
C HIS A 90 28.28 6.31 28.09
N HIS A 91 27.68 5.25 28.57
CA HIS A 91 28.12 4.62 29.79
C HIS A 91 28.76 3.29 29.49
N HIS A 92 29.82 3.01 30.20
CA HIS A 92 30.54 1.78 30.08
C HIS A 92 29.69 0.64 30.65
N HIS A 93 29.21 -0.20 29.76
CA HIS A 93 28.40 -1.32 30.14
C HIS A 93 29.29 -2.44 30.64
N HIS A 94 29.44 -2.52 31.92
CA HIS A 94 30.22 -3.55 32.55
C HIS A 94 29.39 -4.15 33.67
N HIS A 95 29.08 -5.40 33.55
CA HIS A 95 28.29 -6.10 34.54
C HIS A 95 29.12 -7.24 35.06
N MET A 1 -10.97 13.28 -9.03
CA MET A 1 -9.69 12.86 -9.61
C MET A 1 -8.53 13.36 -8.77
N HIS A 2 -8.85 14.04 -7.68
CA HIS A 2 -7.91 14.66 -6.74
C HIS A 2 -7.30 15.92 -7.35
N THR A 3 -7.05 16.89 -6.52
CA THR A 3 -6.48 18.13 -6.95
C THR A 3 -5.00 17.90 -7.16
N ASN A 4 -4.39 17.25 -6.20
CA ASN A 4 -3.00 16.85 -6.26
C ASN A 4 -2.89 15.54 -5.55
N TRP A 5 -2.54 14.53 -6.27
CA TRP A 5 -2.50 13.20 -5.72
C TRP A 5 -1.10 12.69 -5.55
N GLN A 6 -0.97 11.70 -4.73
CA GLN A 6 0.25 10.97 -4.48
C GLN A 6 -0.04 9.50 -4.72
N VAL A 7 0.88 8.81 -5.35
CA VAL A 7 0.72 7.39 -5.55
C VAL A 7 1.70 6.61 -4.70
N CYS A 8 1.22 5.56 -4.11
CA CYS A 8 2.04 4.71 -3.31
C CYS A 8 1.91 3.30 -3.82
N SER A 9 2.95 2.56 -3.72
CA SER A 9 2.94 1.20 -4.12
C SER A 9 2.76 0.37 -2.88
N LEU A 10 1.91 -0.57 -2.93
CA LEU A 10 1.68 -1.42 -1.83
C LEU A 10 2.14 -2.78 -2.22
N VAL A 11 3.12 -3.27 -1.53
CA VAL A 11 3.59 -4.59 -1.77
C VAL A 11 2.81 -5.51 -0.88
N VAL A 12 1.86 -6.16 -1.47
CA VAL A 12 1.00 -7.04 -0.76
C VAL A 12 1.53 -8.45 -0.90
N GLN A 13 2.01 -8.98 0.17
CA GLN A 13 2.42 -10.35 0.23
C GLN A 13 1.19 -11.14 0.49
N ALA A 14 0.98 -12.16 -0.24
CA ALA A 14 -0.22 -12.95 -0.10
C ALA A 14 0.06 -14.41 -0.42
N LYS A 15 -0.94 -15.26 -0.16
CA LYS A 15 -0.85 -16.67 -0.53
C LYS A 15 -0.75 -16.82 -2.04
N SER A 16 0.29 -17.48 -2.49
CA SER A 16 0.62 -17.64 -3.90
C SER A 16 -0.47 -18.40 -4.67
N GLU A 17 -1.17 -19.28 -4.01
CA GLU A 17 -2.24 -20.07 -4.63
C GLU A 17 -3.57 -19.31 -4.61
N ARG A 18 -3.57 -18.16 -3.98
CA ARG A 18 -4.77 -17.42 -3.77
C ARG A 18 -4.61 -16.01 -4.38
N ILE A 19 -3.53 -15.84 -5.12
CA ILE A 19 -3.16 -14.55 -5.74
C ILE A 19 -4.24 -14.07 -6.69
N SER A 20 -4.78 -14.98 -7.49
CA SER A 20 -5.77 -14.65 -8.49
C SER A 20 -7.06 -14.13 -7.81
N ASP A 21 -7.42 -14.72 -6.69
CA ASP A 21 -8.60 -14.28 -5.97
C ASP A 21 -8.35 -12.99 -5.23
N ILE A 22 -7.22 -12.89 -4.57
CA ILE A 22 -6.87 -11.70 -3.79
C ILE A 22 -6.69 -10.48 -4.69
N SER A 23 -6.08 -10.66 -5.85
CA SER A 23 -5.86 -9.55 -6.79
C SER A 23 -7.19 -8.98 -7.30
N THR A 24 -8.20 -9.83 -7.35
CA THR A 24 -9.50 -9.43 -7.83
C THR A 24 -10.18 -8.63 -6.74
N GLN A 25 -9.92 -9.05 -5.53
CA GLN A 25 -10.41 -8.44 -4.35
C GLN A 25 -9.75 -7.09 -4.11
N LEU A 26 -8.44 -6.99 -4.36
CA LEU A 26 -7.72 -5.76 -4.21
C LEU A 26 -8.19 -4.73 -5.22
N ASN A 27 -8.59 -5.21 -6.38
CA ASN A 27 -9.09 -4.36 -7.45
C ASN A 27 -10.54 -3.97 -7.22
N ALA A 28 -11.16 -4.54 -6.21
CA ALA A 28 -12.55 -4.29 -5.92
C ALA A 28 -12.73 -3.13 -4.94
N PHE A 29 -11.64 -2.51 -4.55
CA PHE A 29 -11.69 -1.39 -3.70
C PHE A 29 -11.62 -0.11 -4.55
N PRO A 30 -12.30 0.96 -4.14
CA PRO A 30 -12.31 2.23 -4.88
C PRO A 30 -10.94 2.92 -4.88
N GLY A 31 -10.40 3.16 -6.06
CA GLY A 31 -9.13 3.86 -6.19
C GLY A 31 -7.93 2.94 -6.05
N CYS A 32 -8.21 1.73 -5.70
CA CYS A 32 -7.20 0.74 -5.48
C CYS A 32 -7.07 -0.10 -6.72
N GLU A 33 -5.88 -0.17 -7.25
CA GLU A 33 -5.67 -0.90 -8.46
C GLU A 33 -4.35 -1.65 -8.41
N VAL A 34 -4.40 -2.91 -8.73
CA VAL A 34 -3.22 -3.73 -8.81
C VAL A 34 -2.46 -3.35 -10.06
N ALA A 35 -1.18 -3.13 -9.92
CA ALA A 35 -0.35 -2.73 -11.02
C ALA A 35 0.44 -3.91 -11.54
N VAL A 36 1.09 -4.62 -10.64
CA VAL A 36 1.91 -5.76 -11.00
C VAL A 36 1.48 -6.94 -10.14
N SER A 37 1.36 -8.09 -10.75
CA SER A 37 0.98 -9.27 -10.02
C SER A 37 2.04 -10.35 -10.22
N ASP A 38 2.65 -10.77 -9.14
CA ASP A 38 3.64 -11.83 -9.21
C ASP A 38 3.16 -13.03 -8.50
N ALA A 39 2.54 -13.91 -9.24
CA ALA A 39 2.17 -15.21 -8.72
C ALA A 39 3.41 -15.98 -8.16
N PRO A 40 4.60 -15.99 -8.89
CA PRO A 40 5.83 -16.65 -8.44
C PRO A 40 6.32 -16.15 -7.07
N SER A 41 6.28 -14.85 -6.88
CA SER A 41 6.76 -14.24 -5.65
C SER A 41 5.69 -14.27 -4.56
N GLY A 42 4.42 -14.30 -4.98
CA GLY A 42 3.35 -14.18 -4.02
C GLY A 42 3.16 -12.73 -3.68
N GLN A 43 3.54 -11.86 -4.62
CA GLN A 43 3.57 -10.45 -4.45
C GLN A 43 2.53 -9.78 -5.33
N LEU A 44 1.78 -8.91 -4.76
CA LEU A 44 0.83 -8.11 -5.48
C LEU A 44 1.14 -6.66 -5.26
N ILE A 45 1.49 -5.98 -6.32
CA ILE A 45 1.82 -4.57 -6.25
C ILE A 45 0.56 -3.78 -6.55
N VAL A 46 0.15 -2.99 -5.62
CA VAL A 46 -1.05 -2.19 -5.76
C VAL A 46 -0.67 -0.72 -5.74
N VAL A 47 -1.19 0.04 -6.64
CA VAL A 47 -0.92 1.45 -6.71
C VAL A 47 -2.23 2.18 -6.54
N VAL A 48 -2.27 3.04 -5.57
CA VAL A 48 -3.46 3.80 -5.27
C VAL A 48 -3.12 5.27 -5.39
N GLU A 49 -4.04 6.06 -5.90
CA GLU A 49 -3.83 7.50 -5.98
C GLU A 49 -4.67 8.11 -4.89
N ALA A 50 -4.06 8.85 -4.01
CA ALA A 50 -4.76 9.48 -2.94
C ALA A 50 -4.29 10.90 -2.81
N GLU A 51 -5.04 11.72 -2.16
CA GLU A 51 -4.67 13.10 -1.98
C GLU A 51 -4.19 13.29 -0.55
N ASP A 52 -4.93 12.73 0.37
CA ASP A 52 -4.62 12.81 1.77
C ASP A 52 -3.98 11.53 2.21
N SER A 53 -3.09 11.63 3.17
CA SER A 53 -2.36 10.47 3.65
C SER A 53 -3.28 9.56 4.48
N GLU A 54 -4.13 10.16 5.30
CA GLU A 54 -4.98 9.37 6.18
C GLU A 54 -6.11 8.70 5.39
N THR A 55 -6.60 9.38 4.38
CA THR A 55 -7.60 8.83 3.48
C THR A 55 -7.03 7.57 2.80
N LEU A 56 -5.76 7.64 2.48
CA LEU A 56 -5.04 6.54 1.88
C LEU A 56 -4.99 5.38 2.87
N ILE A 57 -4.59 5.67 4.10
CA ILE A 57 -4.48 4.66 5.18
C ILE A 57 -5.81 3.93 5.39
N GLN A 58 -6.91 4.68 5.42
CA GLN A 58 -8.24 4.09 5.60
C GLN A 58 -8.61 3.14 4.47
N THR A 59 -8.20 3.47 3.27
CA THR A 59 -8.45 2.63 2.13
C THR A 59 -7.56 1.36 2.22
N ILE A 60 -6.31 1.58 2.61
CA ILE A 60 -5.34 0.50 2.79
C ILE A 60 -5.82 -0.47 3.89
N GLU A 61 -6.52 0.07 4.89
CA GLU A 61 -7.12 -0.73 5.96
C GLU A 61 -8.00 -1.84 5.38
N SER A 62 -8.87 -1.46 4.45
CA SER A 62 -9.78 -2.41 3.84
C SER A 62 -8.97 -3.45 3.03
N VAL A 63 -7.89 -2.99 2.42
CA VAL A 63 -6.97 -3.85 1.66
C VAL A 63 -6.35 -4.90 2.60
N ARG A 64 -6.07 -4.49 3.83
CA ARG A 64 -5.47 -5.35 4.83
C ARG A 64 -6.51 -6.29 5.46
N ASN A 65 -7.78 -5.98 5.25
CA ASN A 65 -8.89 -6.81 5.77
C ASN A 65 -9.04 -8.09 4.99
N VAL A 66 -8.46 -8.15 3.81
CA VAL A 66 -8.57 -9.32 2.96
C VAL A 66 -7.82 -10.48 3.52
N GLU A 67 -8.54 -11.53 3.78
CA GLU A 67 -7.98 -12.71 4.21
C GLU A 67 -7.29 -13.40 3.09
N GLY A 68 -6.04 -13.46 3.23
CA GLY A 68 -5.19 -14.01 2.26
C GLY A 68 -3.93 -13.20 2.19
N VAL A 69 -4.01 -11.99 2.75
CA VAL A 69 -2.88 -11.10 2.78
C VAL A 69 -1.97 -11.46 3.95
N LEU A 70 -0.69 -11.51 3.69
CA LEU A 70 0.29 -11.87 4.66
C LEU A 70 0.85 -10.62 5.26
N ALA A 71 1.14 -9.67 4.40
CA ALA A 71 1.71 -8.41 4.80
C ALA A 71 1.57 -7.41 3.70
N VAL A 72 1.20 -6.22 4.05
CA VAL A 72 1.16 -5.13 3.11
C VAL A 72 2.29 -4.17 3.48
N SER A 73 3.29 -4.12 2.65
CA SER A 73 4.37 -3.20 2.86
C SER A 73 4.06 -1.93 2.09
N LEU A 74 3.83 -0.86 2.81
CA LEU A 74 3.48 0.39 2.21
C LEU A 74 4.75 1.03 1.64
N VAL A 75 4.83 1.04 0.34
CA VAL A 75 5.95 1.59 -0.35
C VAL A 75 5.66 3.02 -0.76
N TYR A 76 5.94 3.87 0.14
CA TYR A 76 5.88 5.29 -0.02
C TYR A 76 7.20 5.79 0.50
N HIS A 77 7.54 5.26 1.69
CA HIS A 77 8.83 5.45 2.33
C HIS A 77 9.04 6.90 2.71
N GLN A 78 10.24 7.21 3.07
CA GLN A 78 10.60 8.54 3.40
C GLN A 78 11.25 9.20 2.20
N GLN A 79 11.36 10.50 2.23
CA GLN A 79 11.86 11.30 1.11
C GLN A 79 13.36 11.09 0.80
N GLU A 80 14.00 10.26 1.55
CA GLU A 80 15.40 10.00 1.41
C GLU A 80 15.60 8.68 0.69
N GLU A 81 16.38 8.72 -0.37
CA GLU A 81 16.69 7.54 -1.19
C GLU A 81 17.30 6.44 -0.32
N GLN A 82 18.42 6.75 0.29
CA GLN A 82 19.11 5.84 1.19
C GLN A 82 18.55 6.04 2.60
N GLY A 83 17.22 6.05 2.69
CA GLY A 83 16.54 6.29 3.93
C GLY A 83 16.51 5.08 4.83
N GLU A 84 17.67 4.64 5.21
CA GLU A 84 17.86 3.55 6.11
C GLU A 84 19.22 3.68 6.73
N GLU A 85 19.34 3.31 7.99
CA GLU A 85 20.61 3.36 8.69
C GLU A 85 21.57 2.42 8.00
N THR A 86 22.55 2.98 7.37
CA THR A 86 23.47 2.22 6.63
C THR A 86 24.88 2.41 7.18
N PRO A 87 25.47 1.36 7.73
CA PRO A 87 26.81 1.40 8.29
C PRO A 87 27.89 1.20 7.20
N ARG A 88 29.08 0.81 7.63
CA ARG A 88 30.24 0.61 6.74
C ARG A 88 30.01 -0.54 5.74
N SER A 89 28.97 -1.31 5.98
CA SER A 89 28.64 -2.43 5.12
C SER A 89 27.88 -1.97 3.85
N HIS A 90 27.97 -0.67 3.51
CA HIS A 90 27.40 -0.15 2.27
C HIS A 90 28.34 -0.50 1.12
N HIS A 91 29.56 -0.90 1.50
CA HIS A 91 30.63 -1.30 0.59
C HIS A 91 31.09 -0.11 -0.23
N HIS A 92 31.91 0.71 0.39
CA HIS A 92 32.37 1.95 -0.21
C HIS A 92 33.53 1.66 -1.15
N HIS A 93 33.13 1.26 -2.35
CA HIS A 93 33.98 0.86 -3.46
C HIS A 93 33.06 0.20 -4.45
N HIS A 94 32.13 -0.56 -3.90
CA HIS A 94 31.13 -1.26 -4.68
C HIS A 94 30.14 -0.22 -5.21
N HIS A 95 29.73 0.66 -4.32
CA HIS A 95 28.89 1.75 -4.68
C HIS A 95 29.76 3.00 -4.69
N MET A 1 -10.37 21.36 -1.03
CA MET A 1 -9.49 22.44 -1.50
C MET A 1 -8.08 21.94 -1.80
N HIS A 2 -7.66 20.89 -1.13
CA HIS A 2 -6.32 20.36 -1.33
C HIS A 2 -6.31 19.40 -2.50
N THR A 3 -5.83 19.88 -3.63
CA THR A 3 -5.83 19.13 -4.85
C THR A 3 -4.56 18.28 -5.03
N ASN A 4 -3.53 18.57 -4.27
CA ASN A 4 -2.28 17.81 -4.41
C ASN A 4 -2.39 16.49 -3.71
N TRP A 5 -2.56 15.48 -4.48
CA TRP A 5 -2.69 14.14 -3.99
C TRP A 5 -1.32 13.44 -3.95
N GLN A 6 -1.32 12.23 -3.48
CA GLN A 6 -0.09 11.47 -3.31
C GLN A 6 -0.25 10.06 -3.84
N VAL A 7 0.87 9.40 -4.15
CA VAL A 7 0.83 8.06 -4.69
C VAL A 7 1.63 7.10 -3.79
N CYS A 8 1.24 5.85 -3.74
CA CYS A 8 1.96 4.86 -2.96
C CYS A 8 1.93 3.52 -3.68
N SER A 9 2.89 2.69 -3.38
CA SER A 9 2.93 1.35 -3.90
C SER A 9 2.82 0.40 -2.74
N LEU A 10 2.09 -0.63 -2.91
CA LEU A 10 1.93 -1.62 -1.91
C LEU A 10 2.50 -2.90 -2.43
N VAL A 11 3.44 -3.43 -1.73
CA VAL A 11 4.00 -4.71 -2.06
C VAL A 11 3.35 -5.70 -1.14
N VAL A 12 2.42 -6.40 -1.66
CA VAL A 12 1.66 -7.31 -0.88
C VAL A 12 2.17 -8.73 -1.06
N GLN A 13 2.65 -9.30 0.02
CA GLN A 13 2.96 -10.70 0.05
C GLN A 13 1.67 -11.38 0.43
N ALA A 14 1.15 -12.17 -0.43
CA ALA A 14 -0.12 -12.80 -0.21
C ALA A 14 -0.02 -14.28 -0.48
N LYS A 15 -1.10 -15.00 -0.16
CA LYS A 15 -1.21 -16.42 -0.47
C LYS A 15 -1.07 -16.62 -1.97
N SER A 16 0.00 -17.25 -2.37
CA SER A 16 0.39 -17.42 -3.75
C SER A 16 -0.67 -18.15 -4.58
N GLU A 17 -1.38 -19.07 -3.95
CA GLU A 17 -2.40 -19.84 -4.63
C GLU A 17 -3.75 -19.12 -4.62
N ARG A 18 -3.79 -17.95 -4.01
CA ARG A 18 -5.03 -17.24 -3.85
C ARG A 18 -4.89 -15.84 -4.46
N ILE A 19 -3.85 -15.67 -5.24
CA ILE A 19 -3.51 -14.39 -5.85
C ILE A 19 -4.65 -13.76 -6.66
N SER A 20 -5.31 -14.54 -7.48
CA SER A 20 -6.36 -13.99 -8.32
C SER A 20 -7.62 -13.59 -7.49
N ASP A 21 -7.87 -14.32 -6.41
CA ASP A 21 -8.99 -14.01 -5.49
C ASP A 21 -8.73 -12.68 -4.80
N ILE A 22 -7.52 -12.51 -4.35
CA ILE A 22 -7.07 -11.30 -3.68
C ILE A 22 -6.97 -10.14 -4.68
N SER A 23 -6.52 -10.44 -5.89
CA SER A 23 -6.39 -9.45 -6.94
C SER A 23 -7.74 -8.82 -7.27
N THR A 24 -8.79 -9.61 -7.22
CA THR A 24 -10.12 -9.15 -7.56
C THR A 24 -10.59 -8.21 -6.47
N GLN A 25 -10.20 -8.57 -5.28
CA GLN A 25 -10.49 -7.85 -4.10
C GLN A 25 -9.76 -6.50 -4.06
N LEU A 26 -8.46 -6.52 -4.35
CA LEU A 26 -7.65 -5.32 -4.31
C LEU A 26 -8.05 -4.33 -5.40
N ASN A 27 -8.47 -4.86 -6.53
CA ASN A 27 -8.90 -4.04 -7.67
C ASN A 27 -10.29 -3.48 -7.48
N ALA A 28 -10.95 -3.85 -6.41
CA ALA A 28 -12.31 -3.41 -6.18
C ALA A 28 -12.39 -2.25 -5.18
N PHE A 29 -11.26 -1.79 -4.70
CA PHE A 29 -11.24 -0.69 -3.81
C PHE A 29 -11.13 0.61 -4.62
N PRO A 30 -11.70 1.71 -4.12
CA PRO A 30 -11.75 2.97 -4.87
C PRO A 30 -10.43 3.74 -4.85
N GLY A 31 -9.66 3.60 -5.93
CA GLY A 31 -8.39 4.27 -6.03
C GLY A 31 -7.25 3.32 -5.80
N CYS A 32 -7.61 2.07 -5.64
CA CYS A 32 -6.67 1.03 -5.41
C CYS A 32 -6.75 0.08 -6.58
N GLU A 33 -5.63 -0.20 -7.19
CA GLU A 33 -5.62 -1.09 -8.32
C GLU A 33 -4.24 -1.73 -8.48
N VAL A 34 -4.24 -3.01 -8.76
CA VAL A 34 -3.04 -3.80 -8.93
C VAL A 34 -2.35 -3.42 -10.25
N ALA A 35 -1.04 -3.46 -10.27
CA ALA A 35 -0.28 -3.18 -11.46
C ALA A 35 0.56 -4.40 -11.81
N VAL A 36 1.54 -4.70 -10.98
CA VAL A 36 2.42 -5.83 -11.20
C VAL A 36 1.93 -7.00 -10.36
N SER A 37 2.04 -8.18 -10.88
CA SER A 37 1.62 -9.35 -10.17
C SER A 37 2.62 -10.48 -10.40
N ASP A 38 2.90 -11.24 -9.36
CA ASP A 38 3.76 -12.39 -9.46
C ASP A 38 3.20 -13.50 -8.64
N ALA A 39 2.39 -14.32 -9.26
CA ALA A 39 1.83 -15.52 -8.63
C ALA A 39 2.92 -16.44 -8.01
N PRO A 40 4.10 -16.70 -8.70
CA PRO A 40 5.20 -17.52 -8.15
C PRO A 40 5.67 -17.07 -6.76
N SER A 41 5.83 -15.77 -6.59
CA SER A 41 6.31 -15.22 -5.34
C SER A 41 5.13 -14.95 -4.40
N GLY A 42 3.96 -14.75 -4.97
CA GLY A 42 2.81 -14.41 -4.18
C GLY A 42 2.75 -12.91 -3.98
N GLN A 43 3.35 -12.20 -4.91
CA GLN A 43 3.52 -10.79 -4.81
C GLN A 43 2.48 -10.06 -5.64
N LEU A 44 1.92 -9.04 -5.05
CA LEU A 44 0.98 -8.17 -5.72
C LEU A 44 1.38 -6.74 -5.48
N ILE A 45 1.63 -6.02 -6.55
CA ILE A 45 1.98 -4.62 -6.47
C ILE A 45 0.74 -3.81 -6.75
N VAL A 46 0.34 -3.04 -5.80
CA VAL A 46 -0.83 -2.24 -5.92
C VAL A 46 -0.44 -0.79 -5.83
N VAL A 47 -0.90 0.00 -6.75
CA VAL A 47 -0.61 1.41 -6.73
C VAL A 47 -1.86 2.12 -6.32
N VAL A 48 -1.77 2.87 -5.25
CA VAL A 48 -2.90 3.57 -4.73
C VAL A 48 -2.55 5.04 -4.61
N GLU A 49 -3.18 5.83 -5.41
CA GLU A 49 -3.04 7.25 -5.29
C GLU A 49 -4.34 7.80 -4.75
N ALA A 50 -4.25 8.62 -3.74
CA ALA A 50 -5.44 9.10 -3.08
C ALA A 50 -5.40 10.58 -2.91
N GLU A 51 -6.58 11.18 -3.02
CA GLU A 51 -6.82 12.63 -2.89
C GLU A 51 -6.28 13.10 -1.51
N ASP A 52 -6.70 12.37 -0.48
CA ASP A 52 -6.36 12.66 0.90
C ASP A 52 -5.62 11.45 1.52
N SER A 53 -4.67 11.74 2.37
CA SER A 53 -3.80 10.72 2.96
C SER A 53 -4.53 9.87 4.02
N GLU A 54 -5.46 10.44 4.73
CA GLU A 54 -6.20 9.69 5.74
C GLU A 54 -7.17 8.74 5.04
N THR A 55 -7.65 9.17 3.90
CA THR A 55 -8.47 8.34 3.05
C THR A 55 -7.63 7.15 2.56
N LEU A 56 -6.36 7.44 2.26
CA LEU A 56 -5.39 6.44 1.81
C LEU A 56 -5.26 5.34 2.87
N ILE A 57 -5.04 5.76 4.13
CA ILE A 57 -4.85 4.83 5.25
C ILE A 57 -6.05 3.89 5.38
N GLN A 58 -7.25 4.45 5.41
CA GLN A 58 -8.49 3.69 5.52
C GLN A 58 -8.65 2.69 4.36
N THR A 59 -8.22 3.10 3.18
CA THR A 59 -8.30 2.26 2.00
C THR A 59 -7.27 1.11 2.10
N ILE A 60 -6.06 1.46 2.51
CA ILE A 60 -4.99 0.48 2.69
C ILE A 60 -5.34 -0.49 3.82
N GLU A 61 -5.98 0.03 4.86
CA GLU A 61 -6.40 -0.79 5.98
C GLU A 61 -7.42 -1.84 5.53
N SER A 62 -8.32 -1.43 4.64
CA SER A 62 -9.28 -2.33 4.04
C SER A 62 -8.57 -3.46 3.28
N VAL A 63 -7.52 -3.08 2.59
CA VAL A 63 -6.66 -3.98 1.85
C VAL A 63 -5.97 -4.97 2.81
N ARG A 64 -5.52 -4.47 3.95
CA ARG A 64 -4.84 -5.30 4.97
C ARG A 64 -5.84 -6.20 5.69
N ASN A 65 -7.10 -5.92 5.48
CA ASN A 65 -8.17 -6.69 6.06
C ASN A 65 -8.63 -7.80 5.13
N VAL A 66 -8.04 -7.87 3.93
CA VAL A 66 -8.29 -8.98 3.03
C VAL A 66 -7.61 -10.20 3.60
N GLU A 67 -8.36 -11.22 3.86
CA GLU A 67 -7.85 -12.38 4.49
C GLU A 67 -7.24 -13.38 3.53
N GLY A 68 -6.17 -12.95 2.95
CA GLY A 68 -5.36 -13.77 2.11
C GLY A 68 -3.97 -13.17 2.04
N VAL A 69 -3.72 -12.27 2.96
CA VAL A 69 -2.48 -11.50 2.94
C VAL A 69 -1.50 -12.02 4.01
N LEU A 70 -0.21 -11.97 3.71
CA LEU A 70 0.82 -12.35 4.64
C LEU A 70 1.41 -11.08 5.24
N ALA A 71 1.91 -10.22 4.38
CA ALA A 71 2.53 -8.98 4.77
C ALA A 71 2.30 -7.92 3.73
N VAL A 72 1.90 -6.76 4.14
CA VAL A 72 1.73 -5.64 3.24
C VAL A 72 2.84 -4.65 3.50
N SER A 73 3.75 -4.56 2.59
CA SER A 73 4.82 -3.62 2.70
C SER A 73 4.41 -2.33 1.98
N LEU A 74 4.22 -1.29 2.75
CA LEU A 74 3.75 -0.02 2.23
C LEU A 74 4.92 0.79 1.77
N VAL A 75 4.91 1.14 0.52
CA VAL A 75 5.94 1.92 -0.08
C VAL A 75 5.43 3.36 -0.26
N TYR A 76 5.64 4.14 0.78
CA TYR A 76 5.30 5.57 0.83
C TYR A 76 5.71 6.14 2.18
N HIS A 77 5.18 5.54 3.22
CA HIS A 77 5.40 5.95 4.59
C HIS A 77 4.88 4.83 5.45
N GLN A 78 5.50 4.63 6.59
CA GLN A 78 5.05 3.61 7.49
C GLN A 78 4.77 4.24 8.84
N GLN A 79 3.69 3.85 9.45
CA GLN A 79 3.32 4.38 10.73
C GLN A 79 3.13 3.27 11.74
N GLU A 80 2.00 2.57 11.64
CA GLU A 80 1.63 1.47 12.56
C GLU A 80 1.61 1.95 14.01
N GLU A 81 1.36 1.03 14.91
CA GLU A 81 1.47 1.32 16.32
C GLU A 81 2.88 1.01 16.71
N GLN A 82 3.23 -0.23 16.55
CA GLN A 82 4.52 -0.75 16.86
C GLN A 82 4.78 -1.91 15.95
N GLY A 83 6.02 -2.21 15.73
CA GLY A 83 6.38 -3.31 14.91
C GLY A 83 7.55 -4.01 15.49
N GLU A 84 7.72 -5.26 15.17
CA GLU A 84 8.84 -5.99 15.68
C GLU A 84 10.05 -5.72 14.79
N GLU A 85 10.61 -4.55 15.03
CA GLU A 85 11.71 -3.99 14.26
C GLU A 85 12.93 -4.90 14.32
N THR A 86 13.25 -5.39 15.48
CA THR A 86 14.31 -6.31 15.63
C THR A 86 13.94 -7.41 16.64
N PRO A 87 13.35 -8.52 16.15
CA PRO A 87 12.98 -9.65 17.00
C PRO A 87 14.23 -10.43 17.50
N ARG A 88 14.00 -11.53 18.19
CA ARG A 88 15.03 -12.34 18.86
C ARG A 88 15.75 -11.52 19.91
N SER A 89 15.18 -11.48 21.10
CA SER A 89 15.80 -10.84 22.24
C SER A 89 17.05 -11.65 22.59
N HIS A 90 16.83 -12.92 22.72
CA HIS A 90 17.85 -13.89 22.90
C HIS A 90 18.23 -14.39 21.51
N HIS A 91 19.50 -14.43 21.25
CA HIS A 91 19.99 -14.70 19.91
C HIS A 91 19.81 -16.15 19.52
N HIS A 92 20.54 -17.03 20.19
CA HIS A 92 20.50 -18.45 19.92
C HIS A 92 21.30 -19.17 20.97
N HIS A 93 20.90 -20.36 21.28
CA HIS A 93 21.63 -21.21 22.18
C HIS A 93 21.35 -22.63 21.76
N HIS A 94 22.30 -23.27 21.13
CA HIS A 94 22.11 -24.62 20.64
C HIS A 94 22.28 -25.67 21.73
N HIS A 95 21.37 -25.59 22.68
CA HIS A 95 21.26 -26.49 23.81
C HIS A 95 20.06 -26.03 24.59
N MET A 1 -6.33 16.42 -5.39
CA MET A 1 -6.82 16.71 -6.73
C MET A 1 -6.73 15.41 -7.52
N HIS A 2 -6.91 15.45 -8.84
CA HIS A 2 -6.85 14.24 -9.66
C HIS A 2 -5.50 14.00 -10.31
N THR A 3 -4.70 15.01 -10.39
CA THR A 3 -3.35 14.86 -10.89
C THR A 3 -2.38 15.12 -9.74
N ASN A 4 -2.76 16.02 -8.86
CA ASN A 4 -2.00 16.29 -7.65
C ASN A 4 -2.67 15.54 -6.49
N TRP A 5 -2.06 14.48 -6.07
CA TRP A 5 -2.64 13.59 -5.06
C TRP A 5 -1.58 12.71 -4.45
N GLN A 6 -1.96 11.90 -3.51
CA GLN A 6 -1.04 11.07 -2.80
C GLN A 6 -1.16 9.65 -3.27
N VAL A 7 -0.07 9.15 -3.78
CA VAL A 7 -0.06 7.82 -4.32
C VAL A 7 0.97 6.99 -3.58
N CYS A 8 0.79 5.71 -3.61
CA CYS A 8 1.70 4.80 -2.97
C CYS A 8 1.65 3.49 -3.71
N SER A 9 2.65 2.70 -3.53
CA SER A 9 2.67 1.39 -4.09
C SER A 9 2.67 0.42 -2.94
N LEU A 10 2.00 -0.65 -3.09
CA LEU A 10 1.91 -1.62 -2.07
C LEU A 10 2.44 -2.91 -2.55
N VAL A 11 3.38 -3.45 -1.84
CA VAL A 11 3.88 -4.77 -2.13
C VAL A 11 3.14 -5.70 -1.22
N VAL A 12 2.19 -6.38 -1.78
CA VAL A 12 1.34 -7.24 -1.03
C VAL A 12 1.86 -8.67 -1.04
N GLN A 13 2.17 -9.17 0.12
CA GLN A 13 2.49 -10.55 0.30
C GLN A 13 1.20 -11.24 0.63
N ALA A 14 0.85 -12.18 -0.17
CA ALA A 14 -0.41 -12.83 -0.04
C ALA A 14 -0.26 -14.31 -0.25
N LYS A 15 -1.34 -15.05 -0.01
CA LYS A 15 -1.38 -16.48 -0.30
C LYS A 15 -1.11 -16.71 -1.78
N SER A 16 0.01 -17.32 -2.07
CA SER A 16 0.48 -17.56 -3.42
C SER A 16 -0.52 -18.40 -4.24
N GLU A 17 -1.29 -19.23 -3.57
CA GLU A 17 -2.26 -20.08 -4.28
C GLU A 17 -3.54 -19.30 -4.58
N ARG A 18 -3.75 -18.22 -3.88
CA ARG A 18 -5.01 -17.51 -3.90
C ARG A 18 -4.86 -16.12 -4.58
N ILE A 19 -3.74 -15.95 -5.28
CA ILE A 19 -3.38 -14.67 -5.93
C ILE A 19 -4.50 -14.10 -6.83
N SER A 20 -5.15 -14.94 -7.61
CA SER A 20 -6.23 -14.51 -8.49
C SER A 20 -7.40 -13.89 -7.71
N ASP A 21 -7.79 -14.56 -6.64
CA ASP A 21 -8.88 -14.10 -5.76
C ASP A 21 -8.52 -12.78 -5.12
N ILE A 22 -7.32 -12.73 -4.61
CA ILE A 22 -6.82 -11.58 -3.90
C ILE A 22 -6.64 -10.38 -4.85
N SER A 23 -6.17 -10.63 -6.05
CA SER A 23 -5.97 -9.58 -7.05
C SER A 23 -7.32 -8.92 -7.38
N THR A 24 -8.38 -9.71 -7.38
CA THR A 24 -9.70 -9.23 -7.75
C THR A 24 -10.24 -8.36 -6.61
N GLN A 25 -9.86 -8.73 -5.43
CA GLN A 25 -10.22 -8.04 -4.23
C GLN A 25 -9.47 -6.72 -4.09
N LEU A 26 -8.19 -6.73 -4.38
CA LEU A 26 -7.36 -5.56 -4.27
C LEU A 26 -7.67 -4.54 -5.37
N ASN A 27 -7.92 -5.03 -6.56
CA ASN A 27 -8.17 -4.22 -7.73
C ASN A 27 -9.64 -3.72 -7.75
N ALA A 28 -10.35 -3.96 -6.67
CA ALA A 28 -11.72 -3.52 -6.54
C ALA A 28 -11.84 -2.39 -5.52
N PHE A 29 -10.72 -2.03 -4.92
CA PHE A 29 -10.71 -0.97 -3.96
C PHE A 29 -10.67 0.39 -4.66
N PRO A 30 -11.28 1.45 -4.04
CA PRO A 30 -11.55 2.79 -4.66
C PRO A 30 -10.39 3.43 -5.42
N GLY A 31 -9.24 3.21 -4.97
CA GLY A 31 -8.08 3.79 -5.59
C GLY A 31 -6.94 2.83 -5.70
N CYS A 32 -7.24 1.57 -5.66
CA CYS A 32 -6.24 0.56 -5.67
C CYS A 32 -6.29 -0.22 -6.98
N GLU A 33 -5.20 -0.20 -7.71
CA GLU A 33 -5.11 -0.94 -8.94
C GLU A 33 -3.88 -1.84 -8.90
N VAL A 34 -4.06 -3.08 -9.29
CA VAL A 34 -2.98 -4.02 -9.32
C VAL A 34 -2.19 -3.82 -10.61
N ALA A 35 -0.96 -3.45 -10.48
CA ALA A 35 -0.11 -3.20 -11.62
C ALA A 35 0.57 -4.48 -12.05
N VAL A 36 1.28 -5.09 -11.12
CA VAL A 36 2.02 -6.30 -11.38
C VAL A 36 1.62 -7.34 -10.36
N SER A 37 1.11 -8.45 -10.82
CA SER A 37 0.75 -9.54 -9.97
C SER A 37 1.65 -10.74 -10.30
N ASP A 38 2.55 -11.06 -9.40
CA ASP A 38 3.48 -12.15 -9.65
C ASP A 38 3.18 -13.31 -8.72
N ALA A 39 2.34 -14.20 -9.21
CA ALA A 39 1.88 -15.38 -8.47
C ALA A 39 3.02 -16.26 -7.90
N PRO A 40 4.12 -16.57 -8.71
CA PRO A 40 5.28 -17.37 -8.23
C PRO A 40 5.85 -16.85 -6.89
N SER A 41 5.89 -15.54 -6.72
CA SER A 41 6.43 -14.95 -5.51
C SER A 41 5.34 -14.70 -4.47
N GLY A 42 4.09 -14.69 -4.92
CA GLY A 42 2.98 -14.40 -4.03
C GLY A 42 2.89 -12.93 -3.71
N GLN A 43 3.42 -12.11 -4.61
CA GLN A 43 3.50 -10.69 -4.42
C GLN A 43 2.71 -9.95 -5.47
N LEU A 44 2.00 -8.96 -5.03
CA LEU A 44 1.22 -8.12 -5.92
C LEU A 44 1.60 -6.68 -5.69
N ILE A 45 1.84 -5.96 -6.74
CA ILE A 45 2.10 -4.55 -6.66
C ILE A 45 0.80 -3.83 -6.90
N VAL A 46 0.38 -3.10 -5.93
CA VAL A 46 -0.86 -2.38 -6.00
C VAL A 46 -0.58 -0.91 -5.87
N VAL A 47 -0.91 -0.16 -6.87
CA VAL A 47 -0.70 1.25 -6.84
C VAL A 47 -1.97 1.89 -6.35
N VAL A 48 -1.86 2.67 -5.31
CA VAL A 48 -3.00 3.26 -4.69
C VAL A 48 -2.94 4.76 -4.79
N GLU A 49 -3.97 5.30 -5.35
CA GLU A 49 -4.17 6.72 -5.46
C GLU A 49 -5.24 7.13 -4.48
N ALA A 50 -5.02 8.21 -3.79
CA ALA A 50 -6.02 8.73 -2.90
C ALA A 50 -5.84 10.21 -2.71
N GLU A 51 -6.87 10.85 -2.24
CA GLU A 51 -6.87 12.27 -2.03
C GLU A 51 -6.16 12.65 -0.73
N ASP A 52 -6.81 12.37 0.39
CA ASP A 52 -6.28 12.75 1.70
C ASP A 52 -5.36 11.69 2.24
N SER A 53 -4.47 12.10 3.11
CA SER A 53 -3.46 11.22 3.68
C SER A 53 -4.11 10.15 4.54
N GLU A 54 -5.05 10.57 5.37
CA GLU A 54 -5.73 9.67 6.25
C GLU A 54 -6.62 8.73 5.46
N THR A 55 -7.28 9.29 4.45
CA THR A 55 -8.10 8.52 3.55
C THR A 55 -7.25 7.43 2.88
N LEU A 56 -6.03 7.79 2.48
CA LEU A 56 -5.09 6.86 1.88
C LEU A 56 -4.78 5.73 2.86
N ILE A 57 -4.44 6.10 4.10
CA ILE A 57 -4.12 5.14 5.16
C ILE A 57 -5.28 4.16 5.39
N GLN A 58 -6.48 4.71 5.51
CA GLN A 58 -7.70 3.92 5.74
C GLN A 58 -7.97 2.97 4.57
N THR A 59 -7.68 3.42 3.36
CA THR A 59 -7.87 2.60 2.18
C THR A 59 -6.88 1.42 2.22
N ILE A 60 -5.66 1.71 2.61
CA ILE A 60 -4.60 0.71 2.73
C ILE A 60 -4.93 -0.28 3.85
N GLU A 61 -5.59 0.20 4.92
CA GLU A 61 -6.02 -0.67 5.99
C GLU A 61 -7.09 -1.62 5.50
N SER A 62 -7.92 -1.16 4.59
CA SER A 62 -8.96 -1.97 3.99
C SER A 62 -8.29 -3.09 3.16
N VAL A 63 -7.19 -2.72 2.49
CA VAL A 63 -6.37 -3.66 1.73
C VAL A 63 -5.80 -4.73 2.69
N ARG A 64 -5.36 -4.28 3.85
CA ARG A 64 -4.82 -5.17 4.87
C ARG A 64 -5.89 -6.02 5.53
N ASN A 65 -7.14 -5.71 5.28
CA ASN A 65 -8.25 -6.46 5.83
C ASN A 65 -8.65 -7.61 4.92
N VAL A 66 -7.96 -7.79 3.82
CA VAL A 66 -8.22 -8.92 2.96
C VAL A 66 -7.63 -10.18 3.59
N GLU A 67 -8.40 -11.21 3.62
CA GLU A 67 -8.13 -12.43 4.34
C GLU A 67 -7.01 -13.23 3.73
N GLY A 68 -6.79 -13.04 2.45
CA GLY A 68 -5.72 -13.73 1.79
C GLY A 68 -4.43 -12.95 1.88
N VAL A 69 -4.50 -11.77 2.48
CA VAL A 69 -3.32 -10.93 2.58
C VAL A 69 -2.57 -11.21 3.87
N LEU A 70 -1.26 -11.27 3.76
CA LEU A 70 -0.40 -11.54 4.88
C LEU A 70 0.21 -10.25 5.34
N ALA A 71 0.95 -9.61 4.46
CA ALA A 71 1.62 -8.38 4.78
C ALA A 71 1.57 -7.45 3.61
N VAL A 72 1.20 -6.24 3.85
CA VAL A 72 1.21 -5.21 2.86
C VAL A 72 2.33 -4.25 3.18
N SER A 73 3.36 -4.29 2.40
CA SER A 73 4.46 -3.41 2.58
C SER A 73 4.20 -2.12 1.80
N LEU A 74 4.01 -1.06 2.54
CA LEU A 74 3.59 0.21 2.01
C LEU A 74 4.80 0.99 1.49
N VAL A 75 4.85 1.16 0.20
CA VAL A 75 5.91 1.88 -0.44
C VAL A 75 5.51 3.35 -0.57
N TYR A 76 5.74 4.08 0.49
CA TYR A 76 5.52 5.51 0.58
C TYR A 76 6.10 5.96 1.89
N HIS A 77 6.98 6.90 1.85
CA HIS A 77 7.61 7.35 3.07
C HIS A 77 7.14 8.73 3.39
N GLN A 78 6.80 8.97 4.62
CA GLN A 78 6.37 10.28 5.04
C GLN A 78 7.58 11.14 5.29
N GLN A 79 8.12 11.69 4.24
CA GLN A 79 9.25 12.58 4.37
C GLN A 79 8.76 13.97 4.64
N GLU A 80 8.48 14.18 5.88
CA GLU A 80 7.94 15.42 6.36
C GLU A 80 8.89 16.09 7.32
N GLU A 81 9.29 17.28 6.94
CA GLU A 81 10.24 18.11 7.69
C GLU A 81 9.52 19.00 8.69
N GLN A 82 8.28 19.25 8.41
CA GLN A 82 7.45 20.09 9.21
C GLN A 82 6.22 19.31 9.59
N GLY A 83 5.55 19.73 10.62
CA GLY A 83 4.34 19.10 11.01
C GLY A 83 3.20 19.68 10.22
N GLU A 84 2.84 19.02 9.13
CA GLU A 84 1.77 19.48 8.29
C GLU A 84 0.43 19.09 8.92
N GLU A 85 0.18 19.72 10.02
CA GLU A 85 -1.01 19.58 10.79
C GLU A 85 -1.59 20.97 10.85
N THR A 86 -0.81 21.85 11.40
CA THR A 86 -1.08 23.24 11.43
C THR A 86 0.27 23.95 11.34
N PRO A 87 0.73 24.26 10.10
CA PRO A 87 2.05 24.87 9.87
C PRO A 87 2.11 26.36 10.23
N ARG A 88 1.06 26.86 10.83
CA ARG A 88 0.99 28.22 11.22
C ARG A 88 0.84 28.36 12.70
N SER A 89 1.49 29.35 13.23
CA SER A 89 1.37 29.69 14.60
C SER A 89 1.35 31.21 14.68
N HIS A 90 2.48 31.82 14.44
CA HIS A 90 2.59 33.24 14.43
C HIS A 90 3.63 33.59 13.40
N HIS A 91 3.30 34.48 12.51
CA HIS A 91 4.21 34.96 11.50
C HIS A 91 3.76 36.35 11.12
N HIS A 92 2.50 36.46 10.72
CA HIS A 92 1.90 37.76 10.49
C HIS A 92 1.91 38.52 11.80
N HIS A 93 2.23 39.77 11.74
CA HIS A 93 2.40 40.57 12.92
C HIS A 93 1.08 40.82 13.62
N HIS A 94 0.99 40.37 14.85
CA HIS A 94 -0.15 40.65 15.69
C HIS A 94 0.03 42.05 16.22
N HIS A 95 -0.78 42.95 15.76
CA HIS A 95 -0.67 44.32 16.16
C HIS A 95 -1.71 44.61 17.23
N MET A 1 -11.69 20.99 -11.09
CA MET A 1 -10.30 20.75 -10.72
C MET A 1 -10.18 19.32 -10.27
N HIS A 2 -9.04 18.70 -10.49
CA HIS A 2 -8.81 17.40 -9.90
C HIS A 2 -8.11 17.60 -8.60
N THR A 3 -8.64 17.01 -7.55
CA THR A 3 -8.04 17.13 -6.26
C THR A 3 -6.74 16.34 -6.17
N ASN A 4 -5.74 16.94 -5.54
CA ASN A 4 -4.41 16.36 -5.41
C ASN A 4 -4.42 15.04 -4.70
N TRP A 5 -3.76 14.10 -5.29
CA TRP A 5 -3.67 12.78 -4.77
C TRP A 5 -2.23 12.40 -4.49
N GLN A 6 -2.08 11.43 -3.65
CA GLN A 6 -0.80 10.87 -3.34
C GLN A 6 -0.78 9.50 -3.96
N VAL A 7 0.32 9.11 -4.50
CA VAL A 7 0.43 7.80 -5.09
C VAL A 7 1.47 6.99 -4.35
N CYS A 8 1.09 5.85 -3.90
CA CYS A 8 1.97 4.97 -3.19
C CYS A 8 1.72 3.56 -3.68
N SER A 9 2.72 2.75 -3.60
CA SER A 9 2.65 1.40 -4.03
C SER A 9 2.50 0.51 -2.82
N LEU A 10 1.86 -0.58 -2.98
CA LEU A 10 1.69 -1.53 -1.94
C LEU A 10 2.19 -2.84 -2.39
N VAL A 11 3.17 -3.34 -1.72
CA VAL A 11 3.64 -4.66 -2.01
C VAL A 11 2.88 -5.59 -1.12
N VAL A 12 1.92 -6.23 -1.70
CA VAL A 12 1.07 -7.14 -0.98
C VAL A 12 1.58 -8.54 -1.13
N GLN A 13 2.09 -9.07 -0.05
CA GLN A 13 2.52 -10.44 0.02
C GLN A 13 1.34 -11.21 0.56
N ALA A 14 0.88 -12.18 -0.15
CA ALA A 14 -0.32 -12.88 0.22
C ALA A 14 -0.19 -14.36 -0.03
N LYS A 15 -1.19 -15.12 0.43
CA LYS A 15 -1.31 -16.56 0.17
C LYS A 15 -1.19 -16.82 -1.31
N SER A 16 -0.14 -17.51 -1.69
CA SER A 16 0.17 -17.83 -3.06
C SER A 16 -1.02 -18.53 -3.76
N GLU A 17 -1.73 -19.34 -3.00
CA GLU A 17 -2.85 -20.10 -3.50
C GLU A 17 -4.09 -19.24 -3.70
N ARG A 18 -4.16 -18.11 -3.04
CA ARG A 18 -5.36 -17.31 -3.02
C ARG A 18 -5.13 -15.99 -3.76
N ILE A 19 -3.99 -15.91 -4.43
CA ILE A 19 -3.58 -14.72 -5.17
C ILE A 19 -4.61 -14.27 -6.22
N SER A 20 -5.17 -15.22 -6.95
CA SER A 20 -6.17 -14.92 -7.97
C SER A 20 -7.40 -14.17 -7.39
N ASP A 21 -7.86 -14.65 -6.23
CA ASP A 21 -9.00 -14.05 -5.52
C ASP A 21 -8.64 -12.66 -5.07
N ILE A 22 -7.54 -12.59 -4.33
CA ILE A 22 -7.07 -11.35 -3.73
C ILE A 22 -6.77 -10.30 -4.78
N SER A 23 -6.12 -10.67 -5.86
CA SER A 23 -5.75 -9.72 -6.91
C SER A 23 -7.00 -9.09 -7.56
N THR A 24 -8.08 -9.83 -7.60
CA THR A 24 -9.29 -9.34 -8.22
C THR A 24 -10.00 -8.40 -7.25
N GLN A 25 -9.90 -8.76 -6.01
CA GLN A 25 -10.45 -8.03 -4.92
C GLN A 25 -9.72 -6.70 -4.69
N LEU A 26 -8.39 -6.73 -4.75
CA LEU A 26 -7.57 -5.55 -4.54
C LEU A 26 -7.77 -4.50 -5.63
N ASN A 27 -8.00 -4.97 -6.84
CA ASN A 27 -8.15 -4.08 -7.99
C ASN A 27 -9.54 -3.42 -7.97
N ALA A 28 -10.39 -3.90 -7.09
CA ALA A 28 -11.75 -3.41 -6.98
C ALA A 28 -11.86 -2.24 -6.01
N PHE A 29 -10.82 -1.97 -5.24
CA PHE A 29 -10.84 -0.92 -4.26
C PHE A 29 -10.77 0.47 -4.93
N PRO A 30 -11.41 1.50 -4.28
CA PRO A 30 -11.48 2.86 -4.82
C PRO A 30 -10.12 3.51 -5.05
N GLY A 31 -9.70 3.54 -6.29
CA GLY A 31 -8.45 4.16 -6.64
C GLY A 31 -7.26 3.27 -6.38
N CYS A 32 -7.50 1.99 -6.20
CA CYS A 32 -6.46 1.03 -6.01
C CYS A 32 -6.44 0.10 -7.19
N GLU A 33 -5.29 -0.09 -7.78
CA GLU A 33 -5.18 -1.00 -8.89
C GLU A 33 -3.95 -1.83 -8.76
N VAL A 34 -4.09 -3.09 -9.05
CA VAL A 34 -3.00 -4.00 -9.00
C VAL A 34 -2.25 -3.89 -10.31
N ALA A 35 -1.12 -3.23 -10.27
CA ALA A 35 -0.34 -2.99 -11.46
C ALA A 35 0.50 -4.21 -11.77
N VAL A 36 1.07 -4.79 -10.76
CA VAL A 36 1.90 -5.96 -10.93
C VAL A 36 1.31 -7.12 -10.15
N SER A 37 0.80 -8.07 -10.85
CA SER A 37 0.31 -9.26 -10.22
C SER A 37 1.31 -10.37 -10.50
N ASP A 38 2.09 -10.72 -9.50
CA ASP A 38 3.11 -11.73 -9.67
C ASP A 38 2.95 -12.85 -8.67
N ALA A 39 2.31 -13.91 -9.12
CA ALA A 39 2.06 -15.11 -8.31
C ALA A 39 3.35 -15.85 -7.83
N PRO A 40 4.41 -16.03 -8.69
CA PRO A 40 5.66 -16.74 -8.31
C PRO A 40 6.32 -16.17 -7.06
N SER A 41 6.41 -14.85 -6.99
CA SER A 41 7.04 -14.23 -5.84
C SER A 41 5.97 -13.93 -4.76
N GLY A 42 4.70 -14.01 -5.16
CA GLY A 42 3.60 -13.81 -4.24
C GLY A 42 3.37 -12.35 -3.96
N GLN A 43 3.77 -11.52 -4.89
CA GLN A 43 3.67 -10.10 -4.73
C GLN A 43 2.63 -9.51 -5.63
N LEU A 44 1.74 -8.82 -5.03
CA LEU A 44 0.74 -8.09 -5.76
C LEU A 44 0.97 -6.63 -5.46
N ILE A 45 1.39 -5.90 -6.44
CA ILE A 45 1.67 -4.51 -6.27
C ILE A 45 0.44 -3.71 -6.59
N VAL A 46 -0.04 -3.00 -5.62
CA VAL A 46 -1.21 -2.21 -5.76
C VAL A 46 -0.81 -0.75 -5.72
N VAL A 47 -1.11 -0.06 -6.78
CA VAL A 47 -0.83 1.33 -6.87
C VAL A 47 -2.09 2.06 -6.50
N VAL A 48 -1.99 2.90 -5.50
CA VAL A 48 -3.15 3.58 -4.99
C VAL A 48 -2.97 5.08 -5.07
N GLU A 49 -3.96 5.75 -5.61
CA GLU A 49 -3.97 7.18 -5.59
C GLU A 49 -5.02 7.57 -4.57
N ALA A 50 -4.61 8.31 -3.57
CA ALA A 50 -5.52 8.72 -2.55
C ALA A 50 -5.40 10.19 -2.32
N GLU A 51 -6.50 10.82 -2.06
CA GLU A 51 -6.59 12.25 -1.94
C GLU A 51 -6.01 12.74 -0.61
N ASP A 52 -6.14 11.93 0.41
CA ASP A 52 -5.67 12.33 1.73
C ASP A 52 -4.80 11.25 2.34
N SER A 53 -3.85 11.66 3.17
CA SER A 53 -2.92 10.79 3.86
C SER A 53 -3.64 9.69 4.68
N GLU A 54 -4.65 10.06 5.43
CA GLU A 54 -5.33 9.12 6.31
C GLU A 54 -6.29 8.27 5.50
N THR A 55 -6.90 8.87 4.49
CA THR A 55 -7.76 8.16 3.59
C THR A 55 -6.97 7.06 2.88
N LEU A 56 -5.70 7.37 2.56
CA LEU A 56 -4.79 6.42 1.97
C LEU A 56 -4.62 5.23 2.90
N ILE A 57 -4.31 5.53 4.15
CA ILE A 57 -4.06 4.51 5.16
C ILE A 57 -5.29 3.62 5.36
N GLN A 58 -6.45 4.24 5.53
CA GLN A 58 -7.68 3.52 5.73
C GLN A 58 -7.96 2.55 4.56
N THR A 59 -7.74 3.02 3.35
CA THR A 59 -7.94 2.19 2.18
C THR A 59 -6.94 1.01 2.18
N ILE A 60 -5.72 1.30 2.60
CA ILE A 60 -4.68 0.28 2.71
C ILE A 60 -5.05 -0.73 3.80
N GLU A 61 -5.61 -0.24 4.90
CA GLU A 61 -6.07 -1.11 5.97
C GLU A 61 -7.25 -1.96 5.50
N SER A 62 -8.06 -1.40 4.61
CA SER A 62 -9.14 -2.12 4.00
C SER A 62 -8.58 -3.27 3.14
N VAL A 63 -7.52 -2.98 2.42
CA VAL A 63 -6.77 -3.94 1.65
C VAL A 63 -6.19 -5.03 2.59
N ARG A 64 -5.73 -4.61 3.75
CA ARG A 64 -5.21 -5.51 4.79
C ARG A 64 -6.31 -6.39 5.39
N ASN A 65 -7.55 -6.01 5.14
CA ASN A 65 -8.70 -6.77 5.61
C ASN A 65 -9.02 -7.92 4.68
N VAL A 66 -8.39 -7.94 3.50
CA VAL A 66 -8.59 -9.02 2.57
C VAL A 66 -7.91 -10.24 3.10
N GLU A 67 -8.70 -11.25 3.29
CA GLU A 67 -8.26 -12.42 3.85
C GLU A 67 -7.41 -13.21 2.93
N GLY A 68 -6.22 -13.34 3.35
CA GLY A 68 -5.25 -14.04 2.62
C GLY A 68 -4.03 -13.21 2.46
N VAL A 69 -4.14 -11.95 2.82
CA VAL A 69 -3.02 -11.06 2.76
C VAL A 69 -2.15 -11.28 3.99
N LEU A 70 -0.85 -11.40 3.79
CA LEU A 70 0.07 -11.67 4.86
C LEU A 70 0.74 -10.39 5.29
N ALA A 71 1.43 -9.76 4.37
CA ALA A 71 2.14 -8.54 4.67
C ALA A 71 1.92 -7.51 3.58
N VAL A 72 1.51 -6.36 3.97
CA VAL A 72 1.38 -5.24 3.05
C VAL A 72 2.47 -4.25 3.35
N SER A 73 3.41 -4.15 2.48
CA SER A 73 4.48 -3.20 2.63
C SER A 73 4.12 -1.92 1.88
N LEU A 74 3.97 -0.84 2.63
CA LEU A 74 3.56 0.42 2.06
C LEU A 74 4.76 1.12 1.49
N VAL A 75 4.79 1.17 0.20
CA VAL A 75 5.84 1.79 -0.52
C VAL A 75 5.44 3.22 -0.79
N TYR A 76 5.78 4.10 0.13
CA TYR A 76 5.50 5.53 0.00
C TYR A 76 6.31 6.09 -1.15
N HIS A 77 7.48 5.51 -1.30
CA HIS A 77 8.46 5.89 -2.30
C HIS A 77 7.89 5.64 -3.68
N GLN A 78 8.21 6.49 -4.60
CA GLN A 78 7.60 6.46 -5.89
C GLN A 78 8.60 6.40 -7.03
N GLN A 79 8.08 6.44 -8.26
CA GLN A 79 8.88 6.32 -9.48
C GLN A 79 10.00 7.34 -9.51
N GLU A 80 9.65 8.56 -9.24
CA GLU A 80 10.62 9.63 -9.17
C GLU A 80 10.41 10.41 -7.90
N GLU A 81 11.46 10.50 -7.11
CA GLU A 81 11.40 11.16 -5.83
C GLU A 81 11.15 12.65 -6.03
N GLN A 82 12.07 13.29 -6.67
CA GLN A 82 12.00 14.72 -6.93
C GLN A 82 12.71 15.04 -8.22
N GLY A 83 12.24 16.05 -8.91
CA GLY A 83 12.85 16.48 -10.13
C GLY A 83 13.95 17.49 -9.87
N GLU A 84 14.88 17.13 -9.02
CA GLU A 84 15.96 18.01 -8.66
C GLU A 84 17.19 17.70 -9.49
N GLU A 85 17.43 18.52 -10.49
CA GLU A 85 18.61 18.35 -11.31
C GLU A 85 19.63 19.43 -10.94
N THR A 86 19.28 20.24 -9.97
CA THR A 86 20.09 21.34 -9.54
C THR A 86 20.96 20.94 -8.33
N PRO A 87 22.26 20.70 -8.54
CA PRO A 87 23.19 20.36 -7.48
C PRO A 87 24.00 21.59 -7.00
N ARG A 88 24.46 21.53 -5.75
CA ARG A 88 25.23 22.58 -5.04
C ARG A 88 24.36 23.80 -4.73
N SER A 89 24.71 24.50 -3.68
CA SER A 89 24.01 25.70 -3.30
C SER A 89 24.47 26.85 -4.20
N HIS A 90 23.79 27.04 -5.30
CA HIS A 90 24.14 28.09 -6.22
C HIS A 90 22.99 29.06 -6.30
N HIS A 91 23.24 30.26 -5.85
CA HIS A 91 22.26 31.30 -5.85
C HIS A 91 22.88 32.53 -6.47
N HIS A 92 22.08 33.40 -7.03
CA HIS A 92 22.58 34.63 -7.63
C HIS A 92 22.73 35.71 -6.59
N HIS A 93 22.09 35.49 -5.45
CA HIS A 93 22.20 36.36 -4.27
C HIS A 93 21.63 37.75 -4.55
N HIS A 94 21.82 38.68 -3.64
CA HIS A 94 21.33 40.03 -3.80
C HIS A 94 22.35 41.02 -3.26
N HIS A 95 22.44 42.15 -3.91
CA HIS A 95 23.30 43.22 -3.50
C HIS A 95 22.62 44.54 -3.81
N MET A 1 -12.49 18.65 -6.08
CA MET A 1 -12.22 17.52 -5.20
C MET A 1 -10.97 16.78 -5.62
N HIS A 2 -10.22 17.37 -6.55
CA HIS A 2 -9.01 16.78 -7.03
C HIS A 2 -7.97 17.89 -7.17
N THR A 3 -7.21 18.08 -6.15
CA THR A 3 -6.19 19.09 -6.15
C THR A 3 -4.88 18.43 -6.61
N ASN A 4 -4.40 17.52 -5.80
CA ASN A 4 -3.18 16.78 -6.06
C ASN A 4 -3.21 15.57 -5.19
N TRP A 5 -2.91 14.47 -5.75
CA TRP A 5 -3.04 13.24 -5.04
C TRP A 5 -1.72 12.53 -4.86
N GLN A 6 -1.71 11.65 -3.90
CA GLN A 6 -0.54 10.93 -3.54
C GLN A 6 -0.72 9.46 -3.83
N VAL A 7 0.31 8.86 -4.36
CA VAL A 7 0.28 7.47 -4.71
C VAL A 7 1.15 6.69 -3.74
N CYS A 8 0.77 5.50 -3.45
CA CYS A 8 1.54 4.63 -2.62
C CYS A 8 1.53 3.25 -3.24
N SER A 9 2.64 2.61 -3.23
CA SER A 9 2.74 1.29 -3.75
C SER A 9 2.74 0.35 -2.57
N LEU A 10 2.03 -0.71 -2.68
CA LEU A 10 1.96 -1.66 -1.62
C LEU A 10 2.47 -2.98 -2.12
N VAL A 11 3.40 -3.55 -1.40
CA VAL A 11 3.90 -4.86 -1.73
C VAL A 11 3.13 -5.85 -0.89
N VAL A 12 2.19 -6.50 -1.49
CA VAL A 12 1.36 -7.43 -0.80
C VAL A 12 1.93 -8.83 -0.96
N GLN A 13 2.40 -9.37 0.11
CA GLN A 13 2.85 -10.73 0.16
C GLN A 13 1.62 -11.56 0.47
N ALA A 14 1.24 -12.42 -0.43
CA ALA A 14 0.00 -13.13 -0.32
C ALA A 14 0.14 -14.59 -0.76
N LYS A 15 -0.95 -15.34 -0.54
CA LYS A 15 -1.03 -16.73 -0.98
C LYS A 15 -1.14 -16.76 -2.49
N SER A 16 -0.21 -17.42 -3.14
CA SER A 16 -0.16 -17.51 -4.59
C SER A 16 -1.43 -18.14 -5.15
N GLU A 17 -1.89 -19.21 -4.52
CA GLU A 17 -3.09 -19.92 -4.97
C GLU A 17 -4.36 -19.10 -4.78
N ARG A 18 -4.26 -18.07 -3.95
CA ARG A 18 -5.40 -17.27 -3.66
C ARG A 18 -5.26 -15.89 -4.32
N ILE A 19 -4.16 -15.71 -5.07
CA ILE A 19 -3.83 -14.44 -5.71
C ILE A 19 -4.93 -13.84 -6.58
N SER A 20 -5.64 -14.65 -7.32
CA SER A 20 -6.67 -14.15 -8.20
C SER A 20 -7.82 -13.53 -7.38
N ASP A 21 -8.10 -14.15 -6.25
CA ASP A 21 -9.15 -13.70 -5.35
C ASP A 21 -8.70 -12.45 -4.63
N ILE A 22 -7.44 -12.46 -4.24
CA ILE A 22 -6.83 -11.36 -3.52
C ILE A 22 -6.71 -10.12 -4.39
N SER A 23 -6.21 -10.28 -5.60
CA SER A 23 -6.01 -9.17 -6.52
C SER A 23 -7.33 -8.50 -6.88
N THR A 24 -8.36 -9.31 -7.03
CA THR A 24 -9.66 -8.82 -7.39
C THR A 24 -10.28 -8.07 -6.20
N GLN A 25 -9.94 -8.53 -5.00
CA GLN A 25 -10.39 -7.89 -3.79
C GLN A 25 -9.66 -6.57 -3.59
N LEU A 26 -8.34 -6.54 -3.86
CA LEU A 26 -7.54 -5.35 -3.75
C LEU A 26 -8.01 -4.31 -4.77
N ASN A 27 -8.32 -4.77 -5.97
CA ASN A 27 -8.79 -3.92 -7.07
C ASN A 27 -10.19 -3.34 -6.79
N ALA A 28 -10.87 -3.90 -5.81
CA ALA A 28 -12.24 -3.53 -5.49
C ALA A 28 -12.35 -2.21 -4.74
N PHE A 29 -11.31 -1.84 -4.04
CA PHE A 29 -11.34 -0.65 -3.26
C PHE A 29 -11.07 0.57 -4.15
N PRO A 30 -11.86 1.65 -4.00
CA PRO A 30 -11.78 2.83 -4.85
C PRO A 30 -10.42 3.54 -4.76
N GLY A 31 -9.61 3.35 -5.78
CA GLY A 31 -8.32 3.99 -5.85
C GLY A 31 -7.20 3.01 -5.67
N CYS A 32 -7.55 1.77 -5.45
CA CYS A 32 -6.60 0.71 -5.22
C CYS A 32 -6.62 -0.25 -6.40
N GLU A 33 -5.51 -0.34 -7.08
CA GLU A 33 -5.41 -1.18 -8.25
C GLU A 33 -4.12 -1.99 -8.21
N VAL A 34 -4.21 -3.25 -8.56
CA VAL A 34 -3.03 -4.08 -8.62
C VAL A 34 -2.30 -3.81 -9.92
N ALA A 35 -1.09 -3.35 -9.83
CA ALA A 35 -0.31 -3.00 -10.99
C ALA A 35 0.46 -4.21 -11.49
N VAL A 36 1.43 -4.64 -10.72
CA VAL A 36 2.27 -5.76 -11.12
C VAL A 36 1.97 -6.96 -10.25
N SER A 37 1.48 -8.02 -10.85
CA SER A 37 1.20 -9.23 -10.12
C SER A 37 2.33 -10.23 -10.32
N ASP A 38 2.80 -10.84 -9.25
CA ASP A 38 3.80 -11.88 -9.35
C ASP A 38 3.29 -13.12 -8.63
N ALA A 39 2.59 -13.94 -9.37
CA ALA A 39 2.08 -15.21 -8.88
C ALA A 39 3.20 -16.17 -8.40
N PRO A 40 4.34 -16.33 -9.16
CA PRO A 40 5.47 -17.21 -8.76
C PRO A 40 5.96 -17.00 -7.32
N SER A 41 6.13 -15.76 -6.88
CA SER A 41 6.62 -15.52 -5.54
C SER A 41 5.43 -15.33 -4.58
N GLY A 42 4.34 -14.81 -5.09
CA GLY A 42 3.20 -14.56 -4.25
C GLY A 42 3.12 -13.10 -3.84
N GLN A 43 3.70 -12.24 -4.65
CA GLN A 43 3.77 -10.83 -4.33
C GLN A 43 2.97 -10.01 -5.31
N LEU A 44 2.18 -9.12 -4.81
CA LEU A 44 1.36 -8.27 -5.64
C LEU A 44 1.71 -6.82 -5.37
N ILE A 45 2.03 -6.10 -6.42
CA ILE A 45 2.30 -4.69 -6.32
C ILE A 45 1.00 -3.95 -6.56
N VAL A 46 0.57 -3.23 -5.58
CA VAL A 46 -0.66 -2.50 -5.66
C VAL A 46 -0.36 -1.02 -5.68
N VAL A 47 -1.04 -0.30 -6.53
CA VAL A 47 -0.89 1.11 -6.60
C VAL A 47 -2.18 1.75 -6.05
N VAL A 48 -2.05 2.42 -4.96
CA VAL A 48 -3.15 3.09 -4.34
C VAL A 48 -2.95 4.58 -4.52
N GLU A 49 -3.92 5.22 -5.08
CA GLU A 49 -3.83 6.63 -5.35
C GLU A 49 -5.07 7.36 -4.84
N ALA A 50 -4.85 8.33 -3.98
CA ALA A 50 -5.92 9.11 -3.38
C ALA A 50 -5.38 10.47 -2.99
N GLU A 51 -6.25 11.44 -2.81
CA GLU A 51 -5.80 12.78 -2.47
C GLU A 51 -5.43 12.87 -1.00
N ASP A 52 -6.42 12.74 -0.15
CA ASP A 52 -6.24 12.89 1.27
C ASP A 52 -5.55 11.69 1.86
N SER A 53 -4.64 11.93 2.77
CA SER A 53 -3.88 10.89 3.44
C SER A 53 -4.80 9.90 4.18
N GLU A 54 -5.85 10.39 4.82
CA GLU A 54 -6.72 9.53 5.60
C GLU A 54 -7.50 8.63 4.66
N THR A 55 -7.86 9.18 3.52
CA THR A 55 -8.54 8.45 2.48
C THR A 55 -7.60 7.34 1.94
N LEU A 56 -6.34 7.71 1.77
CA LEU A 56 -5.32 6.78 1.31
C LEU A 56 -5.13 5.67 2.34
N ILE A 57 -4.95 6.05 3.61
CA ILE A 57 -4.73 5.12 4.73
C ILE A 57 -5.86 4.09 4.83
N GLN A 58 -7.09 4.55 4.80
CA GLN A 58 -8.24 3.65 4.90
C GLN A 58 -8.32 2.68 3.74
N THR A 59 -7.90 3.11 2.57
CA THR A 59 -7.87 2.23 1.42
C THR A 59 -6.75 1.18 1.60
N ILE A 60 -5.65 1.59 2.20
CA ILE A 60 -4.54 0.69 2.51
C ILE A 60 -4.98 -0.30 3.61
N GLU A 61 -5.76 0.18 4.57
CA GLU A 61 -6.28 -0.68 5.63
C GLU A 61 -7.26 -1.68 5.05
N SER A 62 -8.01 -1.26 4.06
CA SER A 62 -8.92 -2.11 3.35
C SER A 62 -8.17 -3.29 2.72
N VAL A 63 -7.03 -2.97 2.14
CA VAL A 63 -6.11 -3.93 1.56
C VAL A 63 -5.65 -4.95 2.63
N ARG A 64 -5.45 -4.47 3.84
CA ARG A 64 -5.01 -5.33 4.94
C ARG A 64 -6.16 -6.19 5.45
N ASN A 65 -7.36 -5.86 5.02
CA ASN A 65 -8.54 -6.60 5.39
C ASN A 65 -8.84 -7.70 4.39
N VAL A 66 -7.99 -7.80 3.37
CA VAL A 66 -8.08 -8.86 2.41
C VAL A 66 -7.47 -10.10 2.98
N GLU A 67 -8.30 -11.09 3.06
CA GLU A 67 -8.06 -12.42 3.62
C GLU A 67 -6.68 -13.05 3.36
N GLY A 68 -6.10 -12.81 2.22
CA GLY A 68 -4.91 -13.51 1.89
C GLY A 68 -3.66 -12.71 2.07
N VAL A 69 -3.77 -11.58 2.71
CA VAL A 69 -2.60 -10.75 2.91
C VAL A 69 -1.82 -11.20 4.13
N LEU A 70 -0.58 -11.53 3.91
CA LEU A 70 0.30 -11.95 4.98
C LEU A 70 0.99 -10.73 5.52
N ALA A 71 1.66 -10.06 4.63
CA ALA A 71 2.40 -8.88 4.94
C ALA A 71 2.26 -7.93 3.80
N VAL A 72 1.91 -6.72 4.09
CA VAL A 72 1.82 -5.71 3.09
C VAL A 72 2.74 -4.54 3.47
N SER A 73 3.77 -4.39 2.67
CA SER A 73 4.76 -3.38 2.92
C SER A 73 4.33 -2.08 2.24
N LEU A 74 4.42 -0.99 2.97
CA LEU A 74 3.99 0.30 2.48
C LEU A 74 5.17 1.02 1.84
N VAL A 75 5.05 1.24 0.55
CA VAL A 75 6.07 1.91 -0.19
C VAL A 75 5.71 3.37 -0.39
N TYR A 76 6.12 4.15 0.55
CA TYR A 76 6.04 5.59 0.52
C TYR A 76 7.20 6.07 1.38
N HIS A 77 7.89 7.08 0.95
CA HIS A 77 9.07 7.51 1.67
C HIS A 77 8.74 8.53 2.73
N GLN A 78 9.29 8.33 3.89
CA GLN A 78 9.09 9.21 5.03
C GLN A 78 9.98 10.44 4.87
N GLN A 79 9.63 11.50 5.55
CA GLN A 79 10.41 12.72 5.48
C GLN A 79 11.63 12.63 6.39
N GLU A 80 11.52 11.89 7.48
CA GLU A 80 12.66 11.67 8.35
C GLU A 80 13.54 10.62 7.70
N GLU A 81 14.41 11.07 6.82
CA GLU A 81 15.29 10.21 6.06
C GLU A 81 16.25 9.41 6.93
N GLN A 82 16.80 10.05 7.92
CA GLN A 82 17.69 9.39 8.86
C GLN A 82 16.87 8.80 9.98
N GLY A 83 15.86 9.53 10.37
CA GLY A 83 15.01 9.10 11.43
C GLY A 83 15.35 9.81 12.70
N GLU A 84 14.41 9.89 13.60
CA GLU A 84 14.63 10.53 14.86
C GLU A 84 15.18 9.50 15.83
N GLU A 85 16.40 9.71 16.26
CA GLU A 85 17.04 8.78 17.15
C GLU A 85 17.53 9.50 18.40
N THR A 86 18.51 10.34 18.27
CA THR A 86 19.04 11.04 19.40
C THR A 86 19.06 12.55 19.17
N PRO A 87 18.04 13.26 19.63
CA PRO A 87 17.96 14.71 19.54
C PRO A 87 18.41 15.34 20.86
N ARG A 88 19.24 14.63 21.59
CA ARG A 88 19.68 15.06 22.90
C ARG A 88 21.07 15.65 22.80
N SER A 89 21.46 16.37 23.82
CA SER A 89 22.78 16.88 23.92
C SER A 89 23.60 15.85 24.68
N HIS A 90 24.49 15.18 23.98
CA HIS A 90 25.28 14.11 24.59
C HIS A 90 26.75 14.19 24.22
N HIS A 91 27.07 14.93 23.17
CA HIS A 91 28.46 15.09 22.75
C HIS A 91 29.15 16.08 23.67
N HIS A 92 28.33 16.79 24.38
CA HIS A 92 28.75 17.78 25.32
C HIS A 92 27.75 17.81 26.45
N HIS A 93 28.24 17.92 27.64
CA HIS A 93 27.37 17.98 28.80
C HIS A 93 27.50 19.36 29.45
N HIS A 94 28.65 19.98 29.22
CA HIS A 94 28.99 21.35 29.65
C HIS A 94 29.23 21.48 31.15
N HIS A 95 30.50 21.64 31.50
CA HIS A 95 30.96 21.89 32.88
C HIS A 95 30.67 20.72 33.80
N MET A 1 -5.76 15.70 -7.24
CA MET A 1 -6.18 14.38 -7.72
C MET A 1 -5.85 14.15 -9.18
N HIS A 2 -5.23 15.10 -9.83
CA HIS A 2 -4.87 14.93 -11.23
C HIS A 2 -3.40 15.16 -11.46
N THR A 3 -2.99 16.41 -11.34
CA THR A 3 -1.60 16.78 -11.55
C THR A 3 -0.72 16.22 -10.44
N ASN A 4 -1.29 16.15 -9.26
CA ASN A 4 -0.60 15.67 -8.09
C ASN A 4 -1.62 14.98 -7.20
N TRP A 5 -1.19 13.96 -6.50
CA TRP A 5 -1.97 13.20 -5.52
C TRP A 5 -1.13 12.08 -5.00
N GLN A 6 -1.60 11.43 -3.99
CA GLN A 6 -0.83 10.40 -3.38
C GLN A 6 -1.08 9.11 -4.11
N VAL A 7 -0.02 8.57 -4.64
CA VAL A 7 -0.03 7.31 -5.33
C VAL A 7 1.04 6.43 -4.74
N CYS A 8 0.65 5.52 -3.93
CA CYS A 8 1.59 4.68 -3.25
C CYS A 8 1.50 3.26 -3.74
N SER A 9 2.64 2.69 -4.02
CA SER A 9 2.73 1.31 -4.38
C SER A 9 2.76 0.49 -3.10
N LEU A 10 2.10 -0.62 -3.14
CA LEU A 10 2.02 -1.53 -2.05
C LEU A 10 2.48 -2.87 -2.50
N VAL A 11 3.34 -3.48 -1.74
CA VAL A 11 3.73 -4.82 -2.02
C VAL A 11 2.88 -5.69 -1.12
N VAL A 12 1.88 -6.27 -1.70
CA VAL A 12 0.99 -7.10 -0.99
C VAL A 12 1.52 -8.50 -1.03
N GLN A 13 2.03 -8.93 0.08
CA GLN A 13 2.54 -10.25 0.25
C GLN A 13 1.33 -11.07 0.69
N ALA A 14 0.94 -12.02 -0.09
CA ALA A 14 -0.29 -12.71 0.10
C ALA A 14 -0.16 -14.20 -0.17
N LYS A 15 -1.23 -14.96 0.10
CA LYS A 15 -1.25 -16.40 -0.20
C LYS A 15 -1.01 -16.60 -1.70
N SER A 16 0.12 -17.18 -2.03
CA SER A 16 0.57 -17.37 -3.40
C SER A 16 -0.42 -18.20 -4.24
N GLU A 17 -1.08 -19.15 -3.59
CA GLU A 17 -2.05 -20.02 -4.24
C GLU A 17 -3.38 -19.30 -4.50
N ARG A 18 -3.56 -18.13 -3.94
CA ARG A 18 -4.84 -17.46 -3.99
C ARG A 18 -4.70 -16.08 -4.64
N ILE A 19 -3.53 -15.83 -5.22
CA ILE A 19 -3.16 -14.54 -5.81
C ILE A 19 -4.18 -14.00 -6.83
N SER A 20 -4.70 -14.87 -7.68
CA SER A 20 -5.61 -14.44 -8.73
C SER A 20 -6.91 -13.86 -8.13
N ASP A 21 -7.40 -14.48 -7.07
CA ASP A 21 -8.61 -14.01 -6.41
C ASP A 21 -8.33 -12.73 -5.66
N ILE A 22 -7.20 -12.71 -5.00
CA ILE A 22 -6.78 -11.58 -4.18
C ILE A 22 -6.60 -10.33 -5.04
N SER A 23 -5.99 -10.50 -6.20
CA SER A 23 -5.74 -9.42 -7.12
C SER A 23 -7.06 -8.73 -7.53
N THR A 24 -8.11 -9.53 -7.73
CA THR A 24 -9.37 -9.01 -8.19
C THR A 24 -10.06 -8.28 -7.05
N GLN A 25 -9.86 -8.82 -5.87
CA GLN A 25 -10.37 -8.29 -4.66
C GLN A 25 -9.71 -6.95 -4.33
N LEU A 26 -8.39 -6.87 -4.48
CA LEU A 26 -7.63 -5.67 -4.21
C LEU A 26 -7.94 -4.60 -5.24
N ASN A 27 -8.17 -5.03 -6.46
CA ASN A 27 -8.49 -4.16 -7.58
C ASN A 27 -9.91 -3.57 -7.39
N ALA A 28 -10.65 -4.12 -6.45
CA ALA A 28 -12.00 -3.67 -6.18
C ALA A 28 -12.03 -2.64 -5.04
N PHE A 29 -10.87 -2.24 -4.53
CA PHE A 29 -10.80 -1.21 -3.54
C PHE A 29 -10.75 0.14 -4.24
N PRO A 30 -11.29 1.20 -3.61
CA PRO A 30 -11.37 2.54 -4.23
C PRO A 30 -10.01 3.13 -4.58
N GLY A 31 -9.66 3.03 -5.84
CA GLY A 31 -8.44 3.61 -6.32
C GLY A 31 -7.26 2.70 -6.12
N CYS A 32 -7.51 1.46 -5.86
CA CYS A 32 -6.47 0.51 -5.69
C CYS A 32 -6.47 -0.40 -6.88
N GLU A 33 -5.44 -0.30 -7.69
CA GLU A 33 -5.34 -1.12 -8.86
C GLU A 33 -4.05 -1.90 -8.80
N VAL A 34 -4.12 -3.14 -9.20
CA VAL A 34 -2.95 -4.00 -9.21
C VAL A 34 -2.16 -3.66 -10.48
N ALA A 35 -0.93 -3.27 -10.31
CA ALA A 35 -0.10 -2.87 -11.42
C ALA A 35 0.72 -4.04 -11.92
N VAL A 36 1.27 -4.80 -11.01
CA VAL A 36 2.10 -5.94 -11.34
C VAL A 36 1.67 -7.10 -10.48
N SER A 37 1.42 -8.24 -11.08
CA SER A 37 1.03 -9.40 -10.33
C SER A 37 2.11 -10.45 -10.46
N ASP A 38 2.54 -11.01 -9.35
CA ASP A 38 3.48 -12.10 -9.43
C ASP A 38 3.04 -13.20 -8.51
N ALA A 39 2.24 -14.09 -9.05
CA ALA A 39 1.72 -15.24 -8.33
C ALA A 39 2.83 -16.18 -7.77
N PRO A 40 3.94 -16.45 -8.54
CA PRO A 40 5.07 -17.28 -8.05
C PRO A 40 5.63 -16.80 -6.69
N SER A 41 5.82 -15.49 -6.53
CA SER A 41 6.39 -15.00 -5.29
C SER A 41 5.31 -14.58 -4.29
N GLY A 42 4.05 -14.64 -4.71
CA GLY A 42 2.96 -14.28 -3.83
C GLY A 42 2.88 -12.79 -3.61
N GLN A 43 3.37 -12.03 -4.56
CA GLN A 43 3.46 -10.61 -4.43
C GLN A 43 2.59 -9.91 -5.44
N LEU A 44 1.80 -9.01 -4.95
CA LEU A 44 0.96 -8.19 -5.77
C LEU A 44 1.30 -6.74 -5.55
N ILE A 45 1.59 -6.04 -6.61
CA ILE A 45 1.89 -4.64 -6.54
C ILE A 45 0.61 -3.88 -6.77
N VAL A 46 0.20 -3.13 -5.80
CA VAL A 46 -1.03 -2.39 -5.85
C VAL A 46 -0.73 -0.92 -5.72
N VAL A 47 -1.25 -0.13 -6.60
CA VAL A 47 -1.07 1.30 -6.52
C VAL A 47 -2.34 1.91 -5.99
N VAL A 48 -2.25 2.49 -4.83
CA VAL A 48 -3.38 3.13 -4.20
C VAL A 48 -3.28 4.62 -4.41
N GLU A 49 -4.28 5.17 -5.02
CA GLU A 49 -4.36 6.58 -5.30
C GLU A 49 -5.38 7.23 -4.37
N ALA A 50 -5.02 8.35 -3.81
CA ALA A 50 -5.91 9.09 -2.92
C ALA A 50 -5.46 10.53 -2.83
N GLU A 51 -6.35 11.37 -2.35
CA GLU A 51 -6.07 12.76 -2.19
C GLU A 51 -5.59 13.03 -0.76
N ASP A 52 -6.42 12.67 0.20
CA ASP A 52 -6.13 12.94 1.61
C ASP A 52 -5.24 11.87 2.19
N SER A 53 -4.39 12.25 3.13
CA SER A 53 -3.41 11.36 3.72
C SER A 53 -4.06 10.25 4.54
N GLU A 54 -5.01 10.60 5.37
CA GLU A 54 -5.68 9.65 6.21
C GLU A 54 -6.59 8.78 5.40
N THR A 55 -7.22 9.35 4.39
CA THR A 55 -8.07 8.61 3.50
C THR A 55 -7.25 7.53 2.76
N LEU A 56 -6.00 7.86 2.45
CA LEU A 56 -5.07 6.92 1.85
C LEU A 56 -4.82 5.78 2.83
N ILE A 57 -4.48 6.15 4.07
CA ILE A 57 -4.20 5.18 5.14
C ILE A 57 -5.41 4.26 5.37
N GLN A 58 -6.60 4.85 5.49
CA GLN A 58 -7.86 4.10 5.71
C GLN A 58 -8.03 3.02 4.65
N THR A 59 -7.83 3.39 3.41
CA THR A 59 -7.96 2.50 2.30
C THR A 59 -6.90 1.38 2.39
N ILE A 60 -5.66 1.76 2.70
CA ILE A 60 -4.56 0.80 2.84
C ILE A 60 -4.84 -0.17 4.01
N GLU A 61 -5.41 0.34 5.09
CA GLU A 61 -5.80 -0.48 6.23
C GLU A 61 -6.83 -1.49 5.82
N SER A 62 -7.75 -1.08 4.99
CA SER A 62 -8.79 -1.96 4.51
C SER A 62 -8.16 -3.07 3.66
N VAL A 63 -7.12 -2.71 2.88
CA VAL A 63 -6.37 -3.66 2.04
C VAL A 63 -5.78 -4.78 2.93
N ARG A 64 -5.26 -4.37 4.08
CA ARG A 64 -4.62 -5.27 5.04
C ARG A 64 -5.63 -6.26 5.63
N ASN A 65 -6.89 -5.90 5.58
CA ASN A 65 -7.94 -6.69 6.16
C ASN A 65 -8.43 -7.81 5.26
N VAL A 66 -7.84 -7.97 4.09
CA VAL A 66 -8.27 -9.02 3.21
C VAL A 66 -7.73 -10.38 3.64
N GLU A 67 -8.62 -11.32 3.58
CA GLU A 67 -8.42 -12.73 3.80
C GLU A 67 -7.14 -13.29 3.16
N GLY A 68 -7.00 -13.10 1.87
CA GLY A 68 -5.88 -13.66 1.18
C GLY A 68 -4.56 -12.92 1.43
N VAL A 69 -4.61 -11.81 2.12
CA VAL A 69 -3.42 -11.01 2.33
C VAL A 69 -2.69 -11.45 3.60
N LEU A 70 -1.37 -11.40 3.57
CA LEU A 70 -0.54 -11.73 4.70
C LEU A 70 0.03 -10.45 5.27
N ALA A 71 0.75 -9.74 4.42
CA ALA A 71 1.41 -8.51 4.81
C ALA A 71 1.32 -7.50 3.71
N VAL A 72 0.97 -6.29 4.05
CA VAL A 72 0.93 -5.21 3.10
C VAL A 72 2.07 -4.25 3.41
N SER A 73 3.05 -4.24 2.56
CA SER A 73 4.17 -3.35 2.71
C SER A 73 3.91 -2.07 1.95
N LEU A 74 4.05 -0.97 2.61
CA LEU A 74 3.80 0.31 2.01
C LEU A 74 5.13 0.81 1.44
N VAL A 75 5.21 0.86 0.13
CA VAL A 75 6.43 1.26 -0.57
C VAL A 75 6.70 2.72 -0.43
N TYR A 76 5.76 3.50 -0.76
CA TYR A 76 5.95 4.91 -0.72
C TYR A 76 5.35 5.50 0.53
N HIS A 77 6.12 5.44 1.58
CA HIS A 77 5.73 5.98 2.85
C HIS A 77 6.88 6.82 3.38
N GLN A 78 6.70 8.12 3.34
CA GLN A 78 7.71 9.03 3.80
C GLN A 78 7.07 9.89 4.86
N GLN A 79 7.46 9.73 6.09
CA GLN A 79 6.90 10.55 7.14
C GLN A 79 7.76 11.79 7.32
N GLU A 80 8.98 11.58 7.81
CA GLU A 80 9.92 12.66 7.97
C GLU A 80 11.31 12.07 8.20
N GLU A 81 12.28 12.69 7.57
CA GLU A 81 13.63 12.17 7.52
C GLU A 81 14.43 12.54 8.76
N GLN A 82 14.24 13.73 9.26
CA GLN A 82 14.93 14.18 10.44
C GLN A 82 13.95 14.65 11.50
N GLY A 83 14.45 15.04 12.65
CA GLY A 83 13.58 15.48 13.72
C GLY A 83 13.51 14.44 14.80
N GLU A 84 12.88 13.34 14.51
CA GLU A 84 12.81 12.25 15.46
C GLU A 84 14.07 11.43 15.35
N GLU A 85 14.31 10.90 14.19
CA GLU A 85 15.51 10.16 13.93
C GLU A 85 16.55 11.09 13.35
N THR A 86 17.79 10.80 13.57
CA THR A 86 18.87 11.57 13.01
C THR A 86 20.06 10.65 12.75
N PRO A 87 20.05 9.97 11.60
CA PRO A 87 21.13 9.06 11.23
C PRO A 87 22.38 9.82 10.82
N ARG A 88 22.18 10.85 10.04
CA ARG A 88 23.26 11.61 9.50
C ARG A 88 22.78 13.02 9.22
N SER A 89 23.64 13.98 9.44
CA SER A 89 23.29 15.35 9.18
C SER A 89 24.14 15.86 8.02
N HIS A 90 23.62 15.67 6.83
CA HIS A 90 24.30 16.10 5.63
C HIS A 90 23.74 17.41 5.19
N HIS A 91 24.24 18.46 5.74
CA HIS A 91 23.74 19.76 5.42
C HIS A 91 24.69 20.52 4.52
N HIS A 92 24.68 20.14 3.27
CA HIS A 92 25.44 20.85 2.29
C HIS A 92 24.73 22.16 2.04
N HIS A 93 25.43 23.24 2.18
CA HIS A 93 24.82 24.55 2.09
C HIS A 93 24.57 24.95 0.66
N HIS A 94 23.34 24.69 0.22
CA HIS A 94 22.82 24.96 -1.12
C HIS A 94 23.48 24.03 -2.15
N HIS A 95 24.73 24.30 -2.41
CA HIS A 95 25.61 23.56 -3.30
C HIS A 95 26.83 24.44 -3.46
N MET A 1 -5.59 20.26 -3.38
CA MET A 1 -4.60 19.68 -4.28
C MET A 1 -5.16 18.41 -4.91
N HIS A 2 -5.62 18.52 -6.13
CA HIS A 2 -6.18 17.38 -6.85
C HIS A 2 -5.14 16.74 -7.76
N THR A 3 -4.32 17.58 -8.37
CA THR A 3 -3.32 17.14 -9.33
C THR A 3 -2.24 16.25 -8.68
N ASN A 4 -1.63 16.73 -7.63
CA ASN A 4 -0.58 15.95 -7.01
C ASN A 4 -1.13 15.23 -5.83
N TRP A 5 -1.54 14.03 -6.06
CA TRP A 5 -2.13 13.23 -5.04
C TRP A 5 -1.22 12.12 -4.64
N GLN A 6 -1.48 11.56 -3.50
CA GLN A 6 -0.63 10.57 -2.90
C GLN A 6 -0.71 9.27 -3.65
N VAL A 7 0.39 8.85 -4.15
CA VAL A 7 0.49 7.59 -4.83
C VAL A 7 1.47 6.75 -4.08
N CYS A 8 1.11 5.55 -3.80
CA CYS A 8 1.97 4.65 -3.10
C CYS A 8 1.78 3.28 -3.64
N SER A 9 2.83 2.52 -3.62
CA SER A 9 2.75 1.18 -4.06
C SER A 9 2.75 0.30 -2.84
N LEU A 10 2.14 -0.81 -2.94
CA LEU A 10 2.09 -1.75 -1.90
C LEU A 10 2.62 -3.04 -2.39
N VAL A 11 3.63 -3.54 -1.75
CA VAL A 11 4.09 -4.86 -2.05
C VAL A 11 3.32 -5.77 -1.13
N VAL A 12 2.36 -6.39 -1.70
CA VAL A 12 1.49 -7.24 -0.97
C VAL A 12 1.95 -8.67 -1.14
N GLN A 13 2.35 -9.26 -0.06
CA GLN A 13 2.70 -10.64 -0.04
C GLN A 13 1.43 -11.38 0.36
N ALA A 14 1.01 -12.25 -0.47
CA ALA A 14 -0.20 -12.99 -0.27
C ALA A 14 0.01 -14.43 -0.67
N LYS A 15 -0.98 -15.28 -0.41
CA LYS A 15 -0.89 -16.68 -0.83
C LYS A 15 -0.76 -16.75 -2.33
N SER A 16 0.26 -17.42 -2.80
CA SER A 16 0.55 -17.52 -4.22
C SER A 16 -0.57 -18.28 -4.95
N GLU A 17 -1.24 -19.16 -4.23
CA GLU A 17 -2.36 -19.93 -4.76
C GLU A 17 -3.64 -19.07 -4.79
N ARG A 18 -3.58 -17.92 -4.15
CA ARG A 18 -4.74 -17.10 -3.98
C ARG A 18 -4.51 -15.70 -4.60
N ILE A 19 -3.54 -15.63 -5.47
CA ILE A 19 -3.17 -14.38 -6.12
C ILE A 19 -4.29 -13.83 -6.97
N SER A 20 -4.90 -14.67 -7.77
CA SER A 20 -5.99 -14.26 -8.64
C SER A 20 -7.18 -13.73 -7.80
N ASP A 21 -7.46 -14.41 -6.70
CA ASP A 21 -8.54 -14.03 -5.79
C ASP A 21 -8.27 -12.68 -5.13
N ILE A 22 -7.15 -12.57 -4.45
CA ILE A 22 -6.81 -11.37 -3.70
C ILE A 22 -6.59 -10.18 -4.63
N SER A 23 -6.06 -10.41 -5.81
CA SER A 23 -5.86 -9.36 -6.78
C SER A 23 -7.22 -8.78 -7.21
N THR A 24 -8.26 -9.61 -7.21
CA THR A 24 -9.57 -9.20 -7.65
C THR A 24 -10.26 -8.47 -6.51
N GLN A 25 -9.89 -8.85 -5.32
CA GLN A 25 -10.35 -8.23 -4.13
C GLN A 25 -9.71 -6.84 -3.94
N LEU A 26 -8.40 -6.77 -4.11
CA LEU A 26 -7.67 -5.55 -3.91
C LEU A 26 -7.94 -4.53 -4.99
N ASN A 27 -8.20 -4.99 -6.20
CA ASN A 27 -8.46 -4.12 -7.32
C ASN A 27 -9.95 -3.66 -7.32
N ALA A 28 -10.65 -4.01 -6.26
CA ALA A 28 -12.06 -3.65 -6.11
C ALA A 28 -12.24 -2.48 -5.15
N PHE A 29 -11.15 -1.85 -4.74
CA PHE A 29 -11.21 -0.74 -3.86
C PHE A 29 -11.00 0.58 -4.64
N PRO A 30 -11.59 1.70 -4.17
CA PRO A 30 -11.48 2.99 -4.86
C PRO A 30 -10.08 3.58 -4.76
N GLY A 31 -9.41 3.68 -5.89
CA GLY A 31 -8.08 4.25 -5.92
C GLY A 31 -7.02 3.20 -5.72
N CYS A 32 -7.45 1.98 -5.55
CA CYS A 32 -6.58 0.89 -5.32
C CYS A 32 -6.65 -0.08 -6.48
N GLU A 33 -5.58 -0.17 -7.22
CA GLU A 33 -5.52 -1.06 -8.35
C GLU A 33 -4.24 -1.88 -8.32
N VAL A 34 -4.35 -3.11 -8.73
CA VAL A 34 -3.23 -3.99 -8.81
C VAL A 34 -2.54 -3.78 -10.15
N ALA A 35 -1.25 -3.55 -10.11
CA ALA A 35 -0.50 -3.31 -11.32
C ALA A 35 0.24 -4.56 -11.78
N VAL A 36 1.03 -5.11 -10.87
CA VAL A 36 1.83 -6.28 -11.19
C VAL A 36 1.46 -7.41 -10.26
N SER A 37 1.08 -8.51 -10.80
CA SER A 37 0.74 -9.66 -10.02
C SER A 37 1.78 -10.76 -10.32
N ASP A 38 2.66 -11.00 -9.39
CA ASP A 38 3.68 -12.03 -9.56
C ASP A 38 3.22 -13.25 -8.83
N ALA A 39 2.61 -14.15 -9.55
CA ALA A 39 2.09 -15.39 -8.97
C ALA A 39 3.18 -16.23 -8.24
N PRO A 40 4.38 -16.49 -8.87
CA PRO A 40 5.45 -17.36 -8.27
C PRO A 40 5.91 -16.86 -6.89
N SER A 41 5.95 -15.58 -6.73
CA SER A 41 6.45 -14.99 -5.52
C SER A 41 5.35 -14.64 -4.54
N GLY A 42 4.09 -14.75 -4.97
CA GLY A 42 3.00 -14.39 -4.10
C GLY A 42 2.93 -12.88 -3.93
N GLN A 43 3.43 -12.17 -4.92
CA GLN A 43 3.54 -10.73 -4.87
C GLN A 43 2.46 -10.05 -5.66
N LEU A 44 1.86 -9.09 -5.05
CA LEU A 44 0.91 -8.24 -5.69
C LEU A 44 1.35 -6.81 -5.49
N ILE A 45 1.64 -6.13 -6.56
CA ILE A 45 1.97 -4.73 -6.50
C ILE A 45 0.70 -3.96 -6.68
N VAL A 46 0.34 -3.23 -5.68
CA VAL A 46 -0.88 -2.49 -5.71
C VAL A 46 -0.58 -1.01 -5.61
N VAL A 47 -1.02 -0.27 -6.59
CA VAL A 47 -0.80 1.16 -6.60
C VAL A 47 -2.04 1.83 -6.06
N VAL A 48 -1.92 2.36 -4.88
CA VAL A 48 -3.00 3.00 -4.23
C VAL A 48 -2.77 4.49 -4.29
N GLU A 49 -3.65 5.14 -4.96
CA GLU A 49 -3.58 6.55 -5.13
C GLU A 49 -4.83 7.19 -4.54
N ALA A 50 -4.61 8.08 -3.62
CA ALA A 50 -5.67 8.76 -2.92
C ALA A 50 -5.20 10.16 -2.62
N GLU A 51 -6.10 11.08 -2.67
CA GLU A 51 -5.79 12.46 -2.51
C GLU A 51 -5.50 12.81 -1.06
N ASP A 52 -6.45 12.55 -0.19
CA ASP A 52 -6.33 12.93 1.22
C ASP A 52 -5.51 11.92 1.98
N SER A 53 -4.78 12.40 2.97
CA SER A 53 -3.90 11.58 3.78
C SER A 53 -4.67 10.52 4.54
N GLU A 54 -5.74 10.93 5.17
CA GLU A 54 -6.58 10.05 5.94
C GLU A 54 -7.30 9.07 5.05
N THR A 55 -7.76 9.55 3.92
CA THR A 55 -8.44 8.73 2.95
C THR A 55 -7.50 7.62 2.44
N LEU A 56 -6.22 7.95 2.29
CA LEU A 56 -5.22 6.99 1.87
C LEU A 56 -5.15 5.87 2.91
N ILE A 57 -5.02 6.28 4.17
CA ILE A 57 -4.91 5.33 5.29
C ILE A 57 -6.18 4.45 5.38
N GLN A 58 -7.35 5.07 5.23
CA GLN A 58 -8.62 4.35 5.30
C GLN A 58 -8.75 3.31 4.20
N THR A 59 -8.21 3.61 3.06
CA THR A 59 -8.26 2.69 1.95
C THR A 59 -7.25 1.56 2.16
N ILE A 60 -6.07 1.91 2.64
CA ILE A 60 -5.02 0.94 2.88
C ILE A 60 -5.41 -0.10 3.94
N GLU A 61 -6.13 0.32 4.99
CA GLU A 61 -6.54 -0.66 5.99
C GLU A 61 -7.53 -1.66 5.42
N SER A 62 -8.44 -1.19 4.56
CA SER A 62 -9.42 -2.04 3.89
C SER A 62 -8.72 -3.13 3.10
N VAL A 63 -7.68 -2.72 2.41
CA VAL A 63 -6.82 -3.60 1.63
C VAL A 63 -6.17 -4.65 2.53
N ARG A 64 -5.74 -4.22 3.69
CA ARG A 64 -5.08 -5.09 4.66
C ARG A 64 -6.08 -5.95 5.43
N ASN A 65 -7.36 -5.64 5.27
CA ASN A 65 -8.44 -6.38 5.94
C ASN A 65 -8.83 -7.59 5.13
N VAL A 66 -8.28 -7.71 3.94
CA VAL A 66 -8.56 -8.85 3.11
C VAL A 66 -7.89 -10.07 3.66
N GLU A 67 -8.68 -11.00 4.07
CA GLU A 67 -8.20 -12.17 4.65
C GLU A 67 -7.65 -13.07 3.60
N GLY A 68 -6.38 -13.16 3.64
CA GLY A 68 -5.60 -13.90 2.70
C GLY A 68 -4.30 -13.18 2.49
N VAL A 69 -4.21 -11.97 3.00
CA VAL A 69 -2.98 -11.22 2.90
C VAL A 69 -2.00 -11.68 3.98
N LEU A 70 -0.73 -11.72 3.64
CA LEU A 70 0.30 -12.17 4.56
C LEU A 70 1.04 -11.00 5.14
N ALA A 71 1.57 -10.15 4.27
CA ALA A 71 2.30 -8.98 4.70
C ALA A 71 2.23 -7.92 3.63
N VAL A 72 1.92 -6.72 4.03
CA VAL A 72 1.91 -5.60 3.13
C VAL A 72 3.08 -4.67 3.47
N SER A 73 3.93 -4.43 2.51
CA SER A 73 5.02 -3.51 2.68
C SER A 73 4.63 -2.24 1.93
N LEU A 74 4.52 -1.16 2.66
CA LEU A 74 4.04 0.09 2.09
C LEU A 74 5.19 0.83 1.39
N VAL A 75 5.16 0.84 0.09
CA VAL A 75 6.18 1.50 -0.69
C VAL A 75 5.82 2.98 -0.81
N TYR A 76 6.24 3.67 0.19
CA TYR A 76 6.06 5.09 0.37
C TYR A 76 7.11 5.43 1.39
N HIS A 77 7.23 4.51 2.35
CA HIS A 77 8.28 4.49 3.35
C HIS A 77 8.09 5.50 4.45
N GLN A 78 8.74 5.25 5.55
CA GLN A 78 8.69 6.12 6.67
C GLN A 78 10.10 6.56 7.01
N GLN A 79 11.02 5.60 7.07
CA GLN A 79 12.38 5.90 7.36
C GLN A 79 13.13 6.30 6.11
N GLU A 80 13.11 7.57 5.87
CA GLU A 80 13.84 8.16 4.79
C GLU A 80 14.60 9.33 5.39
N GLU A 81 13.85 10.21 6.05
CA GLU A 81 14.42 11.40 6.70
C GLU A 81 15.38 11.04 7.84
N GLN A 82 15.11 9.95 8.53
CA GLN A 82 15.94 9.54 9.65
C GLN A 82 17.03 8.58 9.18
N GLY A 83 17.04 8.30 7.91
CA GLY A 83 17.98 7.37 7.37
C GLY A 83 17.31 6.40 6.46
N GLU A 84 17.81 6.31 5.26
CA GLU A 84 17.29 5.41 4.25
C GLU A 84 17.79 4.01 4.46
N GLU A 85 18.88 3.89 5.18
CA GLU A 85 19.45 2.60 5.48
C GLU A 85 18.77 2.00 6.67
N THR A 86 18.48 0.75 6.56
CA THR A 86 17.87 0.01 7.60
C THR A 86 18.98 -0.58 8.46
N PRO A 87 19.03 -0.20 9.72
CA PRO A 87 20.09 -0.62 10.61
C PRO A 87 19.82 -1.98 11.26
N ARG A 88 20.57 -2.30 12.28
CA ARG A 88 20.43 -3.57 12.95
C ARG A 88 19.18 -3.62 13.80
N SER A 89 18.17 -4.22 13.25
CA SER A 89 16.93 -4.42 13.91
C SER A 89 17.09 -5.51 14.98
N HIS A 90 16.66 -5.18 16.20
CA HIS A 90 16.79 -6.03 17.40
C HIS A 90 18.23 -6.08 17.90
N HIS A 91 18.49 -5.34 18.95
CA HIS A 91 19.80 -5.36 19.56
C HIS A 91 19.86 -6.58 20.46
N HIS A 92 20.11 -7.69 19.83
CA HIS A 92 20.12 -9.00 20.45
C HIS A 92 21.55 -9.42 20.74
N HIS A 93 22.48 -8.74 20.10
CA HIS A 93 23.87 -9.07 20.22
C HIS A 93 24.67 -7.85 20.63
N HIS A 94 24.93 -7.74 21.91
CA HIS A 94 25.76 -6.68 22.44
C HIS A 94 27.21 -7.05 22.12
N HIS A 95 27.72 -6.46 21.11
CA HIS A 95 29.02 -6.77 20.61
C HIS A 95 30.02 -5.72 21.03
N MET A 1 -8.67 18.35 -5.12
CA MET A 1 -8.78 18.38 -6.59
C MET A 1 -7.61 19.11 -7.24
N HIS A 2 -6.72 19.67 -6.42
CA HIS A 2 -5.51 20.30 -6.94
C HIS A 2 -4.30 19.89 -6.09
N THR A 3 -4.46 18.83 -5.37
CA THR A 3 -3.45 18.34 -4.49
C THR A 3 -2.60 17.34 -5.25
N ASN A 4 -1.38 17.11 -4.83
CA ASN A 4 -0.65 16.00 -5.36
C ASN A 4 -1.09 14.81 -4.57
N TRP A 5 -2.19 14.23 -5.03
CA TRP A 5 -2.79 13.08 -4.41
C TRP A 5 -1.79 11.98 -4.28
N GLN A 6 -1.48 11.71 -3.05
CA GLN A 6 -0.43 10.86 -2.65
C GLN A 6 -0.66 9.42 -3.01
N VAL A 7 0.29 8.90 -3.74
CA VAL A 7 0.28 7.54 -4.22
C VAL A 7 1.22 6.71 -3.34
N CYS A 8 0.90 5.47 -3.17
CA CYS A 8 1.77 4.54 -2.47
C CYS A 8 1.65 3.17 -3.09
N SER A 9 2.77 2.62 -3.47
CA SER A 9 2.83 1.29 -3.96
C SER A 9 3.00 0.35 -2.78
N LEU A 10 2.27 -0.69 -2.80
CA LEU A 10 2.26 -1.65 -1.76
C LEU A 10 2.75 -2.97 -2.25
N VAL A 11 3.62 -3.56 -1.49
CA VAL A 11 4.05 -4.90 -1.71
C VAL A 11 3.17 -5.76 -0.85
N VAL A 12 2.21 -6.35 -1.46
CA VAL A 12 1.30 -7.21 -0.79
C VAL A 12 1.80 -8.63 -0.93
N GLN A 13 2.34 -9.13 0.13
CA GLN A 13 2.80 -10.47 0.18
C GLN A 13 1.60 -11.29 0.54
N ALA A 14 1.17 -12.14 -0.35
CA ALA A 14 -0.03 -12.88 -0.12
C ALA A 14 0.13 -14.31 -0.54
N LYS A 15 -0.89 -15.11 -0.22
CA LYS A 15 -0.96 -16.52 -0.63
C LYS A 15 -0.86 -16.63 -2.14
N SER A 16 0.18 -17.27 -2.61
CA SER A 16 0.44 -17.48 -4.03
C SER A 16 -0.71 -18.25 -4.71
N GLU A 17 -1.36 -19.09 -3.93
CA GLU A 17 -2.48 -19.91 -4.39
C GLU A 17 -3.78 -19.10 -4.47
N ARG A 18 -3.78 -17.92 -3.91
CA ARG A 18 -4.99 -17.15 -3.76
C ARG A 18 -4.84 -15.79 -4.42
N ILE A 19 -3.84 -15.68 -5.27
CA ILE A 19 -3.49 -14.42 -5.94
C ILE A 19 -4.63 -13.87 -6.77
N SER A 20 -5.21 -14.69 -7.63
CA SER A 20 -6.30 -14.26 -8.50
C SER A 20 -7.50 -13.76 -7.68
N ASP A 21 -7.73 -14.43 -6.55
CA ASP A 21 -8.84 -14.10 -5.65
C ASP A 21 -8.61 -12.71 -5.08
N ILE A 22 -7.44 -12.53 -4.50
CA ILE A 22 -7.05 -11.28 -3.85
C ILE A 22 -6.94 -10.14 -4.87
N SER A 23 -6.48 -10.43 -6.08
CA SER A 23 -6.34 -9.41 -7.13
C SER A 23 -7.68 -8.77 -7.49
N THR A 24 -8.75 -9.54 -7.39
CA THR A 24 -10.07 -9.05 -7.75
C THR A 24 -10.58 -8.16 -6.62
N GLN A 25 -10.21 -8.55 -5.44
CA GLN A 25 -10.56 -7.90 -4.24
C GLN A 25 -9.81 -6.57 -4.06
N LEU A 26 -8.52 -6.56 -4.36
CA LEU A 26 -7.70 -5.38 -4.24
C LEU A 26 -8.12 -4.31 -5.23
N ASN A 27 -8.59 -4.73 -6.40
CA ASN A 27 -9.05 -3.78 -7.42
C ASN A 27 -10.47 -3.33 -7.19
N ALA A 28 -11.07 -3.79 -6.10
CA ALA A 28 -12.44 -3.47 -5.80
C ALA A 28 -12.56 -2.23 -4.92
N PHE A 29 -11.44 -1.74 -4.41
CA PHE A 29 -11.46 -0.60 -3.59
C PHE A 29 -11.25 0.65 -4.47
N PRO A 30 -11.95 1.75 -4.18
CA PRO A 30 -11.87 2.96 -4.98
C PRO A 30 -10.51 3.68 -4.82
N GLY A 31 -9.72 3.66 -5.87
CA GLY A 31 -8.42 4.32 -5.83
C GLY A 31 -7.31 3.35 -5.55
N CYS A 32 -7.63 2.08 -5.55
CA CYS A 32 -6.71 1.03 -5.27
C CYS A 32 -6.70 0.09 -6.45
N GLU A 33 -5.56 -0.09 -7.04
CA GLU A 33 -5.45 -0.93 -8.20
C GLU A 33 -4.18 -1.76 -8.14
N VAL A 34 -4.27 -3.00 -8.57
CA VAL A 34 -3.12 -3.87 -8.62
C VAL A 34 -2.39 -3.59 -9.92
N ALA A 35 -1.12 -3.40 -9.84
CA ALA A 35 -0.32 -3.12 -11.01
C ALA A 35 0.38 -4.39 -11.46
N VAL A 36 1.30 -4.86 -10.64
CA VAL A 36 2.07 -6.04 -10.94
C VAL A 36 1.61 -7.20 -10.07
N SER A 37 1.40 -8.32 -10.67
CA SER A 37 1.06 -9.51 -9.97
C SER A 37 2.13 -10.57 -10.26
N ASP A 38 2.76 -11.06 -9.23
CA ASP A 38 3.74 -12.13 -9.38
C ASP A 38 3.22 -13.33 -8.69
N ALA A 39 2.55 -14.18 -9.43
CA ALA A 39 2.02 -15.42 -8.91
C ALA A 39 3.11 -16.32 -8.24
N PRO A 40 4.36 -16.47 -8.87
CA PRO A 40 5.46 -17.30 -8.30
C PRO A 40 5.80 -16.94 -6.84
N SER A 41 5.89 -15.66 -6.55
CA SER A 41 6.27 -15.23 -5.23
C SER A 41 5.07 -14.86 -4.38
N GLY A 42 3.91 -14.74 -4.99
CA GLY A 42 2.74 -14.35 -4.26
C GLY A 42 2.75 -12.86 -3.98
N GLN A 43 3.43 -12.11 -4.83
CA GLN A 43 3.57 -10.70 -4.63
C GLN A 43 2.56 -9.95 -5.45
N LEU A 44 1.85 -9.09 -4.81
CA LEU A 44 0.91 -8.24 -5.46
C LEU A 44 1.29 -6.79 -5.22
N ILE A 45 1.60 -6.11 -6.28
CA ILE A 45 1.91 -4.70 -6.20
C ILE A 45 0.64 -3.92 -6.38
N VAL A 46 0.28 -3.18 -5.37
CA VAL A 46 -0.93 -2.42 -5.39
C VAL A 46 -0.60 -0.96 -5.32
N VAL A 47 -1.15 -0.19 -6.20
CA VAL A 47 -0.95 1.21 -6.20
C VAL A 47 -2.20 1.88 -5.71
N VAL A 48 -2.11 2.48 -4.57
CA VAL A 48 -3.21 3.17 -4.01
C VAL A 48 -2.92 4.65 -4.15
N GLU A 49 -3.84 5.35 -4.73
CA GLU A 49 -3.69 6.76 -4.95
C GLU A 49 -4.95 7.48 -4.50
N ALA A 50 -4.79 8.42 -3.57
CA ALA A 50 -5.93 9.08 -2.99
C ALA A 50 -5.67 10.56 -2.74
N GLU A 51 -6.73 11.33 -2.92
CA GLU A 51 -6.79 12.78 -2.74
C GLU A 51 -6.28 13.20 -1.35
N ASP A 52 -6.97 12.73 -0.33
CA ASP A 52 -6.67 13.12 1.03
C ASP A 52 -5.79 12.07 1.67
N SER A 53 -4.90 12.52 2.53
CA SER A 53 -3.95 11.68 3.23
C SER A 53 -4.67 10.54 4.02
N GLU A 54 -5.81 10.85 4.62
CA GLU A 54 -6.51 9.88 5.43
C GLU A 54 -7.23 8.86 4.56
N THR A 55 -7.67 9.31 3.40
CA THR A 55 -8.35 8.44 2.45
C THR A 55 -7.39 7.33 2.00
N LEU A 56 -6.12 7.70 1.86
CA LEU A 56 -5.08 6.75 1.49
C LEU A 56 -4.97 5.68 2.57
N ILE A 57 -4.84 6.14 3.82
CA ILE A 57 -4.70 5.28 5.00
C ILE A 57 -5.86 4.28 5.10
N GLN A 58 -7.07 4.78 4.93
CA GLN A 58 -8.28 3.95 4.99
C GLN A 58 -8.32 2.91 3.87
N THR A 59 -7.89 3.30 2.69
CA THR A 59 -7.91 2.39 1.57
C THR A 59 -6.82 1.29 1.75
N ILE A 60 -5.67 1.67 2.32
CA ILE A 60 -4.59 0.70 2.62
C ILE A 60 -5.07 -0.28 3.70
N GLU A 61 -5.88 0.22 4.63
CA GLU A 61 -6.47 -0.58 5.69
C GLU A 61 -7.31 -1.72 5.09
N SER A 62 -8.10 -1.37 4.08
CA SER A 62 -8.91 -2.33 3.34
C SER A 62 -8.07 -3.43 2.71
N VAL A 63 -6.96 -3.04 2.14
CA VAL A 63 -6.01 -3.94 1.50
C VAL A 63 -5.49 -4.97 2.52
N ARG A 64 -5.23 -4.50 3.73
CA ARG A 64 -4.75 -5.35 4.82
C ARG A 64 -5.85 -6.32 5.27
N ASN A 65 -7.09 -5.92 5.07
CA ASN A 65 -8.25 -6.68 5.52
C ASN A 65 -8.57 -7.86 4.63
N VAL A 66 -7.91 -7.98 3.50
CA VAL A 66 -8.17 -9.10 2.62
C VAL A 66 -7.56 -10.36 3.15
N GLU A 67 -8.37 -11.37 3.30
CA GLU A 67 -7.94 -12.60 3.78
C GLU A 67 -7.13 -13.33 2.77
N GLY A 68 -5.93 -13.52 3.13
CA GLY A 68 -5.00 -14.19 2.30
C GLY A 68 -3.73 -13.39 2.23
N VAL A 69 -3.79 -12.20 2.78
CA VAL A 69 -2.63 -11.34 2.81
C VAL A 69 -1.76 -11.69 4.01
N LEU A 70 -0.47 -11.74 3.80
CA LEU A 70 0.47 -12.12 4.82
C LEU A 70 1.15 -10.88 5.37
N ALA A 71 1.50 -9.98 4.47
CA ALA A 71 2.17 -8.76 4.85
C ALA A 71 1.97 -7.70 3.79
N VAL A 72 1.56 -6.54 4.21
CA VAL A 72 1.43 -5.40 3.31
C VAL A 72 2.56 -4.43 3.61
N SER A 73 3.49 -4.35 2.72
CA SER A 73 4.66 -3.50 2.88
C SER A 73 4.53 -2.26 2.00
N LEU A 74 5.06 -1.16 2.48
CA LEU A 74 5.02 0.10 1.77
C LEU A 74 6.30 0.33 0.98
N VAL A 75 6.14 0.41 -0.33
CA VAL A 75 7.25 0.71 -1.24
C VAL A 75 7.69 2.12 -1.00
N TYR A 76 6.71 2.95 -0.90
CA TYR A 76 6.88 4.29 -0.52
C TYR A 76 5.88 4.54 0.54
N HIS A 77 6.33 4.98 1.65
CA HIS A 77 5.47 5.18 2.77
C HIS A 77 5.11 6.63 2.93
N GLN A 78 4.11 6.85 3.73
CA GLN A 78 3.67 8.17 4.12
C GLN A 78 4.80 8.87 4.88
N GLN A 79 4.83 10.17 4.82
CA GLN A 79 5.84 10.90 5.54
C GLN A 79 5.50 10.92 7.01
N GLU A 80 6.19 10.09 7.73
CA GLU A 80 5.97 9.89 9.14
C GLU A 80 6.95 10.74 9.91
N GLU A 81 6.76 10.84 11.20
CA GLU A 81 7.61 11.66 12.02
C GLU A 81 8.92 10.95 12.27
N GLN A 82 8.81 9.70 12.73
CA GLN A 82 9.95 8.83 13.02
C GLN A 82 10.85 9.42 14.14
N GLY A 83 11.96 8.77 14.39
CA GLY A 83 12.87 9.25 15.38
C GLY A 83 13.95 10.09 14.74
N GLU A 84 15.01 10.35 15.46
CA GLU A 84 16.10 11.14 14.92
C GLU A 84 16.94 10.30 13.97
N GLU A 85 17.13 9.04 14.32
CA GLU A 85 17.90 8.10 13.53
C GLU A 85 17.03 7.53 12.43
N THR A 86 17.63 7.34 11.29
CA THR A 86 16.93 6.77 10.17
C THR A 86 17.75 5.66 9.52
N PRO A 87 17.38 4.40 9.77
CA PRO A 87 18.13 3.26 9.29
C PRO A 87 17.86 2.94 7.82
N ARG A 88 18.68 2.07 7.28
CA ARG A 88 18.50 1.56 5.93
C ARG A 88 17.58 0.35 6.07
N SER A 89 18.09 -0.66 6.70
CA SER A 89 17.30 -1.76 7.19
C SER A 89 17.40 -1.67 8.72
N HIS A 90 18.62 -1.38 9.15
CA HIS A 90 19.04 -1.14 10.51
C HIS A 90 20.54 -0.94 10.36
N HIS A 91 21.32 -1.22 11.38
CA HIS A 91 22.78 -1.20 11.25
C HIS A 91 23.16 -2.36 10.32
N HIS A 92 23.43 -2.01 9.05
CA HIS A 92 23.68 -2.96 7.95
C HIS A 92 22.36 -3.60 7.51
N HIS A 93 22.39 -4.38 6.46
CA HIS A 93 21.16 -5.06 6.02
C HIS A 93 21.22 -6.44 6.63
N HIS A 94 22.17 -7.15 6.13
CA HIS A 94 22.57 -8.47 6.54
C HIS A 94 23.96 -8.62 5.94
N HIS A 95 24.46 -7.47 5.52
CA HIS A 95 25.67 -7.28 4.81
C HIS A 95 25.96 -5.86 5.13
#